data_8DKG
#
_entry.id   8DKG
#
_cell.length_a   110.603
_cell.length_b   179.929
_cell.length_c   88.304
_cell.angle_alpha   90.000
_cell.angle_beta   107.010
_cell.angle_gamma   90.000
#
_symmetry.space_group_name_H-M   'C 1 2 1'
#
loop_
_entity.id
_entity.type
_entity.pdbx_description
1 polymer 'Isoform 3 of Pyrroline-5-carboxylate reductase 1, mitochondrial'
2 non-polymer '1,4-DIHYDRONICOTINAMIDE ADENINE DINUCLEOTIDE'
3 non-polymer 'SULFATE ION'
4 water water
#
_entity_poly.entity_id   1
_entity_poly.type   'polypeptide(L)'
_entity_poly.pdbx_seq_one_letter_code
;MHHHHHHSSGVDLGTENLYFQSMSVGFIGAGQLAFALAKGFTAAGVLAAHKIMASSPDMDLATVSALRKMGVKLTPHNKE
TVQHSDVLFLAVKPHIIPFILDEIGADIEDRHIVVSCAAGVTISSIEKKLSAFRPAPRVIRCMTNTPVVVREGATVYATG
THAQVEDGRLMEQLLSSVGFCTEVEEDLIDAVMGLSGSGPAYAFTALDALADGGVKMGLPRRLAVRLGAQALLGAAKMLL
HSEQHPGQLKDNVSSPGGATIHALHVLESGGFRSLLINAVEASCIRTRELQSMADQEQVSPAAIKKTILDKVKLDSPAGT
AL
;
_entity_poly.pdbx_strand_id   A,B,C,D,E
#
loop_
_chem_comp.id
_chem_comp.type
_chem_comp.name
_chem_comp.formula
NAI non-polymer '1,4-DIHYDRONICOTINAMIDE ADENINE DINUCLEOTIDE' 'C21 H29 N7 O14 P2'
SO4 non-polymer 'SULFATE ION' 'O4 S -2'
#
# COMPACT_ATOMS: atom_id res chain seq x y z
N PHE A 20 7.69 -37.05 11.48
CA PHE A 20 8.45 -38.26 11.80
C PHE A 20 9.56 -38.46 10.80
N GLN A 21 9.66 -37.54 9.85
CA GLN A 21 10.79 -37.54 8.94
C GLN A 21 12.06 -37.08 9.63
N SER A 22 11.94 -36.34 10.75
CA SER A 22 13.08 -35.86 11.52
C SER A 22 14.07 -35.13 10.61
N MET A 23 13.54 -34.24 9.79
CA MET A 23 14.34 -33.48 8.85
C MET A 23 15.14 -32.40 9.57
N SER A 24 16.39 -32.23 9.15
CA SER A 24 17.19 -31.08 9.54
C SER A 24 17.09 -30.03 8.45
N VAL A 25 16.78 -28.80 8.83
CA VAL A 25 16.61 -27.70 7.87
C VAL A 25 17.60 -26.61 8.19
N GLY A 26 18.16 -26.01 7.14
CA GLY A 26 19.08 -24.91 7.29
C GLY A 26 18.62 -23.70 6.51
N PHE A 27 18.89 -22.53 7.07
CA PHE A 27 18.71 -21.25 6.38
C PHE A 27 20.08 -20.57 6.29
N ILE A 28 20.52 -20.30 5.07
CA ILE A 28 21.60 -19.33 4.85
C ILE A 28 20.94 -17.97 4.80
N GLY A 29 21.23 -17.13 5.79
CA GLY A 29 20.49 -15.89 5.96
C GLY A 29 19.49 -16.06 7.09
N ALA A 30 19.41 -15.09 7.99
CA ALA A 30 18.53 -15.17 9.15
C ALA A 30 17.72 -13.88 9.26
N GLY A 31 17.10 -13.49 8.16
CA GLY A 31 16.30 -12.29 8.05
C GLY A 31 14.81 -12.58 8.11
N GLN A 32 14.04 -11.75 7.40
CA GLN A 32 12.59 -11.77 7.54
C GLN A 32 11.98 -13.07 7.01
N LEU A 33 12.48 -13.57 5.87
CA LEU A 33 11.88 -14.78 5.31
C LEU A 33 12.29 -16.00 6.12
N ALA A 34 13.55 -16.08 6.55
CA ALA A 34 13.97 -17.21 7.38
C ALA A 34 13.16 -17.27 8.66
N PHE A 35 12.91 -16.12 9.29
CA PHE A 35 12.10 -16.11 10.49
C PHE A 35 10.66 -16.53 10.18
N ALA A 36 10.10 -15.99 9.10
CA ALA A 36 8.72 -16.30 8.75
C ALA A 36 8.54 -17.79 8.48
N LEU A 37 9.46 -18.39 7.73
CA LEU A 37 9.35 -19.82 7.43
C LEU A 37 9.58 -20.67 8.67
N ALA A 38 10.59 -20.34 9.48
CA ALA A 38 10.83 -21.11 10.70
C ALA A 38 9.63 -21.04 11.62
N LYS A 39 9.08 -19.83 11.82
CA LYS A 39 7.90 -19.70 12.65
C LYS A 39 6.74 -20.52 12.10
N GLY A 40 6.52 -20.46 10.79
CA GLY A 40 5.41 -21.21 10.21
C GLY A 40 5.60 -22.71 10.33
N PHE A 41 6.80 -23.21 9.99
CA PHE A 41 7.07 -24.64 10.06
C PHE A 41 6.91 -25.18 11.48
N THR A 42 7.39 -24.44 12.49
CA THR A 42 7.30 -24.94 13.86
C THR A 42 5.86 -24.87 14.35
N ALA A 43 5.13 -23.82 13.99
CA ALA A 43 3.72 -23.74 14.35
C ALA A 43 2.89 -24.83 13.68
N ALA A 44 3.28 -25.24 12.47
CA ALA A 44 2.59 -26.35 11.82
C ALA A 44 2.92 -27.69 12.46
N GLY A 45 3.97 -27.75 13.28
CA GLY A 45 4.40 -29.02 13.84
C GLY A 45 5.20 -29.91 12.91
N VAL A 46 5.65 -29.42 11.77
CA VAL A 46 6.39 -30.30 10.87
C VAL A 46 7.87 -30.39 11.25
N LEU A 47 8.40 -29.38 11.95
CA LEU A 47 9.81 -29.33 12.33
C LEU A 47 9.90 -28.88 13.78
N ALA A 48 10.83 -29.46 14.52
CA ALA A 48 11.20 -28.90 15.80
C ALA A 48 12.11 -27.71 15.57
N ALA A 49 11.89 -26.63 16.35
CA ALA A 49 12.72 -25.43 16.21
C ALA A 49 14.21 -25.74 16.30
N HIS A 50 14.62 -26.62 17.22
CA HIS A 50 16.04 -26.89 17.38
C HIS A 50 16.60 -27.79 16.28
N LYS A 51 15.77 -28.30 15.39
CA LYS A 51 16.27 -28.96 14.18
C LYS A 51 16.49 -27.97 13.04
N ILE A 52 16.23 -26.68 13.27
CA ILE A 52 16.52 -25.64 12.30
C ILE A 52 17.80 -24.93 12.71
N MET A 53 18.67 -24.69 11.75
CA MET A 53 19.87 -23.89 11.96
C MET A 53 19.87 -22.75 10.94
N ALA A 54 20.22 -21.55 11.40
CA ALA A 54 20.27 -20.39 10.54
C ALA A 54 21.59 -19.69 10.76
N SER A 55 22.13 -19.12 9.69
CA SER A 55 23.41 -18.44 9.77
C SER A 55 23.29 -17.03 9.23
N SER A 56 24.06 -16.13 9.84
CA SER A 56 24.11 -14.75 9.41
C SER A 56 25.42 -14.13 9.87
N PRO A 57 26.06 -13.30 9.06
CA PRO A 57 27.24 -12.56 9.56
C PRO A 57 26.88 -11.44 10.51
N ASP A 58 25.61 -11.04 10.56
CA ASP A 58 25.13 -10.00 11.48
C ASP A 58 24.23 -10.68 12.51
N MET A 59 24.82 -11.05 13.65
CA MET A 59 24.08 -11.72 14.72
C MET A 59 23.42 -10.73 15.67
N ASP A 60 22.85 -9.63 15.15
CA ASP A 60 22.27 -8.59 15.98
C ASP A 60 20.94 -8.10 15.46
N LEU A 61 20.39 -8.71 14.43
CA LEU A 61 19.10 -8.28 13.89
C LEU A 61 17.97 -8.69 14.82
N ALA A 62 16.83 -7.99 14.70
CA ALA A 62 15.63 -8.41 15.41
C ALA A 62 15.23 -9.83 15.00
N THR A 63 15.36 -10.16 13.71
CA THR A 63 15.00 -11.50 13.25
C THR A 63 15.88 -12.55 13.91
N VAL A 64 17.17 -12.26 14.10
CA VAL A 64 18.05 -13.23 14.74
C VAL A 64 17.65 -13.44 16.18
N SER A 65 17.30 -12.36 16.89
CA SER A 65 16.86 -12.49 18.28
C SER A 65 15.56 -13.27 18.39
N ALA A 66 14.66 -13.10 17.42
CA ALA A 66 13.42 -13.85 17.45
C ALA A 66 13.66 -15.32 17.15
N LEU A 67 14.54 -15.63 16.20
CA LEU A 67 14.89 -17.02 15.93
C LEU A 67 15.50 -17.67 17.16
N ARG A 68 16.44 -16.98 17.79
CA ARG A 68 17.06 -17.48 19.02
C ARG A 68 16.01 -17.79 20.09
N LYS A 69 15.06 -16.87 20.30
CA LYS A 69 14.01 -17.09 21.29
C LYS A 69 13.11 -18.27 20.92
N MET A 70 12.90 -18.51 19.62
CA MET A 70 12.15 -19.67 19.16
C MET A 70 12.84 -20.99 19.47
N GLY A 71 14.15 -20.98 19.72
CA GLY A 71 14.90 -22.20 19.85
C GLY A 71 15.65 -22.64 18.60
N VAL A 72 15.67 -21.80 17.56
CA VAL A 72 16.45 -22.11 16.36
C VAL A 72 17.94 -21.99 16.67
N LYS A 73 18.74 -22.90 16.12
CA LYS A 73 20.19 -22.81 16.30
C LYS A 73 20.76 -21.75 15.37
N LEU A 74 21.62 -20.90 15.91
CA LEU A 74 22.21 -19.79 15.17
C LEU A 74 23.72 -19.93 15.15
N THR A 75 24.34 -19.54 14.03
CA THR A 75 25.78 -19.60 13.90
C THR A 75 26.20 -18.53 12.89
N PRO A 76 27.38 -17.93 13.05
CA PRO A 76 27.86 -17.02 12.01
C PRO A 76 28.37 -17.76 10.76
N HIS A 77 28.55 -19.09 10.82
CA HIS A 77 29.32 -19.82 9.81
C HIS A 77 28.40 -20.60 8.87
N ASN A 78 28.37 -20.19 7.59
CA ASN A 78 27.49 -20.82 6.63
C ASN A 78 27.81 -22.30 6.44
N LYS A 79 29.08 -22.68 6.60
CA LYS A 79 29.43 -24.09 6.46
C LYS A 79 28.75 -24.94 7.53
N GLU A 80 28.59 -24.41 8.74
CA GLU A 80 27.93 -25.19 9.77
C GLU A 80 26.47 -25.43 9.42
N THR A 81 25.77 -24.41 8.92
CA THR A 81 24.41 -24.60 8.44
C THR A 81 24.35 -25.68 7.36
N VAL A 82 25.26 -25.62 6.38
CA VAL A 82 25.28 -26.64 5.32
C VAL A 82 25.43 -28.03 5.93
N GLN A 83 26.40 -28.20 6.83
CA GLN A 83 26.68 -29.53 7.35
C GLN A 83 25.53 -30.06 8.19
N HIS A 84 24.81 -29.16 8.85
CA HIS A 84 23.65 -29.54 9.65
C HIS A 84 22.48 -29.99 8.78
N SER A 85 22.28 -29.34 7.65
CA SER A 85 21.00 -29.42 6.96
CA SER A 85 21.02 -29.39 6.93
C SER A 85 20.90 -30.64 6.05
N ASP A 86 19.66 -31.07 5.84
CA ASP A 86 19.23 -31.96 4.76
C ASP A 86 18.57 -31.15 3.65
N VAL A 87 17.65 -30.27 4.00
CA VAL A 87 17.07 -29.27 3.10
C VAL A 87 17.69 -27.93 3.46
N LEU A 88 18.31 -27.26 2.50
CA LEU A 88 19.04 -26.01 2.73
C LEU A 88 18.35 -24.88 1.98
N PHE A 89 17.75 -23.94 2.70
CA PHE A 89 17.13 -22.76 2.09
C PHE A 89 18.17 -21.67 1.93
N LEU A 90 18.23 -21.07 0.74
CA LEU A 90 19.03 -19.87 0.49
C LEU A 90 18.08 -18.68 0.67
N ALA A 91 18.19 -18.01 1.80
CA ALA A 91 17.30 -16.88 2.10
C ALA A 91 18.11 -15.60 2.26
N VAL A 92 18.97 -15.31 1.29
CA VAL A 92 19.72 -14.07 1.26
C VAL A 92 19.28 -13.26 0.06
N LYS A 93 19.69 -11.99 0.02
CA LYS A 93 19.39 -11.13 -1.12
C LYS A 93 19.95 -11.73 -2.40
N PRO A 94 19.32 -11.43 -3.55
CA PRO A 94 19.74 -12.06 -4.82
C PRO A 94 21.19 -11.82 -5.18
N HIS A 95 21.73 -10.62 -4.94
CA HIS A 95 23.11 -10.37 -5.30
C HIS A 95 24.10 -11.11 -4.39
N ILE A 96 23.64 -11.64 -3.26
CA ILE A 96 24.53 -12.38 -2.38
C ILE A 96 24.65 -13.85 -2.81
N ILE A 97 23.72 -14.36 -3.63
CA ILE A 97 23.67 -15.80 -3.91
C ILE A 97 24.97 -16.30 -4.52
N PRO A 98 25.53 -15.68 -5.57
CA PRO A 98 26.82 -16.19 -6.10
C PRO A 98 27.98 -16.17 -5.10
N PHE A 99 28.05 -15.16 -4.22
CA PHE A 99 29.07 -15.22 -3.18
C PHE A 99 28.86 -16.45 -2.30
N ILE A 100 27.60 -16.73 -1.93
CA ILE A 100 27.30 -17.86 -1.06
C ILE A 100 27.69 -19.18 -1.74
N LEU A 101 27.28 -19.36 -3.00
CA LEU A 101 27.54 -20.61 -3.68
C LEU A 101 29.04 -20.84 -3.85
N ASP A 102 29.83 -19.78 -4.06
CA ASP A 102 31.29 -19.93 -4.09
C ASP A 102 31.81 -20.40 -2.74
N GLU A 103 31.23 -19.87 -1.66
CA GLU A 103 31.75 -20.14 -0.32
C GLU A 103 31.43 -21.57 0.13
N ILE A 104 30.20 -22.03 -0.08
CA ILE A 104 29.76 -23.32 0.45
C ILE A 104 29.60 -24.39 -0.63
N GLY A 105 29.91 -24.06 -1.89
CA GLY A 105 29.68 -25.03 -2.95
C GLY A 105 30.43 -26.33 -2.75
N ALA A 106 31.66 -26.25 -2.22
CA ALA A 106 32.42 -27.45 -1.92
C ALA A 106 31.81 -28.26 -0.79
N ASP A 107 30.88 -27.70 -0.01
CA ASP A 107 30.28 -28.41 1.10
C ASP A 107 28.92 -29.00 0.78
N ILE A 108 28.34 -28.69 -0.38
CA ILE A 108 27.08 -29.31 -0.76
C ILE A 108 27.34 -30.78 -1.04
N GLU A 109 26.51 -31.66 -0.48
CA GLU A 109 26.67 -33.09 -0.64
C GLU A 109 25.53 -33.65 -1.49
N ASP A 110 25.72 -34.90 -1.90
CA ASP A 110 24.69 -35.58 -2.70
C ASP A 110 23.36 -35.66 -1.95
N ARG A 111 23.38 -35.75 -0.62
CA ARG A 111 22.15 -35.83 0.16
C ARG A 111 21.36 -34.51 0.21
N HIS A 112 21.96 -33.39 -0.15
CA HIS A 112 21.30 -32.09 0.01
C HIS A 112 20.24 -31.82 -1.04
N ILE A 113 19.16 -31.16 -0.62
CA ILE A 113 18.27 -30.43 -1.50
C ILE A 113 18.48 -28.94 -1.24
N VAL A 114 18.87 -28.20 -2.28
CA VAL A 114 19.15 -26.78 -2.17
C VAL A 114 17.92 -26.04 -2.68
N VAL A 115 17.29 -25.25 -1.81
CA VAL A 115 16.07 -24.52 -2.15
C VAL A 115 16.42 -23.04 -2.16
N SER A 116 16.43 -22.42 -3.33
CA SER A 116 16.69 -20.99 -3.41
C SER A 116 15.38 -20.23 -3.31
N CYS A 117 15.31 -19.29 -2.36
CA CYS A 117 14.15 -18.40 -2.23
C CYS A 117 14.37 -17.06 -2.89
N ALA A 118 15.58 -16.78 -3.36
CA ALA A 118 15.95 -15.47 -3.84
C ALA A 118 15.13 -15.07 -5.06
N ALA A 119 14.61 -13.86 -5.03
CA ALA A 119 13.96 -13.28 -6.19
C ALA A 119 14.93 -13.21 -7.37
N GLY A 120 14.52 -13.74 -8.51
CA GLY A 120 15.20 -13.53 -9.75
C GLY A 120 16.35 -14.48 -10.06
N VAL A 121 16.87 -15.21 -9.09
CA VAL A 121 18.04 -16.06 -9.33
C VAL A 121 17.59 -17.36 -9.96
N THR A 122 18.14 -17.68 -11.14
CA THR A 122 17.68 -18.83 -11.91
C THR A 122 18.31 -20.14 -11.45
N ILE A 123 17.55 -21.23 -11.65
CA ILE A 123 18.09 -22.57 -11.41
C ILE A 123 19.36 -22.78 -12.23
N SER A 124 19.38 -22.30 -13.47
CA SER A 124 20.54 -22.49 -14.33
C SER A 124 21.81 -21.93 -13.70
N SER A 125 21.72 -20.72 -13.15
CA SER A 125 22.92 -20.10 -12.59
C SER A 125 23.36 -20.78 -11.30
N ILE A 126 22.42 -21.31 -10.51
CA ILE A 126 22.77 -22.03 -9.28
C ILE A 126 23.44 -23.35 -9.62
N GLU A 127 22.86 -24.11 -10.54
CA GLU A 127 23.43 -25.41 -10.90
C GLU A 127 24.80 -25.23 -11.54
N LYS A 128 25.00 -24.16 -12.31
CA LYS A 128 26.31 -23.91 -12.91
C LYS A 128 27.39 -23.77 -11.84
N LYS A 129 27.13 -22.93 -10.83
CA LYS A 129 28.07 -22.79 -9.71
C LYS A 129 28.31 -24.12 -9.01
N LEU A 130 27.23 -24.81 -8.60
CA LEU A 130 27.40 -25.99 -7.76
C LEU A 130 27.93 -27.18 -8.54
N SER A 131 27.64 -27.26 -9.84
CA SER A 131 28.14 -28.38 -10.65
C SER A 131 29.66 -28.37 -10.76
N ALA A 132 30.30 -27.23 -10.54
CA ALA A 132 31.76 -27.21 -10.52
C ALA A 132 32.33 -28.03 -9.38
N PHE A 133 31.53 -28.30 -8.34
CA PHE A 133 32.00 -29.10 -7.21
C PHE A 133 31.46 -30.52 -7.28
N ARG A 134 30.21 -30.72 -6.90
CA ARG A 134 29.70 -32.05 -7.15
C ARG A 134 28.82 -32.04 -8.39
N PRO A 135 28.83 -33.06 -9.23
CA PRO A 135 27.85 -33.12 -10.30
C PRO A 135 26.48 -33.37 -9.72
N ALA A 136 25.47 -33.16 -10.53
CA ALA A 136 24.09 -33.41 -10.10
C ALA A 136 23.63 -32.75 -8.78
N PRO A 137 23.93 -31.48 -8.50
CA PRO A 137 23.29 -30.83 -7.32
C PRO A 137 21.78 -30.80 -7.49
N ARG A 138 21.08 -31.10 -6.39
CA ARG A 138 19.61 -31.13 -6.38
C ARG A 138 19.10 -29.76 -5.98
N VAL A 139 18.49 -29.05 -6.93
CA VAL A 139 18.14 -27.64 -6.76
C VAL A 139 16.65 -27.46 -7.03
N ILE A 140 16.01 -26.67 -6.18
CA ILE A 140 14.62 -26.33 -6.34
C ILE A 140 14.53 -24.84 -6.12
N ARG A 141 13.71 -24.18 -6.92
CA ARG A 141 13.50 -22.75 -6.75
C ARG A 141 12.09 -22.54 -6.21
N CYS A 142 11.96 -21.74 -5.17
CA CYS A 142 10.65 -21.49 -4.60
C CYS A 142 10.43 -19.98 -4.49
N MET A 143 9.15 -19.59 -4.54
CA MET A 143 8.74 -18.21 -4.34
C MET A 143 7.60 -18.26 -3.33
N THR A 144 7.78 -17.62 -2.18
CA THR A 144 6.82 -17.72 -1.10
C THR A 144 6.57 -16.31 -0.58
N ASN A 145 5.95 -16.15 0.59
CA ASN A 145 5.73 -14.79 1.09
C ASN A 145 5.61 -14.83 2.61
N THR A 146 5.63 -13.65 3.22
CA THR A 146 5.72 -13.63 4.68
C THR A 146 4.51 -14.23 5.39
N PRO A 147 3.28 -14.26 4.83
CA PRO A 147 2.17 -14.89 5.56
C PRO A 147 2.31 -16.40 5.83
N VAL A 148 3.41 -17.06 5.39
CA VAL A 148 3.67 -18.37 5.95
C VAL A 148 3.77 -18.31 7.48
N VAL A 149 4.09 -17.14 8.03
CA VAL A 149 4.22 -16.97 9.46
C VAL A 149 2.91 -17.26 10.18
N VAL A 150 1.76 -17.04 9.53
CA VAL A 150 0.46 -17.44 10.05
C VAL A 150 -0.12 -18.63 9.26
N ARG A 151 0.76 -19.38 8.57
CA ARG A 151 0.39 -20.57 7.81
C ARG A 151 -0.67 -20.28 6.74
N GLU A 152 -0.60 -19.10 6.13
CA GLU A 152 -1.46 -18.73 5.01
C GLU A 152 -0.62 -18.21 3.87
N GLY A 153 0.55 -18.82 3.68
CA GLY A 153 1.43 -18.41 2.62
C GLY A 153 0.88 -18.75 1.24
N ALA A 154 1.51 -18.14 0.25
CA ALA A 154 1.26 -18.43 -1.16
C ALA A 154 2.62 -18.78 -1.76
N THR A 155 2.78 -20.04 -2.16
CA THR A 155 4.09 -20.57 -2.54
C THR A 155 3.99 -21.29 -3.87
N VAL A 156 4.99 -21.08 -4.74
CA VAL A 156 5.19 -21.93 -5.91
C VAL A 156 6.63 -22.42 -5.89
N TYR A 157 6.88 -23.52 -6.59
CA TYR A 157 8.24 -24.03 -6.70
C TYR A 157 8.44 -24.62 -8.09
N ALA A 158 9.71 -24.63 -8.54
CA ALA A 158 10.09 -25.29 -9.79
C ALA A 158 11.31 -26.17 -9.51
N THR A 159 11.32 -27.36 -10.11
CA THR A 159 12.38 -28.32 -9.82
C THR A 159 13.49 -28.21 -10.86
N GLY A 160 14.74 -28.43 -10.40
CA GLY A 160 15.89 -28.31 -11.25
C GLY A 160 16.19 -29.59 -12.01
N THR A 161 17.30 -29.55 -12.76
CA THR A 161 17.71 -30.65 -13.62
C THR A 161 17.84 -31.97 -12.86
N HIS A 162 18.44 -31.95 -11.67
CA HIS A 162 18.76 -33.19 -10.95
C HIS A 162 17.86 -33.44 -9.74
N ALA A 163 16.85 -32.60 -9.50
CA ALA A 163 15.90 -32.87 -8.43
C ALA A 163 15.09 -34.12 -8.75
N GLN A 164 14.99 -35.04 -7.80
CA GLN A 164 14.20 -36.24 -7.99
C GLN A 164 12.71 -35.92 -7.87
N VAL A 165 11.88 -36.82 -8.42
CA VAL A 165 10.43 -36.63 -8.28
C VAL A 165 10.05 -36.62 -6.81
N GLU A 166 10.72 -37.43 -6.00
CA GLU A 166 10.49 -37.38 -4.56
C GLU A 166 10.91 -36.03 -3.95
N ASP A 167 11.90 -35.35 -4.53
CA ASP A 167 12.32 -34.06 -3.99
C ASP A 167 11.22 -33.01 -4.16
N GLY A 168 10.54 -33.01 -5.31
CA GLY A 168 9.45 -32.07 -5.52
C GLY A 168 8.26 -32.38 -4.62
N ARG A 169 7.94 -33.66 -4.45
CA ARG A 169 6.86 -34.07 -3.56
C ARG A 169 7.14 -33.66 -2.12
N LEU A 170 8.39 -33.85 -1.67
CA LEU A 170 8.76 -33.45 -0.32
C LEU A 170 8.61 -31.95 -0.13
N MET A 171 9.08 -31.17 -1.11
CA MET A 171 8.96 -29.71 -1.05
CA MET A 171 8.96 -29.72 -0.95
C MET A 171 7.51 -29.28 -1.00
N GLU A 172 6.68 -29.88 -1.84
CA GLU A 172 5.26 -29.54 -1.82
C GLU A 172 4.64 -29.88 -0.47
N GLN A 173 4.97 -31.05 0.10
CA GLN A 173 4.46 -31.43 1.42
C GLN A 173 4.87 -30.42 2.47
N LEU A 174 6.16 -30.05 2.48
CA LEU A 174 6.66 -29.11 3.47
C LEU A 174 6.02 -27.74 3.31
N LEU A 175 6.00 -27.20 2.09
CA LEU A 175 5.50 -25.84 1.93
C LEU A 175 3.98 -25.80 2.03
N SER A 176 3.29 -26.89 1.72
CA SER A 176 1.84 -26.95 1.92
C SER A 176 1.45 -26.85 3.39
N SER A 177 2.38 -27.11 4.32
CA SER A 177 2.04 -27.03 5.73
C SER A 177 1.90 -25.58 6.20
N VAL A 178 2.35 -24.60 5.41
CA VAL A 178 2.26 -23.21 5.82
C VAL A 178 1.46 -22.37 4.82
N GLY A 179 0.69 -23.00 3.95
CA GLY A 179 -0.16 -22.26 3.04
C GLY A 179 -0.38 -23.03 1.75
N PHE A 180 -0.83 -22.29 0.74
CA PHE A 180 -1.02 -22.83 -0.59
C PHE A 180 0.34 -23.09 -1.25
N CYS A 181 0.43 -24.20 -1.99
CA CYS A 181 1.68 -24.56 -2.66
C CYS A 181 1.36 -25.32 -3.93
N THR A 182 2.02 -24.95 -5.03
CA THR A 182 1.85 -25.69 -6.28
C THR A 182 3.12 -25.58 -7.11
N GLU A 183 3.36 -26.60 -7.93
CA GLU A 183 4.50 -26.60 -8.84
C GLU A 183 4.19 -25.74 -10.07
N VAL A 184 5.20 -25.00 -10.55
CA VAL A 184 5.14 -24.22 -11.78
C VAL A 184 6.39 -24.48 -12.61
N GLU A 185 6.30 -24.17 -13.90
CA GLU A 185 7.50 -23.99 -14.71
C GLU A 185 8.28 -22.76 -14.20
N GLU A 186 9.61 -22.83 -14.29
CA GLU A 186 10.44 -21.78 -13.71
C GLU A 186 10.15 -20.41 -14.33
N ASP A 187 9.77 -20.36 -15.61
CA ASP A 187 9.61 -19.01 -16.18
C ASP A 187 8.40 -18.27 -15.63
N LEU A 188 7.57 -18.87 -14.78
CA LEU A 188 6.51 -18.11 -14.12
C LEU A 188 6.96 -17.47 -12.81
N ILE A 189 8.14 -17.82 -12.27
CA ILE A 189 8.43 -17.52 -10.88
C ILE A 189 8.57 -16.01 -10.64
N ASP A 190 9.21 -15.29 -11.59
CA ASP A 190 9.35 -13.84 -11.39
C ASP A 190 8.01 -13.13 -11.45
N ALA A 191 7.08 -13.62 -12.27
CA ALA A 191 5.74 -13.04 -12.25
C ALA A 191 5.01 -13.34 -10.93
N VAL A 192 5.20 -14.55 -10.37
CA VAL A 192 4.60 -14.84 -9.07
C VAL A 192 5.13 -13.88 -8.02
N MET A 193 6.44 -13.61 -8.05
CA MET A 193 7.03 -12.66 -7.11
C MET A 193 6.32 -11.31 -7.16
N GLY A 194 6.04 -10.81 -8.37
CA GLY A 194 5.37 -9.52 -8.49
C GLY A 194 3.96 -9.52 -7.94
N LEU A 195 3.29 -10.67 -7.93
CA LEU A 195 1.91 -10.79 -7.47
C LEU A 195 1.82 -11.19 -6.00
N SER A 196 2.20 -12.43 -5.66
CA SER A 196 2.05 -12.87 -4.28
C SER A 196 3.30 -12.67 -3.42
N GLY A 197 4.50 -12.58 -3.99
CA GLY A 197 5.66 -12.29 -3.16
C GLY A 197 5.65 -10.86 -2.62
N SER A 198 5.43 -9.89 -3.51
CA SER A 198 5.26 -8.49 -3.13
C SER A 198 3.85 -8.17 -2.66
N GLY A 199 2.88 -9.05 -2.96
CA GLY A 199 1.49 -8.78 -2.65
C GLY A 199 1.13 -8.39 -1.23
N PRO A 200 1.69 -9.04 -0.20
CA PRO A 200 1.39 -8.61 1.17
C PRO A 200 1.68 -7.12 1.41
N ALA A 201 2.74 -6.58 0.80
CA ALA A 201 3.05 -5.16 0.93
C ALA A 201 1.94 -4.29 0.33
N TYR A 202 1.38 -4.72 -0.80
CA TYR A 202 0.24 -3.98 -1.40
C TYR A 202 -0.96 -4.00 -0.45
N ALA A 203 -1.22 -5.15 0.18
CA ALA A 203 -2.33 -5.27 1.12
C ALA A 203 -2.11 -4.45 2.38
N PHE A 204 -0.88 -4.46 2.92
CA PHE A 204 -0.62 -3.67 4.12
C PHE A 204 -0.82 -2.18 3.85
N THR A 205 -0.38 -1.71 2.66
CA THR A 205 -0.64 -0.34 2.22
C THR A 205 -2.14 -0.07 2.13
N ALA A 206 -2.88 -0.97 1.48
CA ALA A 206 -4.33 -0.78 1.36
C ALA A 206 -5.02 -0.79 2.72
N LEU A 207 -4.58 -1.66 3.63
CA LEU A 207 -5.22 -1.73 4.95
C LEU A 207 -4.96 -0.48 5.76
N ASP A 208 -3.74 0.06 5.69
CA ASP A 208 -3.42 1.32 6.34
C ASP A 208 -4.32 2.45 5.82
N ALA A 209 -4.52 2.50 4.51
CA ALA A 209 -5.30 3.58 3.89
C ALA A 209 -6.79 3.43 4.17
N LEU A 210 -7.31 2.20 4.11
CA LEU A 210 -8.71 1.95 4.48
C LEU A 210 -8.98 2.36 5.94
N ALA A 211 -8.06 2.01 6.85
CA ALA A 211 -8.18 2.46 8.24
C ALA A 211 -8.18 3.99 8.35
N ASP A 212 -7.29 4.66 7.59
CA ASP A 212 -7.33 6.13 7.56
C ASP A 212 -8.70 6.63 7.12
N GLY A 213 -9.28 5.97 6.11
CA GLY A 213 -10.61 6.37 5.66
C GLY A 213 -11.66 6.16 6.73
N GLY A 214 -11.58 5.04 7.45
CA GLY A 214 -12.49 4.82 8.57
C GLY A 214 -12.36 5.89 9.64
N VAL A 215 -11.12 6.24 9.99
CA VAL A 215 -10.87 7.30 10.96
C VAL A 215 -11.41 8.64 10.45
N LYS A 216 -11.19 8.95 9.16
CA LYS A 216 -11.68 10.22 8.62
C LYS A 216 -13.20 10.35 8.82
N MET A 217 -13.91 9.25 8.68
CA MET A 217 -15.37 9.24 8.82
C MET A 217 -15.84 9.00 10.26
N GLY A 218 -14.93 8.97 11.24
CA GLY A 218 -15.32 9.00 12.64
C GLY A 218 -15.06 7.73 13.45
N LEU A 219 -14.46 6.68 12.86
CA LEU A 219 -14.16 5.45 13.62
C LEU A 219 -12.86 5.59 14.41
N PRO A 220 -12.80 5.03 15.62
CA PRO A 220 -11.51 4.87 16.31
C PRO A 220 -10.56 4.03 15.47
N ARG A 221 -9.28 4.37 15.54
CA ARG A 221 -8.28 3.70 14.71
CA ARG A 221 -8.27 3.70 14.72
C ARG A 221 -8.25 2.20 14.97
N ARG A 222 -8.25 1.78 16.24
CA ARG A 222 -8.20 0.35 16.55
C ARG A 222 -9.34 -0.42 15.88
N LEU A 223 -10.57 0.10 15.98
CA LEU A 223 -11.70 -0.54 15.30
C LEU A 223 -11.57 -0.47 13.78
N ALA A 224 -11.08 0.65 13.22
CA ALA A 224 -11.00 0.75 11.77
C ALA A 224 -10.00 -0.24 11.20
N VAL A 225 -8.87 -0.42 11.89
CA VAL A 225 -7.87 -1.41 11.46
C VAL A 225 -8.48 -2.81 11.47
N ARG A 226 -9.18 -3.15 12.56
CA ARG A 226 -9.76 -4.49 12.72
C ARG A 226 -10.82 -4.76 11.67
N LEU A 227 -11.74 -3.81 11.46
CA LEU A 227 -12.80 -4.02 10.46
C LEU A 227 -12.24 -4.10 9.05
N GLY A 228 -11.26 -3.25 8.73
CA GLY A 228 -10.69 -3.28 7.39
C GLY A 228 -9.99 -4.59 7.08
N ALA A 229 -9.19 -5.08 8.03
CA ALA A 229 -8.50 -6.37 7.83
C ALA A 229 -9.49 -7.53 7.75
N GLN A 230 -10.52 -7.53 8.60
CA GLN A 230 -11.54 -8.58 8.56
C GLN A 230 -12.28 -8.56 7.24
N ALA A 231 -12.58 -7.36 6.72
CA ALA A 231 -13.23 -7.22 5.41
C ALA A 231 -12.38 -7.85 4.31
N LEU A 232 -11.08 -7.54 4.30
CA LEU A 232 -10.22 -8.07 3.25
C LEU A 232 -10.05 -9.59 3.40
N LEU A 233 -9.87 -10.07 4.62
CA LEU A 233 -9.75 -11.52 4.84
C LEU A 233 -11.00 -12.24 4.37
N GLY A 234 -12.18 -11.74 4.78
CA GLY A 234 -13.41 -12.41 4.41
C GLY A 234 -13.66 -12.39 2.91
N ALA A 235 -13.36 -11.28 2.24
CA ALA A 235 -13.56 -11.21 0.81
C ALA A 235 -12.63 -12.16 0.07
N ALA A 236 -11.38 -12.24 0.52
CA ALA A 236 -10.43 -13.14 -0.11
C ALA A 236 -10.89 -14.58 0.06
N LYS A 237 -11.32 -14.94 1.27
CA LYS A 237 -11.82 -16.29 1.52
C LYS A 237 -13.05 -16.58 0.68
N MET A 238 -13.98 -15.63 0.57
CA MET A 238 -15.13 -15.81 -0.32
C MET A 238 -14.68 -16.20 -1.74
N LEU A 239 -13.72 -15.45 -2.29
CA LEU A 239 -13.28 -15.71 -3.66
C LEU A 239 -12.61 -17.08 -3.78
N LEU A 240 -11.79 -17.46 -2.80
CA LEU A 240 -11.17 -18.79 -2.82
C LEU A 240 -12.19 -19.91 -2.73
N HIS A 241 -13.28 -19.71 -2.00
CA HIS A 241 -14.29 -20.74 -1.83
C HIS A 241 -15.38 -20.70 -2.89
N SER A 242 -15.37 -19.72 -3.78
CA SER A 242 -16.39 -19.58 -4.81
C SER A 242 -15.82 -19.84 -6.20
N GLU A 243 -16.66 -20.36 -7.09
CA GLU A 243 -16.32 -20.46 -8.49
C GLU A 243 -16.79 -19.23 -9.29
N GLN A 244 -17.16 -18.15 -8.63
CA GLN A 244 -17.64 -16.96 -9.31
C GLN A 244 -16.49 -16.03 -9.65
N HIS A 245 -16.65 -15.33 -10.77
CA HIS A 245 -15.68 -14.29 -11.12
C HIS A 245 -15.71 -13.20 -10.05
N PRO A 246 -14.56 -12.60 -9.71
CA PRO A 246 -14.56 -11.48 -8.76
C PRO A 246 -15.51 -10.35 -9.16
N GLY A 247 -15.77 -10.14 -10.46
CA GLY A 247 -16.76 -9.13 -10.85
C GLY A 247 -18.18 -9.49 -10.42
N GLN A 248 -18.50 -10.80 -10.43
CA GLN A 248 -19.83 -11.21 -9.99
C GLN A 248 -19.96 -11.10 -8.48
N LEU A 249 -18.91 -11.42 -7.72
CA LEU A 249 -18.97 -11.20 -6.28
C LEU A 249 -19.16 -9.72 -5.99
N LYS A 250 -18.44 -8.86 -6.71
CA LYS A 250 -18.61 -7.41 -6.58
C LYS A 250 -20.05 -6.98 -6.87
N ASP A 251 -20.65 -7.52 -7.94
CA ASP A 251 -22.04 -7.19 -8.25
C ASP A 251 -23.00 -7.52 -7.12
N ASN A 252 -22.72 -8.58 -6.34
CA ASN A 252 -23.62 -8.98 -5.26
C ASN A 252 -23.57 -8.02 -4.08
N VAL A 253 -22.47 -7.30 -3.92
CA VAL A 253 -22.38 -6.26 -2.90
C VAL A 253 -22.95 -4.93 -3.37
N SER A 254 -23.12 -4.72 -4.68
CA SER A 254 -23.41 -3.40 -5.24
C SER A 254 -24.90 -3.24 -5.54
N SER A 255 -25.69 -2.75 -4.54
CA SER A 255 -27.09 -2.50 -4.87
C SER A 255 -27.26 -1.23 -5.72
N PRO A 256 -28.27 -1.19 -6.57
CA PRO A 256 -28.50 -0.01 -7.42
C PRO A 256 -28.66 1.28 -6.64
N GLY A 257 -27.94 2.32 -7.07
CA GLY A 257 -27.96 3.63 -6.44
C GLY A 257 -27.32 3.70 -5.07
N GLY A 258 -26.77 2.59 -4.56
CA GLY A 258 -26.36 2.49 -3.18
C GLY A 258 -24.95 3.00 -2.88
N ALA A 259 -24.57 2.81 -1.62
CA ALA A 259 -23.30 3.33 -1.12
C ALA A 259 -22.12 2.66 -1.81
N THR A 260 -22.20 1.36 -2.01
CA THR A 260 -21.03 0.64 -2.51
C THR A 260 -20.70 1.05 -3.96
N ILE A 261 -21.70 1.11 -4.83
CA ILE A 261 -21.43 1.47 -6.22
C ILE A 261 -20.94 2.91 -6.34
N HIS A 262 -21.38 3.81 -5.46
CA HIS A 262 -20.80 5.14 -5.42
C HIS A 262 -19.31 5.10 -5.06
N ALA A 263 -18.94 4.27 -4.07
CA ALA A 263 -17.53 4.15 -3.71
C ALA A 263 -16.72 3.50 -4.83
N LEU A 264 -17.30 2.50 -5.52
CA LEU A 264 -16.57 1.88 -6.64
C LEU A 264 -16.29 2.89 -7.74
N HIS A 265 -17.19 3.85 -7.96
CA HIS A 265 -16.94 4.84 -9.02
C HIS A 265 -15.71 5.68 -8.71
N VAL A 266 -15.55 6.13 -7.46
CA VAL A 266 -14.39 6.98 -7.17
C VAL A 266 -13.10 6.18 -7.28
N LEU A 267 -13.12 4.88 -6.96
CA LEU A 267 -11.95 4.04 -7.25
C LEU A 267 -11.64 4.02 -8.74
N GLU A 268 -12.66 3.77 -9.58
CA GLU A 268 -12.45 3.77 -11.03
C GLU A 268 -11.93 5.10 -11.53
N SER A 269 -12.41 6.23 -10.97
CA SER A 269 -12.01 7.53 -11.49
C SER A 269 -10.53 7.81 -11.25
N GLY A 270 -9.95 7.22 -10.22
CA GLY A 270 -8.52 7.35 -9.96
C GLY A 270 -7.67 6.30 -10.65
N GLY A 271 -8.25 5.43 -11.46
CA GLY A 271 -7.47 4.38 -12.11
C GLY A 271 -6.93 3.36 -11.13
N PHE A 272 -7.69 3.04 -10.07
CA PHE A 272 -7.33 2.07 -9.03
C PHE A 272 -6.82 0.76 -9.62
N ARG A 273 -7.57 0.19 -10.58
CA ARG A 273 -7.16 -1.07 -11.20
C ARG A 273 -5.78 -0.96 -11.82
N SER A 274 -5.54 0.12 -12.56
CA SER A 274 -4.26 0.27 -13.24
C SER A 274 -3.10 0.44 -12.26
N LEU A 275 -3.33 1.00 -11.09
CA LEU A 275 -2.23 1.10 -10.12
C LEU A 275 -1.77 -0.28 -9.67
N LEU A 276 -2.70 -1.21 -9.48
CA LEU A 276 -2.32 -2.54 -9.03
C LEU A 276 -1.65 -3.32 -10.17
N ILE A 277 -2.12 -3.15 -11.40
CA ILE A 277 -1.43 -3.74 -12.54
C ILE A 277 -0.02 -3.16 -12.66
N ASN A 278 0.10 -1.82 -12.55
CA ASN A 278 1.41 -1.17 -12.57
C ASN A 278 2.36 -1.77 -11.53
N ALA A 279 1.84 -2.03 -10.31
CA ALA A 279 2.68 -2.53 -9.22
C ALA A 279 3.22 -3.94 -9.52
N VAL A 280 2.34 -4.87 -9.91
CA VAL A 280 2.80 -6.21 -10.29
C VAL A 280 3.88 -6.13 -11.36
N GLU A 281 3.65 -5.29 -12.38
CA GLU A 281 4.60 -5.14 -13.48
C GLU A 281 5.91 -4.54 -12.99
N ALA A 282 5.85 -3.54 -12.11
CA ALA A 282 7.07 -2.88 -11.64
C ALA A 282 7.92 -3.81 -10.81
N SER A 283 7.30 -4.62 -9.95
CA SER A 283 8.01 -5.63 -9.19
C SER A 283 8.70 -6.63 -10.13
N CYS A 284 7.96 -7.14 -11.11
CA CYS A 284 8.54 -8.10 -12.05
CA CYS A 284 8.54 -8.10 -12.06
C CYS A 284 9.67 -7.49 -12.87
N ILE A 285 9.50 -6.25 -13.36
CA ILE A 285 10.54 -5.60 -14.15
C ILE A 285 11.81 -5.41 -13.32
N ARG A 286 11.66 -4.95 -12.07
CA ARG A 286 12.82 -4.73 -11.22
C ARG A 286 13.58 -6.03 -10.99
N THR A 287 12.86 -7.11 -10.73
CA THR A 287 13.48 -8.43 -10.57
C THR A 287 14.30 -8.80 -11.80
N ARG A 288 13.73 -8.57 -13.00
CA ARG A 288 14.44 -8.89 -14.23
C ARG A 288 15.65 -7.99 -14.43
N GLU A 289 15.53 -6.71 -14.09
CA GLU A 289 16.67 -5.83 -14.32
C GLU A 289 17.78 -6.08 -13.30
N LEU A 290 17.44 -6.53 -12.09
CA LEU A 290 18.47 -6.97 -11.16
C LEU A 290 19.19 -8.20 -11.71
N GLN A 291 18.45 -9.16 -12.27
CA GLN A 291 19.11 -10.36 -12.79
C GLN A 291 19.98 -10.04 -14.00
N SER A 292 19.58 -9.08 -14.82
CA SER A 292 20.43 -8.66 -15.94
C SER A 292 21.70 -7.98 -15.45
N MET A 293 21.68 -7.39 -14.26
CA MET A 293 22.90 -6.83 -13.66
C MET A 293 23.83 -7.95 -13.22
N ALA A 294 23.32 -8.86 -12.38
CA ALA A 294 24.13 -9.98 -11.89
C ALA A 294 24.71 -10.77 -13.05
N ASP A 295 23.93 -10.97 -14.11
CA ASP A 295 24.42 -11.61 -15.33
C ASP A 295 25.05 -10.58 -16.26
N ASN B 17 -19.52 -25.03 20.77
CA ASN B 17 -20.65 -25.86 21.18
C ASN B 17 -21.92 -25.03 21.42
N LEU B 18 -22.08 -23.98 20.62
CA LEU B 18 -23.21 -23.06 20.72
C LEU B 18 -24.38 -23.57 19.89
N TYR B 19 -25.59 -23.44 20.44
CA TYR B 19 -26.80 -23.78 19.69
C TYR B 19 -28.00 -23.14 20.36
N PHE B 20 -28.86 -22.48 19.58
CA PHE B 20 -30.01 -21.75 20.08
C PHE B 20 -31.25 -22.64 19.91
N GLN B 21 -31.52 -23.46 20.92
CA GLN B 21 -32.54 -24.51 20.78
C GLN B 21 -33.95 -23.94 20.71
N SER B 22 -34.23 -22.82 21.39
CA SER B 22 -35.57 -22.26 21.43
C SER B 22 -35.73 -21.01 20.56
N MET B 23 -34.82 -20.79 19.61
CA MET B 23 -34.81 -19.58 18.80
C MET B 23 -35.30 -19.91 17.39
N SER B 24 -36.34 -19.20 16.94
CA SER B 24 -36.78 -19.25 15.56
C SER B 24 -36.35 -17.96 14.87
N VAL B 25 -35.59 -18.07 13.79
CA VAL B 25 -35.09 -16.89 13.07
C VAL B 25 -35.92 -16.71 11.81
N GLY B 26 -36.29 -15.45 11.53
CA GLY B 26 -36.96 -15.11 10.29
C GLY B 26 -36.24 -14.03 9.52
N PHE B 27 -36.32 -14.11 8.20
CA PHE B 27 -35.78 -13.09 7.32
C PHE B 27 -36.90 -12.49 6.49
N ILE B 28 -37.13 -11.20 6.63
CA ILE B 28 -37.97 -10.44 5.68
CA ILE B 28 -37.97 -10.47 5.68
C ILE B 28 -37.04 -10.02 4.55
N GLY B 29 -37.26 -10.59 3.36
CA GLY B 29 -36.32 -10.42 2.29
C GLY B 29 -35.53 -11.71 2.15
N ALA B 30 -35.29 -12.17 0.93
CA ALA B 30 -34.62 -13.43 0.72
C ALA B 30 -33.54 -13.28 -0.34
N GLY B 31 -32.74 -12.23 -0.20
CA GLY B 31 -31.73 -11.86 -1.19
C GLY B 31 -30.34 -12.26 -0.74
N GLN B 32 -29.34 -11.50 -1.19
CA GLN B 32 -27.95 -11.86 -0.96
C GLN B 32 -27.64 -11.96 0.53
N LEU B 33 -28.07 -10.98 1.32
CA LEU B 33 -27.71 -10.96 2.74
C LEU B 33 -28.43 -12.07 3.51
N ALA B 34 -29.73 -12.27 3.26
CA ALA B 34 -30.43 -13.37 3.92
C ALA B 34 -29.77 -14.70 3.59
N PHE B 35 -29.44 -14.92 2.31
CA PHE B 35 -28.72 -16.15 1.97
C PHE B 35 -27.40 -16.24 2.72
N ALA B 36 -26.63 -15.15 2.74
CA ALA B 36 -25.31 -15.20 3.34
C ALA B 36 -25.38 -15.52 4.83
N LEU B 37 -26.32 -14.90 5.56
CA LEU B 37 -26.45 -15.14 6.99
C LEU B 37 -26.99 -16.54 7.27
N ALA B 38 -28.05 -16.96 6.56
CA ALA B 38 -28.60 -18.28 6.78
C ALA B 38 -27.56 -19.37 6.49
N LYS B 39 -26.77 -19.18 5.44
CA LYS B 39 -25.72 -20.14 5.13
C LYS B 39 -24.65 -20.14 6.20
N GLY B 40 -24.23 -18.96 6.65
CA GLY B 40 -23.27 -18.88 7.74
C GLY B 40 -23.78 -19.50 9.03
N PHE B 41 -25.03 -19.16 9.41
CA PHE B 41 -25.60 -19.69 10.66
C PHE B 41 -25.69 -21.21 10.62
N THR B 42 -26.11 -21.77 9.49
CA THR B 42 -26.28 -23.21 9.43
C THR B 42 -24.93 -23.92 9.36
N ALA B 43 -23.99 -23.38 8.59
CA ALA B 43 -22.65 -23.95 8.56
C ALA B 43 -21.97 -23.87 9.92
N ALA B 44 -22.31 -22.85 10.72
CA ALA B 44 -21.77 -22.75 12.07
C ALA B 44 -22.41 -23.75 13.02
N GLY B 45 -23.51 -24.40 12.61
CA GLY B 45 -24.21 -25.34 13.44
C GLY B 45 -25.08 -24.72 14.51
N VAL B 46 -25.17 -23.39 14.57
CA VAL B 46 -25.92 -22.77 15.66
C VAL B 46 -27.41 -22.73 15.38
N LEU B 47 -27.84 -23.03 14.16
CA LEU B 47 -29.24 -23.05 13.79
C LEU B 47 -29.44 -24.15 12.77
N ALA B 48 -30.55 -24.87 12.90
CA ALA B 48 -30.99 -25.77 11.85
C ALA B 48 -31.72 -24.96 10.79
N ALA B 49 -31.50 -25.33 9.52
CA ALA B 49 -32.14 -24.60 8.43
C ALA B 49 -33.66 -24.63 8.54
N HIS B 50 -34.24 -25.71 9.08
CA HIS B 50 -35.69 -25.79 9.16
C HIS B 50 -36.28 -24.87 10.22
N LYS B 51 -35.47 -24.41 11.18
CA LYS B 51 -35.90 -23.40 12.13
C LYS B 51 -35.72 -21.99 11.58
N ILE B 52 -35.41 -21.84 10.30
CA ILE B 52 -35.25 -20.53 9.68
C ILE B 52 -36.30 -20.38 8.59
N MET B 53 -36.94 -19.22 8.55
CA MET B 53 -37.94 -18.90 7.54
C MET B 53 -37.54 -17.60 6.84
N ALA B 54 -37.78 -17.53 5.54
CA ALA B 54 -37.48 -16.34 4.75
C ALA B 54 -38.67 -16.04 3.84
N SER B 55 -38.98 -14.76 3.69
CA SER B 55 -40.08 -14.31 2.84
C SER B 55 -39.56 -13.36 1.79
N SER B 56 -40.19 -13.42 0.61
CA SER B 56 -39.89 -12.55 -0.52
C SER B 56 -41.07 -12.62 -1.47
N PRO B 57 -41.44 -11.51 -2.11
CA PRO B 57 -42.49 -11.55 -3.13
C PRO B 57 -42.05 -12.12 -4.46
N ASP B 58 -40.82 -12.65 -4.55
CA ASP B 58 -40.31 -13.24 -5.78
C ASP B 58 -39.78 -14.63 -5.43
N MET B 59 -40.64 -15.64 -5.55
CA MET B 59 -40.27 -17.01 -5.25
C MET B 59 -39.42 -17.66 -6.33
N ASP B 60 -39.12 -16.95 -7.41
CA ASP B 60 -38.27 -17.45 -8.48
C ASP B 60 -36.97 -16.66 -8.58
N LEU B 61 -36.42 -16.29 -7.43
CA LEU B 61 -35.12 -15.64 -7.36
C LEU B 61 -34.02 -16.68 -7.15
N ALA B 62 -32.82 -16.35 -7.59
CA ALA B 62 -31.71 -17.29 -7.49
C ALA B 62 -31.30 -17.53 -6.05
N THR B 63 -31.44 -16.51 -5.19
CA THR B 63 -31.14 -16.70 -3.78
C THR B 63 -32.20 -17.55 -3.09
N VAL B 64 -33.46 -17.40 -3.51
CA VAL B 64 -34.54 -18.20 -2.95
C VAL B 64 -34.33 -19.68 -3.24
N SER B 65 -33.87 -20.00 -4.46
CA SER B 65 -33.63 -21.39 -4.81
C SER B 65 -32.52 -22.00 -3.98
N ALA B 66 -31.51 -21.20 -3.62
CA ALA B 66 -30.41 -21.69 -2.81
C ALA B 66 -30.87 -21.93 -1.37
N LEU B 67 -31.61 -20.97 -0.79
CA LEU B 67 -32.17 -21.14 0.54
C LEU B 67 -33.08 -22.37 0.62
N ARG B 68 -33.86 -22.63 -0.43
CA ARG B 68 -34.73 -23.79 -0.44
C ARG B 68 -33.92 -25.09 -0.38
N LYS B 69 -32.76 -25.12 -1.06
CA LYS B 69 -31.93 -26.32 -1.04
C LYS B 69 -31.22 -26.52 0.28
N MET B 70 -31.06 -25.46 1.09
CA MET B 70 -30.49 -25.60 2.42
C MET B 70 -31.46 -26.21 3.41
N GLY B 71 -32.76 -26.19 3.12
CA GLY B 71 -33.79 -26.58 4.07
C GLY B 71 -34.55 -25.43 4.67
N VAL B 72 -34.21 -24.19 4.32
CA VAL B 72 -34.87 -23.02 4.89
C VAL B 72 -36.32 -22.99 4.45
N LYS B 73 -37.22 -22.67 5.39
CA LYS B 73 -38.64 -22.58 5.06
C LYS B 73 -38.90 -21.26 4.34
N LEU B 74 -39.63 -21.30 3.23
CA LEU B 74 -39.89 -20.12 2.43
C LEU B 74 -41.39 -19.86 2.32
N THR B 75 -41.74 -18.58 2.22
CA THR B 75 -43.12 -18.14 2.06
C THR B 75 -43.12 -16.80 1.34
N PRO B 76 -44.15 -16.49 0.54
CA PRO B 76 -44.26 -15.14 -0.02
C PRO B 76 -44.79 -14.10 0.96
N HIS B 77 -45.29 -14.52 2.13
CA HIS B 77 -46.06 -13.64 3.01
C HIS B 77 -45.23 -13.24 4.22
N ASN B 78 -44.90 -11.94 4.30
CA ASN B 78 -44.12 -11.42 5.41
C ASN B 78 -44.77 -11.69 6.76
N LYS B 79 -46.10 -11.68 6.81
CA LYS B 79 -46.79 -11.94 8.07
C LYS B 79 -46.48 -13.35 8.60
N GLU B 80 -46.30 -14.32 7.72
CA GLU B 80 -46.00 -15.67 8.18
C GLU B 80 -44.60 -15.72 8.79
N THR B 81 -43.64 -15.05 8.17
CA THR B 81 -42.30 -14.94 8.75
C THR B 81 -42.38 -14.39 10.18
N VAL B 82 -43.13 -13.30 10.36
CA VAL B 82 -43.25 -12.68 11.68
C VAL B 82 -43.87 -13.64 12.69
N GLN B 83 -44.93 -14.36 12.28
CA GLN B 83 -45.60 -15.26 13.21
C GLN B 83 -44.72 -16.45 13.59
N HIS B 84 -43.86 -16.91 12.68
CA HIS B 84 -42.95 -18.02 12.98
C HIS B 84 -41.77 -17.60 13.84
N SER B 85 -41.35 -16.33 13.77
CA SER B 85 -40.03 -15.95 14.24
C SER B 85 -40.03 -15.34 15.64
N ASP B 86 -38.91 -15.56 16.33
CA ASP B 86 -38.52 -14.83 17.53
C ASP B 86 -37.56 -13.69 17.19
N VAL B 87 -36.48 -14.02 16.48
CA VAL B 87 -35.55 -13.02 15.97
C VAL B 87 -35.89 -12.76 14.52
N LEU B 88 -36.13 -11.50 14.18
CA LEU B 88 -36.61 -11.13 12.86
C LEU B 88 -35.61 -10.18 12.23
N PHE B 89 -34.92 -10.65 11.18
CA PHE B 89 -33.98 -9.84 10.41
C PHE B 89 -34.70 -9.13 9.29
N LEU B 90 -34.51 -7.83 9.20
CA LEU B 90 -35.04 -7.03 8.09
C LEU B 90 -33.94 -6.96 7.04
N ALA B 91 -34.08 -7.78 6.01
CA ALA B 91 -33.04 -7.89 4.99
C ALA B 91 -33.60 -7.45 3.64
N VAL B 92 -34.26 -6.29 3.62
CA VAL B 92 -34.72 -5.67 2.41
C VAL B 92 -33.90 -4.39 2.16
N LYS B 93 -33.99 -3.87 0.94
CA LYS B 93 -33.38 -2.59 0.60
C LYS B 93 -33.93 -1.48 1.49
N PRO B 94 -33.10 -0.46 1.79
CA PRO B 94 -33.50 0.52 2.83
C PRO B 94 -34.81 1.22 2.56
N HIS B 95 -35.08 1.59 1.31
CA HIS B 95 -36.32 2.28 0.99
C HIS B 95 -37.55 1.37 1.10
N ILE B 96 -37.38 0.06 1.25
CA ILE B 96 -38.51 -0.85 1.46
C ILE B 96 -38.86 -0.97 2.94
N ILE B 97 -37.92 -0.69 3.84
CA ILE B 97 -38.16 -0.87 5.28
C ILE B 97 -39.45 -0.20 5.75
N PRO B 98 -39.72 1.07 5.44
CA PRO B 98 -40.96 1.68 5.94
C PRO B 98 -42.23 0.97 5.49
N PHE B 99 -42.25 0.41 4.28
CA PHE B 99 -43.44 -0.34 3.87
C PHE B 99 -43.54 -1.67 4.60
N ILE B 100 -42.39 -2.30 4.85
CA ILE B 100 -42.35 -3.52 5.67
C ILE B 100 -42.92 -3.25 7.05
N LEU B 101 -42.45 -2.20 7.72
CA LEU B 101 -42.87 -1.96 9.09
C LEU B 101 -44.36 -1.67 9.17
N ASP B 102 -44.91 -0.97 8.17
CA ASP B 102 -46.34 -0.74 8.13
C ASP B 102 -47.10 -2.05 7.91
N GLU B 103 -46.55 -2.95 7.10
CA GLU B 103 -47.25 -4.19 6.78
C GLU B 103 -47.39 -5.09 8.00
N ILE B 104 -46.31 -5.26 8.78
CA ILE B 104 -46.30 -6.25 9.86
C ILE B 104 -46.24 -5.62 11.24
N GLY B 105 -46.21 -4.29 11.34
CA GLY B 105 -46.16 -3.66 12.66
C GLY B 105 -47.24 -4.15 13.61
N ALA B 106 -48.45 -4.36 13.10
CA ALA B 106 -49.49 -4.88 13.99
C ALA B 106 -49.26 -6.34 14.38
N ASP B 107 -48.32 -7.04 13.74
CA ASP B 107 -48.02 -8.44 14.08
C ASP B 107 -46.83 -8.60 15.02
N ILE B 108 -46.12 -7.51 15.33
CA ILE B 108 -45.00 -7.60 16.27
C ILE B 108 -45.51 -7.84 17.68
N GLU B 109 -44.90 -8.78 18.38
CA GLU B 109 -45.26 -9.15 19.75
C GLU B 109 -44.13 -8.81 20.71
N ASP B 110 -44.42 -8.99 22.01
CA ASP B 110 -43.42 -8.73 23.03
C ASP B 110 -42.18 -9.60 22.83
N ARG B 111 -42.36 -10.81 22.31
CA ARG B 111 -41.24 -11.75 22.19
C ARG B 111 -40.26 -11.38 21.08
N HIS B 112 -40.64 -10.50 20.15
CA HIS B 112 -39.83 -10.26 18.98
C HIS B 112 -38.63 -9.36 19.29
N ILE B 113 -37.47 -9.76 18.77
CA ILE B 113 -36.34 -8.86 18.58
C ILE B 113 -36.24 -8.58 17.09
N VAL B 114 -36.36 -7.31 16.71
CA VAL B 114 -36.29 -6.88 15.32
C VAL B 114 -34.88 -6.38 15.03
N VAL B 115 -34.21 -7.02 14.07
CA VAL B 115 -32.81 -6.72 13.75
C VAL B 115 -32.77 -6.16 12.32
N SER B 116 -32.55 -4.86 12.20
CA SER B 116 -32.49 -4.23 10.89
C SER B 116 -31.06 -4.28 10.39
N CYS B 117 -30.87 -4.90 9.22
CA CYS B 117 -29.58 -4.93 8.53
C CYS B 117 -29.48 -3.87 7.44
N ALA B 118 -30.54 -3.08 7.24
CA ALA B 118 -30.58 -2.13 6.14
C ALA B 118 -29.56 -1.00 6.31
N ALA B 119 -28.84 -0.70 5.24
CA ALA B 119 -27.88 0.40 5.25
C ALA B 119 -28.58 1.73 5.49
N GLY B 120 -28.07 2.49 6.46
CA GLY B 120 -28.54 3.84 6.70
C GLY B 120 -29.76 3.98 7.60
N VAL B 121 -30.61 2.96 7.72
CA VAL B 121 -31.89 3.12 8.41
C VAL B 121 -31.68 3.21 9.92
N THR B 122 -32.14 4.30 10.52
CA THR B 122 -31.85 4.55 11.94
C THR B 122 -32.79 3.77 12.87
N ILE B 123 -32.29 3.48 14.06
CA ILE B 123 -33.11 2.86 15.09
C ILE B 123 -34.32 3.73 15.38
N SER B 124 -34.11 5.06 15.42
CA SER B 124 -35.19 5.99 15.69
C SER B 124 -36.35 5.83 14.70
N SER B 125 -36.03 5.73 13.40
CA SER B 125 -37.10 5.65 12.40
C SER B 125 -37.86 4.34 12.52
N ILE B 126 -37.17 3.24 12.86
CA ILE B 126 -37.84 1.95 13.04
C ILE B 126 -38.73 1.97 14.27
N GLU B 127 -38.21 2.46 15.39
CA GLU B 127 -38.99 2.47 16.63
C GLU B 127 -40.23 3.34 16.49
N LYS B 128 -40.12 4.47 15.79
CA LYS B 128 -41.26 5.36 15.63
C LYS B 128 -42.40 4.65 14.89
N LYS B 129 -42.07 3.92 13.82
CA LYS B 129 -43.07 3.22 13.03
C LYS B 129 -43.70 2.08 13.82
N LEU B 130 -42.89 1.24 14.45
CA LEU B 130 -43.43 0.11 15.20
C LEU B 130 -44.18 0.57 16.46
N SER B 131 -43.73 1.65 17.10
CA SER B 131 -44.39 2.08 18.33
C SER B 131 -45.82 2.56 18.08
N ALA B 132 -46.17 2.90 16.84
CA ALA B 132 -47.55 3.27 16.56
C ALA B 132 -48.49 2.08 16.75
N PHE B 133 -47.97 0.86 16.58
CA PHE B 133 -48.79 -0.34 16.71
C PHE B 133 -48.74 -0.94 18.11
N ARG B 134 -47.61 -0.83 18.79
CA ARG B 134 -47.43 -1.45 20.08
C ARG B 134 -46.20 -0.83 20.73
N PRO B 135 -46.31 -0.34 21.96
CA PRO B 135 -45.15 0.35 22.57
C PRO B 135 -44.03 -0.63 22.88
N ALA B 136 -42.84 -0.07 23.03
CA ALA B 136 -41.61 -0.76 23.42
C ALA B 136 -41.15 -1.87 22.46
N PRO B 137 -41.11 -1.65 21.15
CA PRO B 137 -40.51 -2.66 20.25
C PRO B 137 -39.03 -2.82 20.56
N ARG B 138 -38.55 -4.06 20.48
CA ARG B 138 -37.16 -4.38 20.80
C ARG B 138 -36.38 -4.37 19.47
N VAL B 139 -35.54 -3.35 19.27
CA VAL B 139 -34.91 -3.12 17.97
C VAL B 139 -33.41 -3.13 18.14
N ILE B 140 -32.73 -3.85 17.26
CA ILE B 140 -31.27 -3.83 17.17
C ILE B 140 -30.89 -3.47 15.74
N ARG B 141 -29.90 -2.60 15.60
CA ARG B 141 -29.43 -2.23 14.28
C ARG B 141 -28.08 -2.89 14.05
N CYS B 142 -27.94 -3.56 12.92
CA CYS B 142 -26.76 -4.34 12.65
C CYS B 142 -26.19 -3.94 11.29
N MET B 143 -24.86 -3.98 11.18
CA MET B 143 -24.16 -3.71 9.92
C MET B 143 -23.21 -4.87 9.73
N THR B 144 -23.42 -5.66 8.69
CA THR B 144 -22.59 -6.84 8.50
C THR B 144 -22.09 -6.84 7.05
N ASN B 145 -21.57 -7.96 6.56
CA ASN B 145 -21.18 -8.00 5.16
C ASN B 145 -21.28 -9.43 4.64
N THR B 146 -21.10 -9.59 3.34
CA THR B 146 -21.37 -10.86 2.68
C THR B 146 -20.45 -12.01 3.11
N PRO B 147 -19.17 -11.77 3.54
CA PRO B 147 -18.33 -12.90 4.00
C PRO B 147 -18.82 -13.65 5.25
N VAL B 148 -19.93 -13.24 5.87
CA VAL B 148 -20.57 -14.12 6.85
C VAL B 148 -20.86 -15.48 6.18
N VAL B 149 -20.98 -15.49 4.84
CA VAL B 149 -21.28 -16.72 4.12
C VAL B 149 -20.16 -17.75 4.28
N VAL B 150 -18.92 -17.31 4.50
CA VAL B 150 -17.79 -18.21 4.81
C VAL B 150 -17.36 -18.04 6.28
N ARG B 151 -18.26 -17.50 7.10
CA ARG B 151 -18.02 -17.33 8.54
C ARG B 151 -16.80 -16.47 8.83
N GLU B 152 -16.56 -15.46 7.98
CA GLU B 152 -15.53 -14.47 8.22
C GLU B 152 -16.08 -13.07 8.04
N GLY B 153 -17.32 -12.86 8.47
CA GLY B 153 -17.89 -11.53 8.38
C GLY B 153 -17.28 -10.55 9.37
N ALA B 154 -17.61 -9.28 9.14
CA ALA B 154 -17.28 -8.19 10.06
C ALA B 154 -18.59 -7.49 10.39
N THR B 155 -19.01 -7.57 11.65
CA THR B 155 -20.34 -7.11 12.05
C THR B 155 -20.22 -6.17 13.24
N VAL B 156 -21.01 -5.10 13.23
CA VAL B 156 -21.23 -4.31 14.42
C VAL B 156 -22.75 -4.21 14.62
N TYR B 157 -23.15 -3.91 15.85
CA TYR B 157 -24.57 -3.73 16.14
C TYR B 157 -24.72 -2.63 17.17
N ALA B 158 -25.92 -2.04 17.18
CA ALA B 158 -26.30 -1.04 18.16
C ALA B 158 -27.70 -1.39 18.67
N THR B 159 -27.89 -1.27 19.98
CA THR B 159 -29.14 -1.66 20.62
C THR B 159 -30.08 -0.45 20.75
N GLY B 160 -31.38 -0.71 20.56
CA GLY B 160 -32.38 0.34 20.63
C GLY B 160 -32.82 0.64 22.05
N THR B 161 -33.81 1.54 22.15
CA THR B 161 -34.27 2.03 23.43
C THR B 161 -34.79 0.91 24.33
N HIS B 162 -35.55 -0.02 23.76
CA HIS B 162 -36.26 -1.03 24.53
C HIS B 162 -35.59 -2.39 24.48
N ALA B 163 -34.48 -2.52 23.78
CA ALA B 163 -33.74 -3.78 23.78
C ALA B 163 -33.16 -4.03 25.15
N GLN B 164 -33.44 -5.21 25.70
CA GLN B 164 -32.88 -5.60 26.99
C GLN B 164 -31.42 -6.03 26.83
N VAL B 165 -30.70 -6.04 27.97
CA VAL B 165 -29.28 -6.37 27.96
C VAL B 165 -29.06 -7.76 27.36
N GLU B 166 -29.91 -8.73 27.73
CA GLU B 166 -29.80 -10.06 27.16
C GLU B 166 -30.06 -10.09 25.66
N ASP B 167 -30.78 -9.11 25.11
CA ASP B 167 -31.02 -9.08 23.66
C ASP B 167 -29.74 -8.81 22.89
N GLY B 168 -28.96 -7.81 23.33
CA GLY B 168 -27.69 -7.54 22.68
C GLY B 168 -26.69 -8.68 22.87
N ARG B 169 -26.63 -9.26 24.07
CA ARG B 169 -25.72 -10.38 24.32
C ARG B 169 -26.06 -11.56 23.42
N LEU B 170 -27.35 -11.83 23.24
CA LEU B 170 -27.78 -12.91 22.36
C LEU B 170 -27.38 -12.64 20.91
N MET B 171 -27.65 -11.42 20.41
CA MET B 171 -27.28 -11.10 19.02
C MET B 171 -25.77 -11.15 18.84
N GLU B 172 -25.01 -10.68 19.82
CA GLU B 172 -23.55 -10.80 19.71
C GLU B 172 -23.14 -12.26 19.61
N GLN B 173 -23.76 -13.13 20.41
CA GLN B 173 -23.42 -14.56 20.36
C GLN B 173 -23.76 -15.14 18.99
N LEU B 174 -24.95 -14.81 18.48
CA LEU B 174 -25.36 -15.29 17.16
C LEU B 174 -24.45 -14.75 16.05
N LEU B 175 -24.22 -13.43 16.03
CA LEU B 175 -23.44 -12.89 14.92
C LEU B 175 -21.96 -13.20 15.05
N SER B 176 -21.48 -13.48 16.26
CA SER B 176 -20.09 -13.93 16.42
C SER B 176 -19.85 -15.32 15.88
N SER B 177 -20.91 -16.12 15.65
CA SER B 177 -20.69 -17.43 15.05
C SER B 177 -20.34 -17.35 13.58
N VAL B 178 -20.52 -16.20 12.92
CA VAL B 178 -20.21 -16.06 11.51
C VAL B 178 -19.16 -14.98 11.24
N GLY B 179 -18.45 -14.53 12.27
CA GLY B 179 -17.36 -13.58 12.04
C GLY B 179 -17.07 -12.74 13.27
N PHE B 180 -16.34 -11.66 13.04
CA PHE B 180 -16.07 -10.68 14.09
C PHE B 180 -17.35 -9.91 14.41
N CYS B 181 -17.60 -9.65 15.67
CA CYS B 181 -18.81 -8.92 16.06
C CYS B 181 -18.54 -8.12 17.31
N THR B 182 -18.92 -6.84 17.31
CA THR B 182 -18.81 -6.04 18.51
C THR B 182 -19.93 -5.00 18.53
N GLU B 183 -20.25 -4.53 19.72
CA GLU B 183 -21.25 -3.49 19.86
C GLU B 183 -20.61 -2.13 19.62
N VAL B 184 -21.35 -1.22 18.98
CA VAL B 184 -20.92 0.16 18.80
C VAL B 184 -22.08 1.11 19.11
N GLU B 185 -21.73 2.36 19.39
CA GLU B 185 -22.72 3.45 19.32
C GLU B 185 -23.26 3.56 17.91
N GLU B 186 -24.56 3.86 17.80
CA GLU B 186 -25.22 3.87 16.50
C GLU B 186 -24.58 4.86 15.52
N ASP B 187 -24.02 5.95 16.02
CA ASP B 187 -23.55 6.95 15.07
C ASP B 187 -22.23 6.56 14.39
N LEU B 188 -21.67 5.40 14.72
CA LEU B 188 -20.54 4.84 13.97
C LEU B 188 -20.97 3.96 12.81
N ILE B 189 -22.26 3.62 12.69
CA ILE B 189 -22.62 2.50 11.80
C ILE B 189 -22.49 2.89 10.33
N ASP B 190 -22.81 4.14 9.98
CA ASP B 190 -22.64 4.55 8.58
C ASP B 190 -21.16 4.53 8.17
N ALA B 191 -20.26 4.87 9.09
CA ALA B 191 -18.83 4.79 8.79
C ALA B 191 -18.37 3.32 8.67
N VAL B 192 -18.88 2.43 9.52
CA VAL B 192 -18.56 1.01 9.36
C VAL B 192 -19.02 0.51 7.99
N MET B 193 -20.22 0.91 7.56
CA MET B 193 -20.71 0.50 6.24
C MET B 193 -19.74 0.89 5.14
N GLY B 194 -19.19 2.09 5.22
CA GLY B 194 -18.26 2.54 4.18
C GLY B 194 -16.96 1.77 4.19
N LEU B 195 -16.56 1.25 5.36
CA LEU B 195 -15.31 0.49 5.51
C LEU B 195 -15.56 -1.00 5.28
N SER B 196 -16.25 -1.68 6.21
CA SER B 196 -16.39 -3.12 6.08
C SER B 196 -17.66 -3.56 5.34
N GLY B 197 -18.73 -2.79 5.34
CA GLY B 197 -19.88 -3.15 4.52
C GLY B 197 -19.60 -3.14 3.03
N SER B 198 -19.07 -2.02 2.52
CA SER B 198 -18.66 -1.92 1.11
C SER B 198 -17.28 -2.54 0.88
N GLY B 199 -16.52 -2.79 1.95
CA GLY B 199 -15.15 -3.25 1.81
C GLY B 199 -14.91 -4.46 0.94
N PRO B 200 -15.78 -5.48 0.98
CA PRO B 200 -15.53 -6.64 0.11
C PRO B 200 -15.53 -6.29 -1.38
N ALA B 201 -16.36 -5.33 -1.80
CA ALA B 201 -16.36 -4.86 -3.18
C ALA B 201 -15.02 -4.21 -3.55
N TYR B 202 -14.42 -3.42 -2.64
CA TYR B 202 -13.09 -2.87 -2.92
C TYR B 202 -12.09 -3.99 -3.14
N ALA B 203 -12.20 -5.05 -2.32
CA ALA B 203 -11.27 -6.17 -2.41
C ALA B 203 -11.48 -6.98 -3.68
N PHE B 204 -12.74 -7.22 -4.07
CA PHE B 204 -12.96 -7.95 -5.32
C PHE B 204 -12.39 -7.17 -6.51
N THR B 205 -12.53 -5.83 -6.50
CA THR B 205 -11.95 -4.98 -7.54
C THR B 205 -10.43 -5.09 -7.54
N ALA B 206 -9.83 -5.03 -6.35
CA ALA B 206 -8.39 -5.13 -6.22
C ALA B 206 -7.88 -6.50 -6.69
N LEU B 207 -8.63 -7.56 -6.38
CA LEU B 207 -8.19 -8.90 -6.77
C LEU B 207 -8.34 -9.13 -8.26
N ASP B 208 -9.37 -8.55 -8.89
CA ASP B 208 -9.50 -8.59 -10.34
C ASP B 208 -8.31 -7.90 -11.02
N ALA B 209 -7.95 -6.71 -10.53
CA ALA B 209 -6.82 -5.96 -11.10
C ALA B 209 -5.49 -6.67 -10.87
N LEU B 210 -5.27 -7.17 -9.66
CA LEU B 210 -4.02 -7.89 -9.37
C LEU B 210 -3.87 -9.10 -10.29
N ALA B 211 -4.95 -9.84 -10.50
CA ALA B 211 -4.93 -10.96 -11.44
C ALA B 211 -4.61 -10.49 -12.86
N ASP B 212 -5.21 -9.38 -13.30
CA ASP B 212 -4.86 -8.82 -14.61
C ASP B 212 -3.37 -8.52 -14.70
N GLY B 213 -2.79 -7.97 -13.63
CA GLY B 213 -1.36 -7.72 -13.61
C GLY B 213 -0.56 -9.00 -13.71
N GLY B 214 -0.97 -10.03 -12.97
CA GLY B 214 -0.29 -11.32 -13.07
C GLY B 214 -0.35 -11.89 -14.48
N VAL B 215 -1.53 -11.78 -15.12
CA VAL B 215 -1.69 -12.25 -16.49
C VAL B 215 -0.82 -11.44 -17.46
N LYS B 216 -0.75 -10.11 -17.29
CA LYS B 216 0.11 -9.28 -18.13
C LYS B 216 1.56 -9.76 -18.08
N MET B 217 2.03 -10.15 -16.89
CA MET B 217 3.39 -10.62 -16.71
C MET B 217 3.58 -12.11 -17.02
N GLY B 218 2.55 -12.79 -17.54
CA GLY B 218 2.72 -14.14 -18.04
C GLY B 218 2.05 -15.28 -17.25
N LEU B 219 1.31 -14.97 -16.18
CA LEU B 219 0.67 -16.06 -15.40
C LEU B 219 -0.68 -16.46 -16.01
N PRO B 220 -1.00 -17.75 -15.95
CA PRO B 220 -2.39 -18.19 -16.26
C PRO B 220 -3.38 -17.50 -15.33
N ARG B 221 -4.57 -17.22 -15.87
CA ARG B 221 -5.56 -16.45 -15.11
CA ARG B 221 -5.56 -16.46 -15.12
C ARG B 221 -5.96 -17.17 -13.83
N ARG B 222 -6.19 -18.48 -13.90
CA ARG B 222 -6.66 -19.20 -12.71
C ARG B 222 -5.62 -19.16 -11.58
N LEU B 223 -4.34 -19.36 -11.94
CA LEU B 223 -3.27 -19.26 -10.95
C LEU B 223 -3.17 -17.83 -10.39
N ALA B 224 -3.22 -16.82 -11.25
CA ALA B 224 -3.09 -15.44 -10.77
C ALA B 224 -4.21 -15.09 -9.81
N VAL B 225 -5.44 -15.55 -10.09
CA VAL B 225 -6.54 -15.27 -9.14
C VAL B 225 -6.28 -15.97 -7.81
N ARG B 226 -5.83 -17.23 -7.86
CA ARG B 226 -5.58 -17.99 -6.63
C ARG B 226 -4.49 -17.33 -5.79
N LEU B 227 -3.37 -16.97 -6.41
CA LEU B 227 -2.25 -16.39 -5.68
C LEU B 227 -2.61 -15.02 -5.14
N GLY B 228 -3.32 -14.21 -5.94
CA GLY B 228 -3.69 -12.88 -5.48
C GLY B 228 -4.60 -12.94 -4.26
N ALA B 229 -5.60 -13.81 -4.31
CA ALA B 229 -6.54 -13.95 -3.20
C ALA B 229 -5.83 -14.52 -1.98
N GLN B 230 -4.97 -15.53 -2.19
CA GLN B 230 -4.21 -16.09 -1.07
C GLN B 230 -3.31 -15.05 -0.44
N ALA B 231 -2.70 -14.17 -1.25
CA ALA B 231 -1.82 -13.13 -0.71
C ALA B 231 -2.59 -12.16 0.15
N LEU B 232 -3.76 -11.74 -0.33
CA LEU B 232 -4.58 -10.81 0.44
C LEU B 232 -5.08 -11.45 1.73
N LEU B 233 -5.55 -12.70 1.65
CA LEU B 233 -6.01 -13.40 2.84
C LEU B 233 -4.89 -13.51 3.86
N GLY B 234 -3.70 -13.94 3.42
CA GLY B 234 -2.59 -14.09 4.34
C GLY B 234 -2.17 -12.78 4.99
N ALA B 235 -2.14 -11.71 4.21
CA ALA B 235 -1.72 -10.41 4.74
C ALA B 235 -2.73 -9.91 5.77
N ALA B 236 -4.01 -10.06 5.47
CA ALA B 236 -5.04 -9.65 6.42
C ALA B 236 -4.93 -10.46 7.71
N LYS B 237 -4.67 -11.77 7.59
CA LYS B 237 -4.53 -12.60 8.79
C LYS B 237 -3.31 -12.19 9.59
N MET B 238 -2.18 -11.89 8.92
CA MET B 238 -1.00 -11.42 9.63
C MET B 238 -1.32 -10.20 10.48
N LEU B 239 -2.01 -9.22 9.89
CA LEU B 239 -2.32 -7.99 10.62
C LEU B 239 -3.23 -8.26 11.80
N LEU B 240 -4.24 -9.12 11.63
CA LEU B 240 -5.17 -9.41 12.70
C LEU B 240 -4.48 -10.10 13.86
N HIS B 241 -3.50 -10.96 13.57
CA HIS B 241 -2.79 -11.70 14.61
C HIS B 241 -1.54 -10.99 15.11
N SER B 242 -1.27 -9.77 14.63
CA SER B 242 -0.06 -9.04 15.00
C SER B 242 -0.42 -7.81 15.83
N GLU B 243 0.45 -7.46 16.78
CA GLU B 243 0.30 -6.19 17.46
C GLU B 243 1.05 -5.06 16.74
N GLN B 244 1.56 -5.31 15.54
CA GLN B 244 2.37 -4.34 14.82
C GLN B 244 1.52 -3.48 13.91
N HIS B 245 2.00 -2.26 13.68
CA HIS B 245 1.35 -1.37 12.73
C HIS B 245 1.47 -1.95 11.32
N PRO B 246 0.46 -1.76 10.46
CA PRO B 246 0.59 -2.23 9.06
C PRO B 246 1.80 -1.66 8.32
N GLY B 247 2.26 -0.46 8.67
CA GLY B 247 3.49 0.05 8.09
C GLY B 247 4.72 -0.77 8.49
N GLN B 248 4.74 -1.32 9.71
CA GLN B 248 5.87 -2.15 10.11
C GLN B 248 5.87 -3.49 9.39
N LEU B 249 4.68 -4.09 9.18
CA LEU B 249 4.66 -5.34 8.43
C LEU B 249 5.06 -5.11 6.98
N LYS B 250 4.69 -3.96 6.41
CA LYS B 250 5.12 -3.61 5.05
C LYS B 250 6.64 -3.50 4.98
N ASP B 251 7.25 -2.87 5.98
CA ASP B 251 8.70 -2.77 6.02
C ASP B 251 9.39 -4.13 5.99
N ASN B 252 8.80 -5.17 6.60
CA ASN B 252 9.41 -6.50 6.59
C ASN B 252 9.39 -7.14 5.20
N VAL B 253 8.45 -6.74 4.35
CA VAL B 253 8.41 -7.23 2.97
C VAL B 253 9.33 -6.43 2.05
N SER B 254 9.66 -5.19 2.41
CA SER B 254 10.32 -4.27 1.48
C SER B 254 11.82 -4.28 1.70
N SER B 255 12.50 -5.24 1.06
CA SER B 255 13.95 -5.31 1.13
C SER B 255 14.61 -4.18 0.33
N PRO B 256 15.75 -3.68 0.79
CA PRO B 256 16.34 -2.46 0.19
C PRO B 256 16.69 -2.62 -1.28
N GLY B 257 16.27 -1.64 -2.07
CA GLY B 257 16.53 -1.67 -3.51
C GLY B 257 15.78 -2.74 -4.28
N GLY B 258 14.86 -3.47 -3.65
CA GLY B 258 14.28 -4.67 -4.22
C GLY B 258 13.02 -4.43 -5.03
N ALA B 259 12.44 -5.54 -5.48
CA ALA B 259 11.27 -5.50 -6.34
C ALA B 259 10.08 -4.88 -5.63
N THR B 260 9.91 -5.20 -4.34
CA THR B 260 8.70 -4.79 -3.66
C THR B 260 8.67 -3.27 -3.44
N ILE B 261 9.80 -2.69 -3.01
CA ILE B 261 9.82 -1.24 -2.76
C ILE B 261 9.70 -0.47 -4.09
N HIS B 262 10.19 -1.03 -5.21
CA HIS B 262 9.91 -0.41 -6.49
C HIS B 262 8.42 -0.44 -6.81
N ALA B 263 7.73 -1.55 -6.49
CA ALA B 263 6.31 -1.61 -6.79
C ALA B 263 5.52 -0.69 -5.86
N LEU B 264 5.94 -0.58 -4.60
CA LEU B 264 5.25 0.33 -3.68
C LEU B 264 5.34 1.78 -4.15
N HIS B 265 6.49 2.16 -4.72
CA HIS B 265 6.62 3.52 -5.23
C HIS B 265 5.58 3.80 -6.32
N VAL B 266 5.34 2.85 -7.23
CA VAL B 266 4.39 3.17 -8.29
C VAL B 266 2.97 3.22 -7.75
N LEU B 267 2.65 2.47 -6.69
CA LEU B 267 1.36 2.67 -6.01
C LEU B 267 1.25 4.07 -5.43
N GLU B 268 2.27 4.52 -4.70
CA GLU B 268 2.28 5.86 -4.14
C GLU B 268 2.18 6.92 -5.24
N SER B 269 2.85 6.72 -6.38
CA SER B 269 2.84 7.75 -7.42
C SER B 269 1.44 7.98 -7.97
N GLY B 270 0.59 6.96 -7.94
CA GLY B 270 -0.78 7.14 -8.36
C GLY B 270 -1.75 7.58 -7.28
N GLY B 271 -1.28 7.85 -6.06
CA GLY B 271 -2.23 8.20 -5.00
C GLY B 271 -3.11 7.06 -4.54
N PHE B 272 -2.59 5.82 -4.57
CA PHE B 272 -3.33 4.62 -4.19
C PHE B 272 -4.01 4.77 -2.81
N ARG B 273 -3.27 5.27 -1.82
CA ARG B 273 -3.84 5.44 -0.49
C ARG B 273 -5.06 6.36 -0.53
N SER B 274 -4.93 7.48 -1.25
CA SER B 274 -6.03 8.45 -1.26
CA SER B 274 -6.03 8.45 -1.25
C SER B 274 -7.27 7.89 -1.95
N LEU B 275 -7.10 6.97 -2.88
CA LEU B 275 -8.28 6.41 -3.55
C LEU B 275 -9.12 5.58 -2.60
N LEU B 276 -8.46 4.78 -1.74
CA LEU B 276 -9.16 3.99 -0.75
C LEU B 276 -9.82 4.87 0.31
N ILE B 277 -9.16 5.97 0.69
CA ILE B 277 -9.81 6.92 1.60
C ILE B 277 -11.05 7.52 0.93
N ASN B 278 -10.90 7.96 -0.34
CA ASN B 278 -12.03 8.48 -1.12
C ASN B 278 -13.20 7.50 -1.12
N ALA B 279 -12.90 6.21 -1.35
CA ALA B 279 -13.96 5.20 -1.42
C ALA B 279 -14.75 5.11 -0.12
N VAL B 280 -14.05 4.96 1.02
CA VAL B 280 -14.72 4.86 2.31
C VAL B 280 -15.59 6.08 2.55
N GLU B 281 -15.04 7.26 2.26
CA GLU B 281 -15.79 8.49 2.43
C GLU B 281 -17.02 8.52 1.54
N ALA B 282 -16.87 8.12 0.28
CA ALA B 282 -17.96 8.21 -0.68
C ALA B 282 -19.10 7.26 -0.33
N SER B 283 -18.76 6.05 0.15
CA SER B 283 -19.79 5.12 0.63
C SER B 283 -20.53 5.69 1.84
N CYS B 284 -19.77 6.18 2.83
CA CYS B 284 -20.37 6.73 4.04
C CYS B 284 -21.23 7.96 3.72
N ILE B 285 -20.75 8.85 2.85
CA ILE B 285 -21.52 10.05 2.49
C ILE B 285 -22.83 9.67 1.78
N ARG B 286 -22.75 8.76 0.81
CA ARG B 286 -23.94 8.36 0.06
C ARG B 286 -25.01 7.79 0.98
N THR B 287 -24.61 6.93 1.92
CA THR B 287 -25.51 6.42 2.95
C THR B 287 -26.23 7.54 3.69
N ARG B 288 -25.47 8.55 4.15
CA ARG B 288 -26.08 9.66 4.89
C ARG B 288 -27.01 10.47 4.00
N GLU B 289 -26.65 10.63 2.72
CA GLU B 289 -27.52 11.43 1.85
C GLU B 289 -28.79 10.67 1.49
N LEU B 290 -28.72 9.33 1.42
CA LEU B 290 -29.94 8.56 1.24
C LEU B 290 -30.86 8.70 2.46
N GLN B 291 -30.31 8.56 3.67
CA GLN B 291 -31.15 8.59 4.85
C GLN B 291 -31.74 9.99 5.10
N SER B 292 -31.04 11.04 4.67
CA SER B 292 -31.61 12.38 4.75
C SER B 292 -32.80 12.53 3.81
N MET B 293 -32.69 12.02 2.58
CA MET B 293 -33.82 12.04 1.65
C MET B 293 -35.00 11.26 2.22
N ALA B 294 -34.74 10.10 2.82
CA ALA B 294 -35.80 9.30 3.44
C ALA B 294 -36.45 10.07 4.59
N ASP B 295 -35.63 10.67 5.46
CA ASP B 295 -36.15 11.40 6.62
C ASP B 295 -36.91 12.67 6.22
N GLN B 296 -36.65 13.21 5.03
CA GLN B 296 -37.38 14.38 4.54
C GLN B 296 -38.43 13.97 3.49
N TYR C 19 38.11 15.78 24.61
CA TYR C 19 38.86 16.82 23.92
C TYR C 19 40.17 16.31 23.30
N PHE C 20 40.20 16.20 21.98
CA PHE C 20 41.44 15.92 21.24
C PHE C 20 42.28 17.18 21.24
N GLN C 21 43.21 17.28 22.20
CA GLN C 21 44.03 18.47 22.32
C GLN C 21 45.25 18.44 21.43
N SER C 22 45.79 17.26 21.17
CA SER C 22 46.98 17.10 20.33
C SER C 22 46.66 17.03 18.85
N MET C 23 45.43 17.32 18.44
CA MET C 23 45.00 17.11 17.07
C MET C 23 44.88 18.43 16.32
N SER C 24 45.52 18.48 15.15
CA SER C 24 45.42 19.60 14.23
C SER C 24 44.57 19.18 13.04
N VAL C 25 43.53 19.97 12.75
CA VAL C 25 42.58 19.68 11.68
C VAL C 25 42.76 20.72 10.59
N GLY C 26 42.70 20.28 9.35
CA GLY C 26 42.76 21.18 8.22
C GLY C 26 41.58 21.00 7.29
N PHE C 27 41.23 22.09 6.61
CA PHE C 27 40.19 22.08 5.59
C PHE C 27 40.81 22.59 4.28
N ILE C 28 40.80 21.75 3.25
CA ILE C 28 41.06 22.20 1.89
C ILE C 28 39.71 22.63 1.33
N GLY C 29 39.58 23.93 1.04
CA GLY C 29 38.28 24.50 0.76
C GLY C 29 37.74 25.20 2.00
N ALA C 30 37.29 26.44 1.85
CA ALA C 30 36.81 27.22 2.99
C ALA C 30 35.40 27.73 2.71
N GLY C 31 34.51 26.83 2.34
CA GLY C 31 33.16 27.20 1.97
C GLY C 31 32.12 26.80 3.01
N GLN C 32 30.91 26.49 2.54
CA GLN C 32 29.79 26.23 3.43
C GLN C 32 30.06 25.08 4.39
N LEU C 33 30.61 23.98 3.87
CA LEU C 33 30.80 22.80 4.70
C LEU C 33 31.94 23.01 5.70
N ALA C 34 33.04 23.62 5.28
CA ALA C 34 34.13 23.89 6.20
C ALA C 34 33.67 24.77 7.36
N PHE C 35 32.91 25.82 7.06
CA PHE C 35 32.39 26.64 8.15
C PHE C 35 31.48 25.83 9.07
N ALA C 36 30.55 25.06 8.49
CA ALA C 36 29.61 24.30 9.30
C ALA C 36 30.32 23.34 10.23
N LEU C 37 31.31 22.58 9.71
CA LEU C 37 32.04 21.64 10.55
C LEU C 37 32.88 22.36 11.61
N ALA C 38 33.61 23.40 11.20
CA ALA C 38 34.47 24.09 12.16
C ALA C 38 33.65 24.75 13.25
N LYS C 39 32.52 25.36 12.90
CA LYS C 39 31.63 25.94 13.90
C LYS C 39 31.09 24.86 14.83
N GLY C 40 30.63 23.74 14.25
CA GLY C 40 30.17 22.64 15.09
C GLY C 40 31.25 22.10 16.02
N PHE C 41 32.44 21.82 15.47
CA PHE C 41 33.52 21.28 16.29
C PHE C 41 33.88 22.21 17.43
N THR C 42 33.98 23.51 17.17
CA THR C 42 34.41 24.41 18.25
C THR C 42 33.28 24.64 19.25
N ALA C 43 32.02 24.63 18.80
CA ALA C 43 30.91 24.70 19.73
C ALA C 43 30.82 23.46 20.61
N ALA C 44 31.18 22.29 20.09
CA ALA C 44 31.18 21.07 20.89
C ALA C 44 32.32 21.02 21.89
N GLY C 45 33.34 21.86 21.72
CA GLY C 45 34.50 21.81 22.59
C GLY C 45 35.49 20.69 22.29
N VAL C 46 35.36 20.04 21.12
CA VAL C 46 36.31 18.99 20.78
C VAL C 46 37.55 19.53 20.07
N LEU C 47 37.47 20.70 19.45
CA LEU C 47 38.60 21.32 18.77
C LEU C 47 38.67 22.79 19.18
N ALA C 48 39.88 23.28 19.38
CA ALA C 48 40.11 24.71 19.52
C ALA C 48 40.18 25.33 18.13
N ALA C 49 39.59 26.52 17.98
CA ALA C 49 39.59 27.18 16.68
C ALA C 49 41.00 27.43 16.17
N HIS C 50 41.94 27.77 17.07
CA HIS C 50 43.29 28.06 16.62
C HIS C 50 44.05 26.82 16.20
N LYS C 51 43.51 25.63 16.44
CA LYS C 51 44.14 24.40 15.98
C LYS C 51 43.59 23.95 14.65
N ILE C 52 42.80 24.80 14.00
CA ILE C 52 42.15 24.52 12.73
C ILE C 52 42.69 25.48 11.69
N MET C 53 43.07 24.96 10.54
CA MET C 53 43.49 25.76 9.40
C MET C 53 42.60 25.44 8.21
N ALA C 54 42.23 26.47 7.46
CA ALA C 54 41.45 26.27 6.25
C ALA C 54 42.09 27.05 5.11
N SER C 55 41.98 26.51 3.89
CA SER C 55 42.60 27.12 2.73
C SER C 55 41.60 27.30 1.61
N SER C 56 41.74 28.41 0.88
CA SER C 56 40.91 28.73 -0.27
C SER C 56 41.69 29.67 -1.18
N PRO C 57 41.55 29.56 -2.49
CA PRO C 57 42.25 30.50 -3.38
C PRO C 57 41.67 31.92 -3.33
N ASP C 58 40.45 32.10 -2.85
CA ASP C 58 39.85 33.41 -2.69
C ASP C 58 39.75 33.72 -1.20
N MET C 59 40.63 34.60 -0.72
CA MET C 59 40.68 34.93 0.70
C MET C 59 39.70 36.05 1.08
N ASP C 60 38.80 36.44 0.18
CA ASP C 60 37.79 37.45 0.49
C ASP C 60 36.38 36.89 0.38
N LEU C 61 36.23 35.57 0.46
CA LEU C 61 34.91 34.96 0.48
C LEU C 61 34.25 35.16 1.83
N ALA C 62 32.91 35.10 1.84
CA ALA C 62 32.17 35.37 3.07
C ALA C 62 32.30 34.21 4.06
N THR C 63 32.37 32.98 3.56
CA THR C 63 32.70 31.85 4.44
C THR C 63 34.08 32.02 5.04
N VAL C 64 35.03 32.56 4.25
CA VAL C 64 36.36 32.82 4.78
C VAL C 64 36.29 33.83 5.93
N SER C 65 35.50 34.89 5.76
CA SER C 65 35.38 35.90 6.81
C SER C 65 34.81 35.28 8.09
N ALA C 66 33.74 34.50 7.95
CA ALA C 66 33.13 33.85 9.10
C ALA C 66 34.11 32.94 9.83
N LEU C 67 34.94 32.20 9.08
CA LEU C 67 35.94 31.35 9.72
C LEU C 67 37.02 32.18 10.41
N ARG C 68 37.40 33.31 9.80
CA ARG C 68 38.38 34.19 10.44
C ARG C 68 37.84 34.74 11.76
N LYS C 69 36.60 35.23 11.74
CA LYS C 69 36.00 35.73 12.97
C LYS C 69 35.89 34.65 14.05
N MET C 70 35.91 33.36 13.65
CA MET C 70 35.91 32.24 14.59
C MET C 70 37.25 32.02 15.28
N GLY C 71 38.36 32.46 14.69
CA GLY C 71 39.68 32.13 15.19
C GLY C 71 40.43 31.09 14.37
N VAL C 72 39.80 30.53 13.33
CA VAL C 72 40.49 29.59 12.46
C VAL C 72 41.62 30.30 11.72
N LYS C 73 42.76 29.62 11.58
CA LYS C 73 43.85 30.15 10.78
C LYS C 73 43.55 29.93 9.30
N LEU C 74 43.75 30.94 8.48
CA LEU C 74 43.44 30.85 7.06
C LEU C 74 44.63 31.18 6.19
N THR C 75 44.69 30.55 5.03
CA THR C 75 45.79 30.69 4.09
C THR C 75 45.28 30.37 2.70
N PRO C 76 45.90 30.94 1.66
CA PRO C 76 45.53 30.55 0.29
C PRO C 76 46.28 29.32 -0.23
N HIS C 77 47.31 28.86 0.47
CA HIS C 77 48.17 27.78 -0.01
C HIS C 77 47.70 26.44 0.55
N ASN C 78 47.20 25.58 -0.34
CA ASN C 78 46.75 24.25 0.09
C ASN C 78 47.86 23.48 0.78
N LYS C 79 49.11 23.68 0.34
CA LYS C 79 50.20 22.94 0.95
C LYS C 79 50.43 23.34 2.40
N GLU C 80 50.13 24.59 2.76
CA GLU C 80 50.29 25.01 4.15
C GLU C 80 49.29 24.26 5.05
N THR C 81 48.05 24.11 4.59
CA THR C 81 47.06 23.37 5.35
C THR C 81 47.49 21.92 5.56
N VAL C 82 48.08 21.30 4.54
CA VAL C 82 48.54 19.92 4.65
C VAL C 82 49.64 19.81 5.71
N GLN C 83 50.61 20.71 5.66
CA GLN C 83 51.72 20.68 6.61
C GLN C 83 51.26 20.95 8.04
N HIS C 84 50.18 21.71 8.22
CA HIS C 84 49.64 21.98 9.55
C HIS C 84 48.86 20.81 10.13
N SER C 85 48.25 19.98 9.29
CA SER C 85 47.15 19.11 9.70
C SER C 85 47.61 17.69 9.97
N ASP C 86 46.88 17.04 10.89
CA ASP C 86 46.86 15.60 11.07
C ASP C 86 45.65 14.98 10.38
N VAL C 87 44.47 15.53 10.65
CA VAL C 87 43.24 15.15 9.97
C VAL C 87 42.97 16.21 8.92
N LEU C 88 42.81 15.78 7.68
CA LEU C 88 42.69 16.70 6.55
C LEU C 88 41.34 16.48 5.87
N PHE C 89 40.44 17.44 6.00
CA PHE C 89 39.14 17.35 5.35
C PHE C 89 39.23 17.94 3.95
N LEU C 90 38.80 17.18 2.94
CA LEU C 90 38.64 17.71 1.59
C LEU C 90 37.21 18.25 1.48
N ALA C 91 37.09 19.57 1.46
CA ALA C 91 35.80 20.24 1.44
C ALA C 91 35.69 21.13 0.21
N VAL C 92 36.13 20.61 -0.93
CA VAL C 92 35.97 21.28 -2.21
C VAL C 92 34.86 20.59 -2.99
N LYS C 93 34.40 21.24 -4.05
CA LYS C 93 33.42 20.65 -4.94
C LYS C 93 34.00 19.39 -5.61
N PRO C 94 33.15 18.44 -5.99
CA PRO C 94 33.66 17.13 -6.40
C PRO C 94 34.61 17.16 -7.59
N HIS C 95 34.34 18.01 -8.58
CA HIS C 95 35.22 18.06 -9.74
C HIS C 95 36.56 18.72 -9.45
N ILE C 96 36.74 19.28 -8.26
CA ILE C 96 38.03 19.84 -7.87
C ILE C 96 38.90 18.83 -7.11
N ILE C 97 38.30 17.76 -6.58
CA ILE C 97 39.08 16.76 -5.85
C ILE C 97 40.32 16.29 -6.63
N PRO C 98 40.21 15.88 -7.91
CA PRO C 98 41.43 15.41 -8.61
C PRO C 98 42.50 16.48 -8.74
N PHE C 99 42.13 17.74 -8.99
CA PHE C 99 43.14 18.79 -9.04
C PHE C 99 43.81 18.97 -7.69
N ILE C 100 43.07 18.80 -6.61
CA ILE C 100 43.62 18.96 -5.27
C ILE C 100 44.59 17.84 -4.95
N LEU C 101 44.18 16.59 -5.22
CA LEU C 101 45.02 15.44 -4.88
C LEU C 101 46.34 15.47 -5.63
N ASP C 102 46.34 15.99 -6.86
CA ASP C 102 47.60 16.14 -7.60
C ASP C 102 48.47 17.21 -6.98
N GLU C 103 47.85 18.29 -6.49
CA GLU C 103 48.62 19.42 -5.97
C GLU C 103 49.34 19.04 -4.68
N ILE C 104 48.66 18.37 -3.76
CA ILE C 104 49.20 18.10 -2.43
C ILE C 104 49.65 16.66 -2.24
N GLY C 105 49.40 15.79 -3.21
CA GLY C 105 49.68 14.37 -3.01
C GLY C 105 51.10 14.08 -2.57
N ALA C 106 52.06 14.89 -3.01
CA ALA C 106 53.45 14.68 -2.62
C ALA C 106 53.72 15.12 -1.19
N ASP C 107 52.85 15.94 -0.60
CA ASP C 107 52.99 16.40 0.77
C ASP C 107 52.30 15.50 1.78
N ILE C 108 51.47 14.56 1.33
CA ILE C 108 50.79 13.65 2.26
C ILE C 108 51.83 12.78 2.95
N GLU C 109 51.77 12.74 4.28
CA GLU C 109 52.73 11.98 5.07
C GLU C 109 52.04 10.79 5.72
N ASP C 110 52.85 9.92 6.34
CA ASP C 110 52.32 8.79 7.08
C ASP C 110 51.30 9.21 8.13
N ARG C 111 51.48 10.39 8.72
CA ARG C 111 50.63 10.79 9.83
C ARG C 111 49.22 11.17 9.40
N HIS C 112 49.00 11.43 8.11
CA HIS C 112 47.76 12.07 7.67
C HIS C 112 46.61 11.09 7.57
N ILE C 113 45.45 11.50 8.04
CA ILE C 113 44.17 10.88 7.69
C ILE C 113 43.45 11.83 6.75
N VAL C 114 43.18 11.37 5.54
CA VAL C 114 42.50 12.19 4.54
C VAL C 114 41.03 11.84 4.58
N VAL C 115 40.18 12.83 4.89
CA VAL C 115 38.74 12.65 5.00
C VAL C 115 38.10 13.42 3.87
N SER C 116 37.55 12.71 2.89
CA SER C 116 36.88 13.35 1.77
C SER C 116 35.40 13.52 2.11
N CYS C 117 34.93 14.76 2.03
CA CYS C 117 33.52 15.06 2.21
C CYS C 117 32.80 15.22 0.87
N ALA C 118 33.51 15.08 -0.24
CA ALA C 118 32.96 15.42 -1.54
C ALA C 118 31.88 14.43 -1.97
N ALA C 119 30.74 14.96 -2.41
CA ALA C 119 29.66 14.11 -2.88
C ALA C 119 30.12 13.22 -4.04
N GLY C 120 29.81 11.93 -3.95
CA GLY C 120 30.02 11.02 -5.04
C GLY C 120 31.43 10.48 -5.23
N VAL C 121 32.45 11.17 -4.71
CA VAL C 121 33.84 10.77 -5.00
C VAL C 121 34.21 9.52 -4.22
N THR C 122 34.68 8.50 -4.94
CA THR C 122 34.91 7.19 -4.33
C THR C 122 36.25 7.11 -3.61
N ILE C 123 36.30 6.24 -2.59
CA ILE C 123 37.57 5.99 -1.90
C ILE C 123 38.60 5.47 -2.89
N SER C 124 38.16 4.65 -3.85
CA SER C 124 39.09 4.10 -4.82
C SER C 124 39.78 5.19 -5.64
N SER C 125 39.00 6.20 -6.09
CA SER C 125 39.59 7.25 -6.92
C SER C 125 40.57 8.12 -6.15
N ILE C 126 40.31 8.34 -4.85
CA ILE C 126 41.24 9.10 -4.03
C ILE C 126 42.51 8.29 -3.77
N GLU C 127 42.36 7.01 -3.42
CA GLU C 127 43.54 6.21 -3.08
C GLU C 127 44.42 5.99 -4.29
N LYS C 128 43.81 5.84 -5.48
CA LYS C 128 44.61 5.67 -6.70
C LYS C 128 45.45 6.91 -6.97
N LYS C 129 44.85 8.10 -6.85
CA LYS C 129 45.58 9.34 -7.12
C LYS C 129 46.71 9.55 -6.11
N LEU C 130 46.43 9.32 -4.82
CA LEU C 130 47.45 9.54 -3.79
C LEU C 130 48.51 8.44 -3.79
N SER C 131 48.14 7.20 -4.16
CA SER C 131 49.12 6.12 -4.15
C SER C 131 50.23 6.31 -5.18
N ALA C 132 50.03 7.18 -6.18
CA ALA C 132 51.13 7.46 -7.09
C ALA C 132 52.29 8.16 -6.40
N PHE C 133 52.03 8.85 -5.28
CA PHE C 133 53.08 9.58 -4.57
C PHE C 133 53.68 8.79 -3.43
N ARG C 134 52.87 8.00 -2.73
CA ARG C 134 53.25 7.38 -1.48
C ARG C 134 52.25 6.25 -1.23
N PRO C 135 52.69 5.02 -1.03
CA PRO C 135 51.75 3.92 -0.85
C PRO C 135 51.08 3.99 0.52
N ALA C 136 49.96 3.30 0.62
CA ALA C 136 49.11 3.19 1.81
C ALA C 136 48.55 4.53 2.33
N PRO C 137 48.02 5.41 1.48
CA PRO C 137 47.34 6.59 2.04
C PRO C 137 46.16 6.16 2.90
N ARG C 138 45.95 6.89 4.01
CA ARG C 138 44.88 6.59 4.96
C ARG C 138 43.71 7.49 4.60
N VAL C 139 42.66 6.90 4.03
CA VAL C 139 41.55 7.64 3.45
C VAL C 139 40.26 7.22 4.12
N ILE C 140 39.42 8.20 4.44
CA ILE C 140 38.08 7.98 4.95
C ILE C 140 37.13 8.82 4.12
N ARG C 141 36.01 8.24 3.73
CA ARG C 141 34.99 8.97 3.01
C ARG C 141 33.83 9.26 3.95
N CYS C 142 33.40 10.51 3.96
CA CYS C 142 32.41 10.97 4.91
C CYS C 142 31.29 11.64 4.15
N MET C 143 30.05 11.41 4.60
CA MET C 143 28.89 12.09 4.04
C MET C 143 28.17 12.73 5.21
N THR C 144 28.16 14.06 5.24
CA THR C 144 27.56 14.78 6.36
C THR C 144 26.54 15.77 5.81
N ASN C 145 26.09 16.72 6.62
CA ASN C 145 25.16 17.71 6.10
C ASN C 145 25.34 19.00 6.89
N THR C 146 24.73 20.08 6.41
CA THR C 146 24.98 21.38 7.00
C THR C 146 24.52 21.52 8.46
N PRO C 147 23.52 20.78 8.99
CA PRO C 147 23.15 20.98 10.40
C PRO C 147 24.21 20.59 11.42
N VAL C 148 25.39 20.09 11.01
CA VAL C 148 26.49 20.02 11.96
C VAL C 148 26.77 21.39 12.56
N VAL C 149 26.36 22.46 11.85
CA VAL C 149 26.60 23.81 12.32
C VAL C 149 25.85 24.08 13.62
N VAL C 150 24.75 23.38 13.87
CA VAL C 150 24.05 23.44 15.17
C VAL C 150 24.16 22.11 15.91
N ARG C 151 25.19 21.32 15.59
CA ARG C 151 25.50 20.06 16.28
C ARG C 151 24.35 19.06 16.20
N GLU C 152 23.60 19.10 15.10
CA GLU C 152 22.54 18.12 14.87
C GLU C 152 22.69 17.52 13.48
N GLY C 153 23.94 17.31 13.05
CA GLY C 153 24.18 16.71 11.77
C GLY C 153 23.80 15.24 11.71
N ALA C 154 23.82 14.72 10.49
CA ALA C 154 23.61 13.31 10.21
C ALA C 154 24.78 12.90 9.34
N THR C 155 25.66 12.07 9.87
CA THR C 155 26.91 11.74 9.20
C THR C 155 27.07 10.24 9.10
N VAL C 156 27.59 9.76 7.97
CA VAL C 156 28.06 8.40 7.84
C VAL C 156 29.47 8.48 7.28
N TYR C 157 30.25 7.43 7.51
CA TYR C 157 31.59 7.38 6.95
C TYR C 157 31.93 5.95 6.57
N ALA C 158 32.81 5.79 5.58
CA ALA C 158 33.38 4.50 5.21
C ALA C 158 34.89 4.58 5.31
N THR C 159 35.52 3.50 5.79
CA THR C 159 36.97 3.48 5.96
C THR C 159 37.63 2.88 4.74
N GLY C 160 38.79 3.43 4.37
CA GLY C 160 39.49 3.01 3.18
C GLY C 160 40.34 1.78 3.41
N THR C 161 41.06 1.40 2.36
CA THR C 161 41.88 0.20 2.39
C THR C 161 42.96 0.26 3.47
N HIS C 162 43.58 1.43 3.64
CA HIS C 162 44.74 1.56 4.52
C HIS C 162 44.44 2.34 5.80
N ALA C 163 43.17 2.66 6.05
CA ALA C 163 42.82 3.25 7.33
C ALA C 163 42.94 2.20 8.43
N GLN C 164 43.61 2.56 9.51
CA GLN C 164 43.67 1.66 10.66
C GLN C 164 42.35 1.69 11.42
N VAL C 165 42.21 0.78 12.38
CA VAL C 165 41.00 0.71 13.19
C VAL C 165 40.82 1.98 14.01
N GLU C 166 41.90 2.44 14.66
CA GLU C 166 41.81 3.67 15.44
C GLU C 166 41.41 4.86 14.57
N ASP C 167 41.69 4.82 13.27
CA ASP C 167 41.29 5.92 12.40
C ASP C 167 39.77 6.05 12.34
N GLY C 168 39.07 4.91 12.18
CA GLY C 168 37.62 4.95 12.13
C GLY C 168 37.01 5.36 13.45
N ARG C 169 37.53 4.81 14.55
CA ARG C 169 37.04 5.19 15.88
C ARG C 169 37.26 6.66 16.14
N LEU C 170 38.41 7.19 15.72
CA LEU C 170 38.70 8.62 15.87
C LEU C 170 37.69 9.46 15.12
N MET C 171 37.45 9.14 13.85
CA MET C 171 36.48 9.92 13.07
C MET C 171 35.09 9.82 13.66
N GLU C 172 34.71 8.63 14.16
CA GLU C 172 33.39 8.51 14.76
C GLU C 172 33.28 9.36 16.02
N GLN C 173 34.33 9.40 16.83
CA GLN C 173 34.34 10.27 18.00
C GLN C 173 34.20 11.73 17.60
N LEU C 174 35.01 12.17 16.63
CA LEU C 174 34.95 13.55 16.17
C LEU C 174 33.57 13.91 15.65
N LEU C 175 33.03 13.11 14.73
CA LEU C 175 31.78 13.48 14.07
C LEU C 175 30.54 13.24 14.94
N SER C 176 30.61 12.35 15.92
CA SER C 176 29.55 12.19 16.91
C SER C 176 29.33 13.44 17.75
N SER C 177 30.34 14.30 17.87
CA SER C 177 30.16 15.51 18.67
C SER C 177 29.32 16.57 17.97
N VAL C 178 29.05 16.43 16.66
CA VAL C 178 28.26 17.40 15.92
C VAL C 178 26.99 16.79 15.34
N GLY C 179 26.62 15.58 15.77
CA GLY C 179 25.39 14.96 15.35
C GLY C 179 25.48 13.44 15.44
N PHE C 180 24.53 12.80 14.80
CA PHE C 180 24.54 11.35 14.67
C PHE C 180 25.66 10.94 13.73
N CYS C 181 26.36 9.87 14.07
CA CYS C 181 27.43 9.38 13.22
C CYS C 181 27.47 7.86 13.28
N THR C 182 27.62 7.21 12.12
CA THR C 182 27.77 5.77 12.11
C THR C 182 28.58 5.35 10.90
N GLU C 183 29.26 4.21 11.03
CA GLU C 183 30.02 3.65 9.92
C GLU C 183 29.09 2.87 8.99
N VAL C 184 29.32 2.99 7.67
CA VAL C 184 28.60 2.21 6.68
C VAL C 184 29.57 1.65 5.66
N GLU C 185 29.10 0.63 4.94
CA GLU C 185 29.78 0.22 3.72
C GLU C 185 29.68 1.35 2.69
N GLU C 186 30.74 1.52 1.90
CA GLU C 186 30.80 2.67 0.99
C GLU C 186 29.66 2.68 0.00
N ASP C 187 29.14 1.51 -0.40
CA ASP C 187 28.10 1.54 -1.42
C ASP C 187 26.77 2.08 -0.94
N LEU C 188 26.60 2.36 0.37
CA LEU C 188 25.39 3.02 0.83
C LEU C 188 25.48 4.55 0.73
N ILE C 189 26.67 5.11 0.51
CA ILE C 189 26.87 6.53 0.79
C ILE C 189 26.11 7.41 -0.21
N ASP C 190 26.03 7.01 -1.47
CA ASP C 190 25.28 7.83 -2.44
C ASP C 190 23.80 7.91 -2.08
N ALA C 191 23.24 6.81 -1.56
CA ALA C 191 21.86 6.82 -1.07
C ALA C 191 21.71 7.69 0.18
N VAL C 192 22.67 7.64 1.09
CA VAL C 192 22.61 8.54 2.26
C VAL C 192 22.59 9.99 1.80
N MET C 193 23.42 10.32 0.81
CA MET C 193 23.43 11.68 0.23
C MET C 193 22.03 12.10 -0.22
N GLY C 194 21.32 11.20 -0.90
CA GLY C 194 19.98 11.54 -1.34
C GLY C 194 19.00 11.76 -0.21
N LEU C 195 19.23 11.13 0.94
CA LEU C 195 18.30 11.19 2.08
C LEU C 195 18.70 12.31 3.05
N SER C 196 19.83 12.17 3.74
CA SER C 196 20.19 13.16 4.73
C SER C 196 21.14 14.23 4.21
N GLY C 197 21.86 13.99 3.11
CA GLY C 197 22.71 15.04 2.56
C GLY C 197 21.91 16.16 1.92
N SER C 198 20.94 15.81 1.07
CA SER C 198 20.00 16.73 0.45
C SER C 198 18.78 17.00 1.34
N GLY C 199 18.55 16.14 2.34
CA GLY C 199 17.38 16.27 3.19
C GLY C 199 17.11 17.64 3.80
N PRO C 200 18.14 18.35 4.29
CA PRO C 200 17.86 19.70 4.82
C PRO C 200 17.16 20.59 3.81
N ALA C 201 17.51 20.46 2.52
CA ALA C 201 16.86 21.29 1.50
C ALA C 201 15.39 20.93 1.32
N TYR C 202 15.04 19.64 1.38
CA TYR C 202 13.64 19.24 1.40
C TYR C 202 12.92 19.87 2.58
N ALA C 203 13.57 19.89 3.74
CA ALA C 203 12.96 20.46 4.94
C ALA C 203 12.81 21.97 4.83
N PHE C 204 13.82 22.68 4.29
CA PHE C 204 13.66 24.12 4.16
C PHE C 204 12.54 24.47 3.18
N THR C 205 12.37 23.67 2.12
CA THR C 205 11.26 23.87 1.18
C THR C 205 9.92 23.65 1.87
N ALA C 206 9.82 22.58 2.64
CA ALA C 206 8.59 22.26 3.35
C ALA C 206 8.25 23.32 4.39
N LEU C 207 9.27 23.88 5.04
CA LEU C 207 9.03 24.91 6.07
C LEU C 207 8.58 26.22 5.45
N ASP C 208 9.17 26.61 4.32
CA ASP C 208 8.68 27.77 3.58
C ASP C 208 7.21 27.58 3.17
N ALA C 209 6.86 26.39 2.68
CA ALA C 209 5.48 26.12 2.23
C ALA C 209 4.50 26.07 3.40
N LEU C 210 4.85 25.37 4.48
CA LEU C 210 3.98 25.35 5.66
C LEU C 210 3.76 26.75 6.22
N ALA C 211 4.81 27.59 6.18
CA ALA C 211 4.66 28.97 6.63
C ALA C 211 3.73 29.76 5.71
N ASP C 212 3.86 29.58 4.39
CA ASP C 212 2.90 30.20 3.46
C ASP C 212 1.47 29.76 3.79
N GLY C 213 1.28 28.49 4.12
CA GLY C 213 -0.06 28.02 4.48
C GLY C 213 -0.58 28.67 5.75
N GLY C 214 0.28 28.80 6.77
CA GLY C 214 -0.11 29.54 7.96
C GLY C 214 -0.47 30.99 7.68
N VAL C 215 0.32 31.65 6.82
CA VAL C 215 0.01 33.04 6.42
C VAL C 215 -1.32 33.09 5.65
N LYS C 216 -1.56 32.14 4.74
CA LYS C 216 -2.84 32.14 4.03
C LYS C 216 -4.02 32.07 5.00
N MET C 217 -3.88 31.28 6.06
CA MET C 217 -4.95 31.12 7.06
C MET C 217 -4.90 32.20 8.14
N GLY C 218 -4.05 33.23 8.01
CA GLY C 218 -4.13 34.41 8.86
C GLY C 218 -3.03 34.60 9.88
N LEU C 219 -1.99 33.75 9.90
CA LEU C 219 -0.90 33.90 10.86
C LEU C 219 0.13 34.92 10.37
N PRO C 220 0.71 35.70 11.28
CA PRO C 220 1.90 36.49 10.93
C PRO C 220 3.02 35.59 10.44
N ARG C 221 3.75 36.04 9.42
CA ARG C 221 4.80 35.22 8.83
CA ARG C 221 4.79 35.21 8.82
C ARG C 221 5.80 34.74 9.87
N ARG C 222 6.22 35.64 10.76
CA ARG C 222 7.26 35.30 11.72
C ARG C 222 6.79 34.22 12.69
N LEU C 223 5.55 34.35 13.19
CA LEU C 223 5.00 33.28 14.02
C LEU C 223 4.83 31.98 13.23
N ALA C 224 4.39 32.04 11.96
CA ALA C 224 4.20 30.82 11.20
C ALA C 224 5.52 30.09 10.96
N VAL C 225 6.60 30.82 10.71
CA VAL C 225 7.90 30.17 10.53
C VAL C 225 8.34 29.49 11.82
N ARG C 226 8.15 30.18 12.97
CA ARG C 226 8.56 29.63 14.25
CA ARG C 226 8.56 29.63 14.25
C ARG C 226 7.76 28.37 14.59
N LEU C 227 6.43 28.42 14.39
CA LEU C 227 5.58 27.29 14.72
C LEU C 227 5.82 26.12 13.79
N GLY C 228 6.00 26.38 12.48
CA GLY C 228 6.24 25.29 11.57
C GLY C 228 7.56 24.59 11.85
N ALA C 229 8.62 25.37 12.11
CA ALA C 229 9.92 24.76 12.41
C ALA C 229 9.87 24.00 13.73
N GLN C 230 9.19 24.55 14.75
CA GLN C 230 9.08 23.86 16.03
C GLN C 230 8.31 22.55 15.88
N ALA C 231 7.26 22.54 15.05
CA ALA C 231 6.49 21.31 14.86
C ALA C 231 7.34 20.24 14.20
N LEU C 232 8.10 20.63 13.17
CA LEU C 232 8.96 19.67 12.48
C LEU C 232 10.06 19.16 13.41
N LEU C 233 10.68 20.05 14.19
CA LEU C 233 11.72 19.61 15.12
C LEU C 233 11.14 18.66 16.15
N GLY C 234 9.99 19.01 16.74
CA GLY C 234 9.42 18.17 17.78
C GLY C 234 9.01 16.79 17.27
N ALA C 235 8.43 16.74 16.07
CA ALA C 235 8.03 15.46 15.50
C ALA C 235 9.24 14.58 15.22
N ALA C 236 10.30 15.18 14.68
CA ALA C 236 11.51 14.42 14.41
C ALA C 236 12.13 13.91 15.70
N LYS C 237 12.14 14.74 16.74
CA LYS C 237 12.65 14.28 18.02
C LYS C 237 11.79 13.17 18.58
N MET C 238 10.46 13.31 18.50
CA MET C 238 9.57 12.24 18.96
C MET C 238 9.91 10.92 18.28
N LEU C 239 10.13 10.95 16.97
CA LEU C 239 10.45 9.72 16.25
C LEU C 239 11.80 9.16 16.70
N LEU C 240 12.80 10.02 16.86
CA LEU C 240 14.12 9.54 17.28
C LEU C 240 14.07 8.90 18.67
N HIS C 241 13.21 9.40 19.57
CA HIS C 241 13.13 8.92 20.94
C HIS C 241 12.13 7.79 21.13
N SER C 242 11.40 7.40 20.09
CA SER C 242 10.34 6.40 20.21
C SER C 242 10.77 5.09 19.56
N GLU C 243 10.24 3.99 20.07
CA GLU C 243 10.41 2.71 19.40
C GLU C 243 9.29 2.43 18.40
N GLN C 244 8.39 3.40 18.18
CA GLN C 244 7.20 3.18 17.39
C GLN C 244 7.43 3.56 15.93
N HIS C 245 6.69 2.87 15.05
CA HIS C 245 6.69 3.20 13.64
C HIS C 245 6.15 4.62 13.46
N PRO C 246 6.65 5.38 12.47
CA PRO C 246 6.09 6.73 12.26
C PRO C 246 4.62 6.71 11.90
N GLY C 247 4.11 5.62 11.30
CA GLY C 247 2.68 5.52 11.09
C GLY C 247 1.90 5.46 12.40
N GLN C 248 2.47 4.79 13.42
CA GLN C 248 1.78 4.72 14.71
C GLN C 248 1.78 6.07 15.40
N LEU C 249 2.86 6.83 15.29
CA LEU C 249 2.82 8.18 15.86
C LEU C 249 1.84 9.07 15.12
N LYS C 250 1.69 8.87 13.81
CA LYS C 250 0.72 9.64 13.04
C LYS C 250 -0.71 9.34 13.49
N ASP C 251 -1.00 8.06 13.75
CA ASP C 251 -2.31 7.66 14.27
C ASP C 251 -2.69 8.43 15.53
N ASN C 252 -1.72 8.71 16.40
CA ASN C 252 -1.99 9.39 17.67
C ASN C 252 -2.33 10.85 17.49
N VAL C 253 -1.90 11.47 16.39
CA VAL C 253 -2.31 12.84 16.12
C VAL C 253 -3.70 12.87 15.51
N SER C 254 -4.09 11.79 14.81
CA SER C 254 -5.28 11.81 13.96
C SER C 254 -6.50 11.36 14.77
N SER C 255 -7.17 12.32 15.39
CA SER C 255 -8.44 12.06 16.05
C SER C 255 -9.55 11.76 15.03
N PRO C 256 -10.46 10.83 15.32
CA PRO C 256 -11.47 10.44 14.33
C PRO C 256 -12.36 11.59 13.89
N GLY C 257 -12.52 11.72 12.57
CA GLY C 257 -13.33 12.80 12.01
C GLY C 257 -12.74 14.18 12.13
N GLY C 258 -11.50 14.32 12.59
CA GLY C 258 -10.97 15.61 13.00
C GLY C 258 -10.22 16.35 11.91
N ALA C 259 -9.65 17.50 12.32
CA ALA C 259 -9.01 18.38 11.34
C ALA C 259 -7.75 17.73 10.79
N THR C 260 -7.02 16.99 11.62
CA THR C 260 -5.75 16.46 11.16
C THR C 260 -5.93 15.39 10.08
N ILE C 261 -6.87 14.45 10.28
CA ILE C 261 -7.07 13.39 9.30
C ILE C 261 -7.63 13.96 8.00
N HIS C 262 -8.43 15.03 8.06
CA HIS C 262 -8.82 15.74 6.84
C HIS C 262 -7.60 16.33 6.12
N ALA C 263 -6.66 16.92 6.86
CA ALA C 263 -5.47 17.49 6.23
C ALA C 263 -4.61 16.40 5.60
N LEU C 264 -4.48 15.24 6.28
CA LEU C 264 -3.68 14.15 5.74
C LEU C 264 -4.25 13.62 4.44
N HIS C 265 -5.59 13.57 4.33
CA HIS C 265 -6.18 13.14 3.07
C HIS C 265 -5.74 14.02 1.90
N VAL C 266 -5.70 15.35 2.07
CA VAL C 266 -5.31 16.20 0.94
C VAL C 266 -3.84 16.00 0.62
N LEU C 267 -2.99 15.71 1.61
CA LEU C 267 -1.61 15.34 1.28
C LEU C 267 -1.56 14.07 0.47
N GLU C 268 -2.31 13.03 0.88
CA GLU C 268 -2.35 11.79 0.12
C GLU C 268 -2.89 11.99 -1.29
N SER C 269 -3.93 12.83 -1.45
CA SER C 269 -4.49 13.02 -2.78
C SER C 269 -3.49 13.64 -3.73
N GLY C 270 -2.52 14.40 -3.21
CA GLY C 270 -1.48 14.94 -4.07
C GLY C 270 -0.27 14.04 -4.29
N GLY C 271 -0.28 12.84 -3.72
CA GLY C 271 0.90 11.98 -3.85
C GLY C 271 2.11 12.50 -3.12
N PHE C 272 1.90 13.21 -2.00
CA PHE C 272 2.97 13.71 -1.15
C PHE C 272 4.08 12.69 -0.91
N ARG C 273 3.70 11.47 -0.50
CA ARG C 273 4.71 10.45 -0.20
C ARG C 273 5.58 10.17 -1.41
N SER C 274 4.95 10.02 -2.58
CA SER C 274 5.70 9.70 -3.78
CA SER C 274 5.70 9.70 -3.79
C SER C 274 6.66 10.81 -4.19
N LEU C 275 6.32 12.08 -3.92
CA LEU C 275 7.23 13.17 -4.27
C LEU C 275 8.54 13.08 -3.48
N LEU C 276 8.44 12.79 -2.17
CA LEU C 276 9.63 12.67 -1.34
C LEU C 276 10.46 11.45 -1.75
N ILE C 277 9.80 10.34 -2.11
CA ILE C 277 10.55 9.21 -2.66
C ILE C 277 11.24 9.62 -3.96
N ASN C 278 10.52 10.33 -4.84
CA ASN C 278 11.11 10.87 -6.07
C ASN C 278 12.36 11.68 -5.78
N ALA C 279 12.31 12.54 -4.75
CA ALA C 279 13.43 13.42 -4.42
C ALA C 279 14.69 12.62 -4.03
N VAL C 280 14.54 11.67 -3.09
CA VAL C 280 15.69 10.87 -2.67
C VAL C 280 16.28 10.15 -3.86
N GLU C 281 15.42 9.56 -4.67
CA GLU C 281 15.86 8.86 -5.88
C GLU C 281 16.62 9.79 -6.82
N ALA C 282 16.06 10.98 -7.08
CA ALA C 282 16.70 11.89 -8.04
C ALA C 282 18.09 12.33 -7.56
N SER C 283 18.20 12.65 -6.27
CA SER C 283 19.48 13.07 -5.71
C SER C 283 20.49 11.93 -5.79
N CYS C 284 20.09 10.73 -5.38
CA CYS C 284 20.99 9.59 -5.46
C CYS C 284 21.41 9.32 -6.91
N ILE C 285 20.45 9.39 -7.85
CA ILE C 285 20.77 9.09 -9.26
C ILE C 285 21.73 10.13 -9.85
N ARG C 286 21.49 11.41 -9.58
CA ARG C 286 22.39 12.45 -10.04
C ARG C 286 23.81 12.25 -9.49
N THR C 287 23.92 11.91 -8.21
CA THR C 287 25.22 11.67 -7.60
C THR C 287 25.98 10.56 -8.34
N ARG C 288 25.28 9.49 -8.71
CA ARG C 288 25.91 8.40 -9.45
C ARG C 288 26.28 8.84 -10.87
N GLU C 289 25.36 9.56 -11.53
CA GLU C 289 25.62 10.10 -12.86
C GLU C 289 26.89 10.93 -12.89
N LEU C 290 27.03 11.85 -11.95
CA LEU C 290 28.18 12.72 -11.95
C LEU C 290 29.47 11.93 -11.78
N GLN C 291 29.47 10.95 -10.86
CA GLN C 291 30.68 10.17 -10.64
C GLN C 291 30.99 9.25 -11.82
N SER C 292 29.99 8.91 -12.63
CA SER C 292 30.24 8.16 -13.86
C SER C 292 30.96 9.02 -14.89
N MET C 293 30.59 10.30 -15.00
CA MET C 293 31.31 11.20 -15.88
C MET C 293 32.75 11.39 -15.42
N ALA C 294 32.97 11.49 -14.11
CA ALA C 294 34.32 11.62 -13.57
C ALA C 294 35.17 10.41 -13.93
N ASP C 295 34.66 9.20 -13.66
CA ASP C 295 35.37 7.97 -14.02
C ASP C 295 35.74 7.98 -15.50
N GLN C 296 34.74 8.05 -16.38
CA GLN C 296 34.97 8.11 -17.83
C GLN C 296 35.17 9.55 -18.31
N GLU D 16 8.98 29.66 39.72
CA GLU D 16 8.27 28.47 39.26
C GLU D 16 7.78 27.68 40.46
N ASN D 17 8.65 27.55 41.48
CA ASN D 17 8.28 26.83 42.68
C ASN D 17 6.96 27.34 43.23
N LEU D 18 6.81 28.67 43.31
CA LEU D 18 5.58 29.24 43.83
C LEU D 18 4.38 28.85 42.98
N TYR D 19 4.51 28.94 41.65
CA TYR D 19 3.41 28.56 40.77
C TYR D 19 3.04 27.09 40.94
N PHE D 20 4.03 26.21 41.08
CA PHE D 20 3.83 24.78 40.87
C PHE D 20 3.95 23.91 42.11
N GLN D 21 4.46 24.43 43.24
CA GLN D 21 4.80 23.55 44.36
C GLN D 21 3.58 22.79 44.87
N SER D 22 2.46 23.48 45.03
CA SER D 22 1.24 22.86 45.53
C SER D 22 0.11 22.89 44.50
N MET D 23 0.43 23.12 43.23
CA MET D 23 -0.58 23.14 42.18
C MET D 23 -0.99 21.71 41.81
N SER D 24 -2.28 21.48 41.67
CA SER D 24 -2.78 20.23 41.15
C SER D 24 -3.42 20.46 39.78
N VAL D 25 -3.23 19.51 38.89
CA VAL D 25 -3.67 19.60 37.50
C VAL D 25 -4.64 18.46 37.23
N GLY D 26 -5.70 18.76 36.50
CA GLY D 26 -6.68 17.75 36.14
C GLY D 26 -6.89 17.72 34.65
N PHE D 27 -7.17 16.52 34.14
CA PHE D 27 -7.48 16.33 32.73
C PHE D 27 -8.88 15.74 32.61
N ILE D 28 -9.78 16.48 31.97
CA ILE D 28 -11.04 15.92 31.52
C ILE D 28 -10.78 15.28 30.17
N GLY D 29 -10.80 13.96 30.12
CA GLY D 29 -10.32 13.19 28.98
C GLY D 29 -8.97 12.58 29.31
N ALA D 30 -8.75 11.36 28.85
CA ALA D 30 -7.53 10.62 29.15
C ALA D 30 -6.98 9.97 27.89
N GLY D 31 -6.97 10.72 26.79
CA GLY D 31 -6.52 10.24 25.51
C GLY D 31 -5.10 10.65 25.21
N GLN D 32 -4.82 10.85 23.91
CA GLN D 32 -3.44 11.05 23.46
C GLN D 32 -2.87 12.37 23.96
N LEU D 33 -3.65 13.44 23.93
CA LEU D 33 -3.12 14.73 24.36
C LEU D 33 -2.91 14.75 25.87
N ALA D 34 -3.86 14.19 26.63
CA ALA D 34 -3.71 14.11 28.08
C ALA D 34 -2.47 13.32 28.46
N PHE D 35 -2.25 12.16 27.83
CA PHE D 35 -1.03 11.42 28.10
C PHE D 35 0.21 12.24 27.75
N ALA D 36 0.19 12.90 26.58
CA ALA D 36 1.38 13.63 26.12
C ALA D 36 1.74 14.77 27.06
N LEU D 37 0.75 15.58 27.44
CA LEU D 37 1.02 16.68 28.37
C LEU D 37 1.45 16.15 29.72
N ALA D 38 0.80 15.09 30.21
CA ALA D 38 1.20 14.54 31.50
C ALA D 38 2.62 14.01 31.45
N LYS D 39 2.98 13.32 30.36
CA LYS D 39 4.35 12.83 30.26
C LYS D 39 5.35 13.99 30.23
N GLY D 40 5.05 15.03 29.43
CA GLY D 40 5.94 16.17 29.35
C GLY D 40 6.07 16.93 30.66
N PHE D 41 4.95 17.17 31.35
CA PHE D 41 5.01 17.91 32.60
C PHE D 41 5.85 17.17 33.64
N THR D 42 5.68 15.86 33.76
CA THR D 42 6.43 15.12 34.78
C THR D 42 7.89 14.98 34.37
N ALA D 43 8.17 14.77 33.09
CA ALA D 43 9.55 14.71 32.63
C ALA D 43 10.25 16.05 32.84
N ALA D 44 9.54 17.14 32.64
CA ALA D 44 10.11 18.46 32.91
C ALA D 44 10.38 18.69 34.40
N GLY D 45 9.74 17.91 35.28
CA GLY D 45 9.87 18.10 36.71
C GLY D 45 9.00 19.19 37.30
N VAL D 46 8.07 19.75 36.53
CA VAL D 46 7.22 20.78 37.10
C VAL D 46 6.13 20.17 37.96
N LEU D 47 5.62 18.98 37.60
CA LEU D 47 4.55 18.33 38.33
C LEU D 47 4.95 16.89 38.67
N ALA D 48 4.61 16.46 39.88
CA ALA D 48 4.70 15.05 40.25
C ALA D 48 3.44 14.31 39.76
N ALA D 49 3.64 13.11 39.20
CA ALA D 49 2.55 12.40 38.54
C ALA D 49 1.35 12.16 39.45
N HIS D 50 1.57 12.02 40.75
CA HIS D 50 0.45 11.73 41.64
C HIS D 50 -0.42 12.95 41.91
N LYS D 51 0.09 14.16 41.66
CA LYS D 51 -0.70 15.39 41.76
C LYS D 51 -1.50 15.67 40.49
N ILE D 52 -1.48 14.76 39.53
CA ILE D 52 -2.28 14.86 38.32
C ILE D 52 -3.42 13.85 38.40
N MET D 53 -4.59 14.23 37.94
CA MET D 53 -5.75 13.35 37.88
C MET D 53 -6.35 13.41 36.47
N ALA D 54 -6.81 12.28 35.98
CA ALA D 54 -7.45 12.21 34.66
C ALA D 54 -8.72 11.38 34.77
N SER D 55 -9.71 11.76 33.97
CA SER D 55 -10.99 11.08 33.99
C SER D 55 -11.40 10.68 32.58
N SER D 56 -12.08 9.54 32.49
CA SER D 56 -12.48 8.99 31.20
C SER D 56 -13.64 8.03 31.43
N PRO D 57 -14.63 8.01 30.55
CA PRO D 57 -15.67 6.97 30.66
C PRO D 57 -15.21 5.59 30.21
N ASP D 58 -14.15 5.50 29.39
CA ASP D 58 -13.63 4.23 28.89
C ASP D 58 -12.24 4.03 29.45
N MET D 59 -12.10 3.08 30.38
CA MET D 59 -10.79 2.74 30.93
C MET D 59 -10.02 1.75 30.06
N ASP D 60 -10.62 1.26 28.97
CA ASP D 60 -9.97 0.28 28.10
C ASP D 60 -9.11 0.92 27.01
N LEU D 61 -8.45 2.03 27.31
CA LEU D 61 -7.57 2.69 26.36
C LEU D 61 -6.11 2.45 26.74
N ALA D 62 -5.25 2.52 25.73
CA ALA D 62 -3.82 2.40 25.99
C ALA D 62 -3.27 3.63 26.69
N THR D 63 -3.89 4.79 26.46
CA THR D 63 -3.43 6.01 27.13
C THR D 63 -3.71 5.94 28.63
N VAL D 64 -4.87 5.41 29.01
CA VAL D 64 -5.19 5.28 30.44
C VAL D 64 -4.23 4.32 31.12
N SER D 65 -3.85 3.24 30.43
CA SER D 65 -2.84 2.33 30.95
C SER D 65 -1.50 3.03 31.14
N ALA D 66 -1.06 3.78 30.14
CA ALA D 66 0.21 4.51 30.25
C ALA D 66 0.15 5.53 31.38
N LEU D 67 -0.95 6.27 31.50
CA LEU D 67 -1.09 7.22 32.59
C LEU D 67 -1.02 6.53 33.95
N ARG D 68 -1.64 5.36 34.06
CA ARG D 68 -1.65 4.66 35.35
C ARG D 68 -0.25 4.19 35.74
N LYS D 69 0.50 3.63 34.78
CA LYS D 69 1.89 3.24 35.05
C LYS D 69 2.77 4.45 35.35
N MET D 70 2.39 5.63 34.86
CA MET D 70 3.07 6.87 35.23
C MET D 70 2.85 7.25 36.69
N GLY D 71 1.80 6.73 37.32
CA GLY D 71 1.40 7.18 38.64
C GLY D 71 0.29 8.21 38.64
N VAL D 72 -0.29 8.52 37.49
CA VAL D 72 -1.39 9.47 37.42
C VAL D 72 -2.65 8.83 38.00
N LYS D 73 -3.34 9.56 38.87
CA LYS D 73 -4.61 9.08 39.42
C LYS D 73 -5.69 9.11 38.34
N LEU D 74 -6.45 8.01 38.25
CA LEU D 74 -7.51 7.87 37.25
C LEU D 74 -8.86 7.73 37.95
N THR D 75 -9.90 8.21 37.27
CA THR D 75 -11.26 8.08 37.79
C THR D 75 -12.22 8.13 36.61
N PRO D 76 -13.38 7.49 36.72
CA PRO D 76 -14.41 7.64 35.68
C PRO D 76 -15.21 8.93 35.81
N HIS D 77 -15.12 9.63 36.94
CA HIS D 77 -16.02 10.73 37.26
C HIS D 77 -15.33 12.07 37.03
N ASN D 78 -15.80 12.82 36.03
CA ASN D 78 -15.26 14.14 35.74
C ASN D 78 -15.40 15.10 36.93
N LYS D 79 -16.46 14.93 37.73
CA LYS D 79 -16.63 15.77 38.91
C LYS D 79 -15.54 15.52 39.94
N GLU D 80 -15.00 14.29 40.01
CA GLU D 80 -13.88 14.03 40.90
C GLU D 80 -12.62 14.75 40.42
N THR D 81 -12.37 14.74 39.12
CA THR D 81 -11.24 15.50 38.58
C THR D 81 -11.38 16.99 38.88
N VAL D 82 -12.60 17.52 38.75
CA VAL D 82 -12.82 18.94 39.04
C VAL D 82 -12.53 19.24 40.51
N GLN D 83 -13.00 18.40 41.42
CA GLN D 83 -12.82 18.65 42.84
C GLN D 83 -11.34 18.63 43.25
N HIS D 84 -10.52 17.84 42.56
CA HIS D 84 -9.14 17.66 42.98
C HIS D 84 -8.14 18.46 42.15
N SER D 85 -8.58 19.51 41.45
CA SER D 85 -7.73 20.23 40.51
C SER D 85 -7.77 21.73 40.72
N ASP D 86 -6.63 22.39 40.50
CA ASP D 86 -6.54 23.84 40.39
C ASP D 86 -6.66 24.26 38.92
N VAL D 87 -5.80 23.70 38.08
CA VAL D 87 -5.81 23.93 36.64
C VAL D 87 -6.48 22.73 36.00
N LEU D 88 -7.50 22.98 35.21
CA LEU D 88 -8.33 21.94 34.60
C LEU D 88 -8.18 22.01 33.08
N PHE D 89 -7.51 21.01 32.50
CA PHE D 89 -7.43 20.90 31.05
C PHE D 89 -8.63 20.13 30.52
N LEU D 90 -9.30 20.69 29.52
CA LEU D 90 -10.36 19.97 28.81
C LEU D 90 -9.71 19.30 27.60
N ALA D 91 -9.44 18.00 27.70
CA ALA D 91 -8.75 17.31 26.63
C ALA D 91 -9.68 16.32 25.94
N VAL D 92 -10.79 16.83 25.39
CA VAL D 92 -11.79 16.03 24.70
C VAL D 92 -12.07 16.65 23.34
N LYS D 93 -12.74 15.88 22.49
CA LYS D 93 -13.10 16.36 21.17
C LYS D 93 -13.99 17.60 21.29
N PRO D 94 -13.92 18.51 20.30
CA PRO D 94 -14.70 19.76 20.40
C PRO D 94 -16.17 19.55 20.67
N HIS D 95 -16.79 18.56 20.02
CA HIS D 95 -18.22 18.31 20.18
C HIS D 95 -18.59 17.85 21.58
N ILE D 96 -17.64 17.28 22.34
CA ILE D 96 -17.95 16.86 23.70
C ILE D 96 -17.93 18.04 24.68
N ILE D 97 -17.29 19.15 24.32
CA ILE D 97 -17.05 20.22 25.28
C ILE D 97 -18.34 20.74 25.91
N PRO D 98 -19.36 21.15 25.15
CA PRO D 98 -20.56 21.73 25.80
C PRO D 98 -21.30 20.75 26.70
N PHE D 99 -21.26 19.45 26.41
CA PHE D 99 -21.85 18.48 27.33
C PHE D 99 -21.02 18.36 28.60
N ILE D 100 -19.69 18.46 28.49
CA ILE D 100 -18.82 18.46 29.68
C ILE D 100 -19.14 19.67 30.55
N LEU D 101 -19.28 20.85 29.92
CA LEU D 101 -19.50 22.07 30.68
C LEU D 101 -20.84 22.02 31.41
N ASP D 102 -21.86 21.46 30.77
CA ASP D 102 -23.14 21.26 31.45
C ASP D 102 -22.99 20.31 32.63
N GLU D 103 -22.09 19.33 32.53
CA GLU D 103 -21.98 18.31 33.58
C GLU D 103 -21.28 18.83 34.83
N ILE D 104 -20.13 19.49 34.67
CA ILE D 104 -19.33 19.90 35.81
C ILE D 104 -19.43 21.41 36.07
N GLY D 105 -20.33 22.10 35.37
CA GLY D 105 -20.42 23.54 35.51
C GLY D 105 -20.78 23.98 36.91
N ALA D 106 -21.64 23.22 37.59
CA ALA D 106 -22.00 23.54 38.96
C ALA D 106 -20.84 23.36 39.93
N ASP D 107 -19.75 22.72 39.51
CA ASP D 107 -18.61 22.45 40.38
C ASP D 107 -17.43 23.39 40.15
N ILE D 108 -17.45 24.19 39.08
CA ILE D 108 -16.38 25.16 38.83
C ILE D 108 -16.45 26.27 39.86
N GLU D 109 -15.31 26.55 40.51
CA GLU D 109 -15.25 27.55 41.56
C GLU D 109 -14.28 28.66 41.18
N ASP D 110 -14.18 29.66 42.05
CA ASP D 110 -13.31 30.79 41.79
C ASP D 110 -11.88 30.34 41.56
N ARG D 111 -11.45 29.30 42.27
CA ARG D 111 -10.06 28.86 42.19
C ARG D 111 -9.70 28.24 40.83
N HIS D 112 -10.67 27.83 40.03
CA HIS D 112 -10.35 27.03 38.85
C HIS D 112 -9.86 27.90 37.70
N ILE D 113 -8.85 27.41 37.00
CA ILE D 113 -8.50 27.88 35.66
C ILE D 113 -8.89 26.77 34.69
N VAL D 114 -9.84 27.06 33.81
CA VAL D 114 -10.33 26.10 32.82
C VAL D 114 -9.55 26.33 31.54
N VAL D 115 -8.78 25.32 31.14
CA VAL D 115 -7.93 25.40 29.96
C VAL D 115 -8.50 24.45 28.93
N SER D 116 -9.03 25.01 27.85
CA SER D 116 -9.59 24.20 26.79
C SER D 116 -8.53 23.95 25.73
N CYS D 117 -8.35 22.68 25.36
CA CYS D 117 -7.40 22.30 24.33
C CYS D 117 -8.02 22.09 22.96
N ALA D 118 -9.34 22.06 22.86
CA ALA D 118 -10.01 21.78 21.60
C ALA D 118 -9.89 22.94 20.62
N ALA D 119 -9.74 22.62 19.34
CA ALA D 119 -9.83 23.66 18.32
C ALA D 119 -11.28 23.95 17.98
N GLY D 120 -11.52 25.18 17.53
CA GLY D 120 -12.85 25.60 17.12
C GLY D 120 -13.87 25.73 18.21
N VAL D 121 -13.46 25.71 19.48
CA VAL D 121 -14.35 25.98 20.61
C VAL D 121 -13.92 27.33 21.18
N THR D 122 -14.76 28.34 21.04
CA THR D 122 -14.36 29.68 21.43
C THR D 122 -14.43 29.88 22.94
N ILE D 123 -13.59 30.81 23.43
CA ILE D 123 -13.67 31.26 24.81
C ILE D 123 -15.06 31.78 25.13
N SER D 124 -15.67 32.51 24.19
CA SER D 124 -17.01 33.05 24.42
C SER D 124 -18.00 31.94 24.73
N SER D 125 -17.94 30.82 24.02
CA SER D 125 -18.94 29.77 24.23
C SER D 125 -18.73 29.07 25.56
N ILE D 126 -17.48 28.79 25.93
CA ILE D 126 -17.17 28.21 27.23
C ILE D 126 -17.61 29.14 28.37
N GLU D 127 -17.30 30.43 28.23
CA GLU D 127 -17.65 31.38 29.29
C GLU D 127 -19.16 31.53 29.41
N LYS D 128 -19.88 31.49 28.29
CA LYS D 128 -21.34 31.57 28.35
C LYS D 128 -21.90 30.38 29.13
N LYS D 129 -21.42 29.17 28.84
CA LYS D 129 -21.87 27.99 29.56
C LYS D 129 -21.58 28.11 31.06
N LEU D 130 -20.33 28.39 31.41
CA LEU D 130 -19.96 28.39 32.82
C LEU D 130 -20.52 29.57 33.58
N SER D 131 -20.76 30.72 32.93
CA SER D 131 -21.28 31.88 33.64
CA SER D 131 -21.27 31.88 33.65
C SER D 131 -22.73 31.70 34.05
N ALA D 132 -23.45 30.76 33.45
CA ALA D 132 -24.80 30.49 33.92
C ALA D 132 -24.77 29.86 35.31
N PHE D 133 -23.63 29.26 35.73
CA PHE D 133 -23.51 28.70 37.06
C PHE D 133 -22.86 29.65 38.05
N ARG D 134 -21.77 30.29 37.68
CA ARG D 134 -21.06 31.19 38.57
C ARG D 134 -20.41 32.27 37.72
N PRO D 135 -20.48 33.52 38.13
CA PRO D 135 -19.91 34.59 37.30
C PRO D 135 -18.39 34.51 37.26
N ALA D 136 -17.82 35.11 36.22
CA ALA D 136 -16.38 35.27 36.09
C ALA D 136 -15.58 33.97 36.07
N PRO D 137 -15.95 32.95 35.29
CA PRO D 137 -15.07 31.79 35.15
C PRO D 137 -13.76 32.20 34.50
N ARG D 138 -12.65 31.64 34.97
CA ARG D 138 -11.32 31.92 34.42
C ARG D 138 -11.03 30.88 33.35
N VAL D 139 -11.00 31.32 32.09
CA VAL D 139 -10.90 30.41 30.95
C VAL D 139 -9.70 30.81 30.10
N ILE D 140 -8.93 29.82 29.68
CA ILE D 140 -7.81 30.01 28.78
C ILE D 140 -7.95 28.98 27.67
N ARG D 141 -7.70 29.41 26.44
CA ARG D 141 -7.65 28.50 25.29
C ARG D 141 -6.21 28.17 24.99
N CYS D 142 -5.93 26.90 24.78
CA CYS D 142 -4.59 26.40 24.53
C CYS D 142 -4.62 25.62 23.23
N MET D 143 -3.54 25.72 22.45
CA MET D 143 -3.37 24.89 21.27
C MET D 143 -1.96 24.35 21.34
N THR D 144 -1.82 23.04 21.54
CA THR D 144 -0.49 22.46 21.71
C THR D 144 -0.36 21.30 20.75
N ASN D 145 0.63 20.45 20.92
CA ASN D 145 0.78 19.32 20.01
C ASN D 145 1.53 18.21 20.75
N THR D 146 1.58 17.02 20.13
CA THR D 146 2.05 15.87 20.88
C THR D 146 3.54 15.93 21.23
N PRO D 147 4.41 16.66 20.51
CA PRO D 147 5.83 16.68 20.92
C PRO D 147 6.12 17.33 22.29
N VAL D 148 5.12 17.83 23.02
CA VAL D 148 5.36 18.14 24.42
C VAL D 148 5.84 16.90 25.17
N VAL D 149 5.56 15.70 24.64
CA VAL D 149 5.94 14.46 25.32
C VAL D 149 7.45 14.31 25.39
N VAL D 150 8.20 14.93 24.46
CA VAL D 150 9.65 15.05 24.53
C VAL D 150 10.08 16.50 24.78
N ARG D 151 9.16 17.32 25.29
CA ARG D 151 9.44 18.69 25.70
C ARG D 151 9.90 19.56 24.54
N GLU D 152 9.34 19.31 23.36
CA GLU D 152 9.59 20.13 22.17
C GLU D 152 8.29 20.51 21.52
N GLY D 153 7.27 20.76 22.33
CA GLY D 153 5.98 21.17 21.79
C GLY D 153 6.02 22.55 21.20
N ALA D 154 4.93 22.87 20.50
CA ALA D 154 4.68 24.19 19.93
C ALA D 154 3.32 24.62 20.45
N THR D 155 3.29 25.59 21.35
CA THR D 155 2.05 25.92 22.06
C THR D 155 1.74 27.40 21.94
N VAL D 156 0.47 27.73 21.77
CA VAL D 156 0.00 29.10 21.90
C VAL D 156 -1.19 29.08 22.88
N TYR D 157 -1.48 30.23 23.47
CA TYR D 157 -2.64 30.32 24.35
C TYR D 157 -3.25 31.70 24.23
N ALA D 158 -4.57 31.79 24.49
CA ALA D 158 -5.27 33.06 24.57
C ALA D 158 -6.04 33.12 25.89
N THR D 159 -6.04 34.29 26.54
CA THR D 159 -6.69 34.44 27.83
C THR D 159 -8.11 34.96 27.66
N GLY D 160 -9.01 34.49 28.53
CA GLY D 160 -10.40 34.88 28.51
C GLY D 160 -10.66 36.18 29.25
N THR D 161 -11.95 36.53 29.29
CA THR D 161 -12.37 37.82 29.82
C THR D 161 -12.05 37.97 31.30
N HIS D 162 -12.13 36.89 32.06
CA HIS D 162 -11.98 36.93 33.52
C HIS D 162 -10.66 36.34 33.99
N ALA D 163 -9.79 35.93 33.08
CA ALA D 163 -8.49 35.43 33.49
C ALA D 163 -7.70 36.55 34.17
N GLN D 164 -7.12 36.24 35.32
CA GLN D 164 -6.38 37.25 36.07
C GLN D 164 -4.95 37.38 35.53
N VAL D 165 -4.23 38.37 36.07
CA VAL D 165 -2.88 38.68 35.59
C VAL D 165 -1.97 37.47 35.70
N GLU D 166 -1.93 36.84 36.88
CA GLU D 166 -1.09 35.68 37.09
C GLU D 166 -1.53 34.47 36.28
N ASP D 167 -2.73 34.48 35.69
CA ASP D 167 -3.22 33.29 35.00
C ASP D 167 -2.48 33.05 33.69
N GLY D 168 -2.35 34.11 32.87
CA GLY D 168 -1.56 33.99 31.66
C GLY D 168 -0.11 33.69 31.95
N ARG D 169 0.44 34.31 33.00
CA ARG D 169 1.85 34.09 33.32
C ARG D 169 2.08 32.67 33.81
N LEU D 170 1.13 32.13 34.59
CA LEU D 170 1.21 30.75 35.05
C LEU D 170 1.17 29.78 33.87
N MET D 171 0.20 29.97 32.97
CA MET D 171 0.07 29.13 31.78
CA MET D 171 0.10 29.08 31.82
C MET D 171 1.33 29.17 30.92
N GLU D 172 1.87 30.38 30.74
CA GLU D 172 3.10 30.55 29.96
C GLU D 172 4.25 29.73 30.56
N GLN D 173 4.42 29.79 31.88
CA GLN D 173 5.50 29.03 32.50
C GLN D 173 5.23 27.53 32.45
N LEU D 174 3.99 27.11 32.68
CA LEU D 174 3.68 25.69 32.62
C LEU D 174 3.97 25.14 31.21
N LEU D 175 3.44 25.80 30.19
CA LEU D 175 3.57 25.27 28.82
C LEU D 175 4.97 25.50 28.24
N SER D 176 5.72 26.48 28.76
CA SER D 176 7.10 26.67 28.34
C SER D 176 8.00 25.54 28.82
N SER D 177 7.63 24.84 29.90
CA SER D 177 8.48 23.75 30.35
C SER D 177 8.47 22.55 29.40
N VAL D 178 7.55 22.50 28.44
CA VAL D 178 7.47 21.39 27.50
C VAL D 178 7.63 21.85 26.04
N GLY D 179 8.13 23.05 25.82
CA GLY D 179 8.41 23.48 24.46
C GLY D 179 8.24 24.98 24.30
N PHE D 180 8.08 25.40 23.04
CA PHE D 180 7.86 26.80 22.73
C PHE D 180 6.45 27.20 23.12
N CYS D 181 6.29 28.41 23.63
CA CYS D 181 4.97 28.86 24.06
C CYS D 181 4.89 30.37 23.98
N THR D 182 3.81 30.91 23.40
CA THR D 182 3.63 32.36 23.34
C THR D 182 2.14 32.67 23.38
N GLU D 183 1.81 33.87 23.87
CA GLU D 183 0.42 34.31 23.87
C GLU D 183 0.02 34.82 22.49
N VAL D 184 -1.21 34.51 22.07
CA VAL D 184 -1.75 35.02 20.81
C VAL D 184 -3.17 35.52 21.05
N GLU D 185 -3.64 36.36 20.13
CA GLU D 185 -5.06 36.66 20.05
C GLU D 185 -5.83 35.38 19.72
N GLU D 186 -7.05 35.28 20.25
CA GLU D 186 -7.82 34.05 20.07
C GLU D 186 -8.10 33.75 18.60
N ASP D 187 -8.24 34.78 17.76
CA ASP D 187 -8.59 34.52 16.37
C ASP D 187 -7.48 33.80 15.58
N LEU D 188 -6.28 33.67 16.13
CA LEU D 188 -5.22 32.94 15.46
C LEU D 188 -5.21 31.45 15.76
N ILE D 189 -5.96 31.00 16.78
CA ILE D 189 -5.74 29.67 17.35
C ILE D 189 -6.11 28.57 16.35
N ASP D 190 -7.18 28.74 15.58
CA ASP D 190 -7.56 27.69 14.66
C ASP D 190 -6.53 27.53 13.53
N ALA D 191 -5.90 28.63 13.11
CA ALA D 191 -4.84 28.58 12.12
C ALA D 191 -3.59 27.91 12.67
N VAL D 192 -3.29 28.14 13.97
CA VAL D 192 -2.17 27.45 14.60
C VAL D 192 -2.41 25.94 14.64
N MET D 193 -3.66 25.53 14.91
CA MET D 193 -4.00 24.11 14.82
C MET D 193 -3.67 23.52 13.46
N GLY D 194 -3.98 24.26 12.38
CA GLY D 194 -3.73 23.71 11.06
C GLY D 194 -2.26 23.57 10.76
N LEU D 195 -1.44 24.41 11.39
CA LEU D 195 0.01 24.44 11.17
C LEU D 195 0.74 23.53 12.16
N SER D 196 0.75 23.90 13.44
CA SER D 196 1.54 23.12 14.39
C SER D 196 0.73 22.10 15.19
N GLY D 197 -0.59 22.23 15.28
CA GLY D 197 -1.38 21.19 15.92
C GLY D 197 -1.43 19.92 15.06
N SER D 198 -1.77 20.07 13.79
CA SER D 198 -1.73 18.98 12.83
C SER D 198 -0.33 18.73 12.30
N GLY D 199 0.58 19.70 12.43
CA GLY D 199 1.91 19.58 11.86
C GLY D 199 2.67 18.29 12.11
N PRO D 200 2.68 17.74 13.33
CA PRO D 200 3.47 16.51 13.53
C PRO D 200 3.05 15.38 12.62
N ALA D 201 1.74 15.29 12.32
CA ALA D 201 1.25 14.26 11.42
C ALA D 201 1.80 14.45 10.00
N TYR D 202 1.93 15.71 9.55
CA TYR D 202 2.59 15.98 8.26
C TYR D 202 4.02 15.50 8.30
N ALA D 203 4.72 15.79 9.40
CA ALA D 203 6.12 15.37 9.53
C ALA D 203 6.26 13.85 9.59
N PHE D 204 5.36 13.15 10.31
CA PHE D 204 5.47 11.69 10.36
C PHE D 204 5.19 11.05 9.00
N THR D 205 4.22 11.60 8.25
CA THR D 205 4.02 11.17 6.86
C THR D 205 5.27 11.37 6.01
N ALA D 206 5.87 12.55 6.10
CA ALA D 206 7.08 12.84 5.33
C ALA D 206 8.22 11.91 5.71
N LEU D 207 8.38 11.65 7.01
CA LEU D 207 9.50 10.80 7.46
C LEU D 207 9.31 9.36 7.01
N ASP D 208 8.07 8.88 7.04
CA ASP D 208 7.81 7.53 6.52
C ASP D 208 8.17 7.44 5.04
N ALA D 209 7.80 8.47 4.26
CA ALA D 209 8.07 8.49 2.82
C ALA D 209 9.56 8.68 2.51
N LEU D 210 10.24 9.57 3.24
CA LEU D 210 11.69 9.71 3.05
C LEU D 210 12.42 8.42 3.35
N ALA D 211 12.00 7.71 4.40
CA ALA D 211 12.60 6.41 4.70
C ALA D 211 12.34 5.40 3.57
N ASP D 212 11.13 5.41 2.99
CA ASP D 212 10.85 4.56 1.83
C ASP D 212 11.79 4.90 0.69
N GLY D 213 12.06 6.19 0.48
CA GLY D 213 12.97 6.59 -0.56
C GLY D 213 14.37 6.07 -0.30
N GLY D 214 14.85 6.22 0.94
CA GLY D 214 16.14 5.63 1.31
C GLY D 214 16.19 4.14 1.06
N VAL D 215 15.13 3.42 1.45
CA VAL D 215 15.05 1.98 1.21
C VAL D 215 15.07 1.66 -0.27
N LYS D 216 14.31 2.41 -1.09
CA LYS D 216 14.33 2.18 -2.53
C LYS D 216 15.74 2.29 -3.09
N MET D 217 16.54 3.21 -2.55
CA MET D 217 17.89 3.43 -3.05
C MET D 217 18.93 2.56 -2.35
N GLY D 218 18.53 1.62 -1.49
CA GLY D 218 19.47 0.63 -0.97
C GLY D 218 19.75 0.69 0.52
N LEU D 219 19.16 1.61 1.27
CA LEU D 219 19.49 1.70 2.69
C LEU D 219 18.63 0.73 3.52
N PRO D 220 19.22 0.12 4.54
CA PRO D 220 18.41 -0.55 5.57
C PRO D 220 17.36 0.39 6.13
N ARG D 221 16.16 -0.15 6.38
CA ARG D 221 15.05 0.70 6.84
CA ARG D 221 15.04 0.68 6.85
C ARG D 221 15.37 1.37 8.17
N ARG D 222 15.99 0.64 9.09
CA ARG D 222 16.33 1.24 10.39
C ARG D 222 17.24 2.46 10.21
N LEU D 223 18.26 2.34 9.36
CA LEU D 223 19.14 3.47 9.10
C LEU D 223 18.42 4.60 8.38
N ALA D 224 17.55 4.26 7.41
CA ALA D 224 16.87 5.31 6.66
C ALA D 224 15.97 6.15 7.57
N VAL D 225 15.27 5.50 8.51
CA VAL D 225 14.41 6.23 9.45
C VAL D 225 15.24 7.16 10.34
N ARG D 226 16.37 6.67 10.84
CA ARG D 226 17.22 7.47 11.71
C ARG D 226 17.78 8.69 10.97
N LEU D 227 18.30 8.47 9.76
CA LEU D 227 18.89 9.55 8.97
C LEU D 227 17.85 10.59 8.55
N GLY D 228 16.69 10.14 8.09
CA GLY D 228 15.65 11.06 7.68
C GLY D 228 15.19 11.94 8.83
N ALA D 229 14.94 11.32 9.99
CA ALA D 229 14.50 12.08 11.16
C ALA D 229 15.59 13.04 11.64
N GLN D 230 16.85 12.59 11.64
CA GLN D 230 17.93 13.47 12.06
C GLN D 230 18.10 14.65 11.10
N ALA D 231 17.92 14.40 9.80
CA ALA D 231 18.01 15.48 8.81
C ALA D 231 16.93 16.52 9.05
N LEU D 232 15.69 16.07 9.29
CA LEU D 232 14.60 17.00 9.55
C LEU D 232 14.83 17.78 10.86
N LEU D 233 15.19 17.07 11.92
CA LEU D 233 15.48 17.71 13.20
C LEU D 233 16.59 18.75 13.05
N GLY D 234 17.68 18.38 12.38
CA GLY D 234 18.76 19.34 12.21
C GLY D 234 18.37 20.54 11.37
N ALA D 235 17.61 20.32 10.30
CA ALA D 235 17.22 21.43 9.43
C ALA D 235 16.30 22.39 10.19
N ALA D 236 15.36 21.83 10.96
CA ALA D 236 14.46 22.66 11.76
C ALA D 236 15.22 23.45 12.80
N LYS D 237 16.19 22.83 13.47
CA LYS D 237 17.01 23.58 14.42
C LYS D 237 17.79 24.68 13.74
N MET D 238 18.36 24.40 12.55
CA MET D 238 19.10 25.40 11.78
C MET D 238 18.24 26.63 11.52
N LEU D 239 17.01 26.42 11.06
CA LEU D 239 16.13 27.54 10.77
C LEU D 239 15.80 28.32 12.04
N LEU D 240 15.57 27.61 13.15
CA LEU D 240 15.25 28.28 14.41
C LEU D 240 16.42 29.12 14.90
N HIS D 241 17.65 28.71 14.62
CA HIS D 241 18.83 29.44 15.08
C HIS D 241 19.35 30.45 14.08
N SER D 242 18.84 30.47 12.87
CA SER D 242 19.35 31.38 11.86
C SER D 242 18.40 32.56 11.68
N GLU D 243 18.96 33.71 11.35
CA GLU D 243 18.14 34.85 10.98
C GLU D 243 17.79 34.87 9.48
N GLN D 244 18.18 33.84 8.73
CA GLN D 244 18.08 33.86 7.28
C GLN D 244 16.76 33.23 6.82
N HIS D 245 16.33 33.66 5.64
CA HIS D 245 15.09 33.14 5.08
C HIS D 245 15.26 31.67 4.68
N PRO D 246 14.22 30.84 4.83
CA PRO D 246 14.33 29.42 4.45
C PRO D 246 14.86 29.21 3.03
N GLY D 247 14.53 30.09 2.09
CA GLY D 247 15.06 29.95 0.75
C GLY D 247 16.55 30.20 0.68
N GLN D 248 17.07 31.11 1.51
CA GLN D 248 18.51 31.32 1.54
C GLN D 248 19.23 30.12 2.12
N LEU D 249 18.66 29.48 3.15
CA LEU D 249 19.30 28.26 3.66
C LEU D 249 19.25 27.16 2.61
N LYS D 250 18.14 27.04 1.89
CA LYS D 250 18.06 26.09 0.79
C LYS D 250 19.16 26.34 -0.24
N ASP D 251 19.41 27.61 -0.57
CA ASP D 251 20.44 27.96 -1.55
C ASP D 251 21.84 27.54 -1.08
N ASN D 252 22.14 27.67 0.22
CA ASN D 252 23.43 27.23 0.72
C ASN D 252 23.64 25.73 0.57
N VAL D 253 22.57 24.96 0.46
CA VAL D 253 22.68 23.51 0.35
C VAL D 253 22.66 23.01 -1.10
N SER D 254 22.25 23.84 -2.06
CA SER D 254 22.03 23.36 -3.43
C SER D 254 23.11 23.94 -4.35
N SER D 255 24.14 23.14 -4.60
CA SER D 255 25.24 23.58 -5.44
C SER D 255 24.91 23.43 -6.93
N PRO D 256 25.50 24.26 -7.79
CA PRO D 256 25.15 24.25 -9.22
C PRO D 256 25.34 22.89 -9.86
N GLY D 257 24.30 22.44 -10.56
CA GLY D 257 24.31 21.15 -11.23
C GLY D 257 24.24 19.94 -10.34
N GLY D 258 24.13 20.11 -9.02
CA GLY D 258 24.33 19.02 -8.09
C GLY D 258 23.11 18.16 -7.80
N ALA D 259 23.30 17.23 -6.88
CA ALA D 259 22.25 16.26 -6.55
C ALA D 259 21.06 16.94 -5.90
N THR D 260 21.31 17.90 -5.03
CA THR D 260 20.21 18.52 -4.28
C THR D 260 19.28 19.32 -5.18
N ILE D 261 19.85 20.12 -6.09
CA ILE D 261 18.99 20.94 -6.96
C ILE D 261 18.20 20.05 -7.93
N HIS D 262 18.77 18.91 -8.34
CA HIS D 262 18.00 17.96 -9.12
C HIS D 262 16.81 17.40 -8.34
N ALA D 263 17.01 17.10 -7.05
CA ALA D 263 15.92 16.60 -6.22
C ALA D 263 14.88 17.68 -5.94
N LEU D 264 15.32 18.92 -5.71
CA LEU D 264 14.35 20.00 -5.52
C LEU D 264 13.47 20.17 -6.75
N HIS D 265 14.01 20.00 -7.96
CA HIS D 265 13.17 20.10 -9.15
C HIS D 265 12.03 19.09 -9.12
N VAL D 266 12.31 17.82 -8.76
CA VAL D 266 11.19 16.87 -8.80
C VAL D 266 10.17 17.16 -7.69
N LEU D 267 10.59 17.74 -6.56
CA LEU D 267 9.61 18.22 -5.59
C LEU D 267 8.72 19.30 -6.20
N GLU D 268 9.34 20.30 -6.86
CA GLU D 268 8.58 21.37 -7.50
C GLU D 268 7.64 20.83 -8.58
N SER D 269 8.09 19.83 -9.34
CA SER D 269 7.26 19.34 -10.44
C SER D 269 5.97 18.68 -9.94
N GLY D 270 5.98 18.13 -8.73
CA GLY D 270 4.77 17.59 -8.11
C GLY D 270 3.96 18.58 -7.29
N GLY D 271 4.32 19.86 -7.28
CA GLY D 271 3.56 20.82 -6.47
C GLY D 271 3.70 20.53 -4.99
N PHE D 272 4.88 20.10 -4.55
CA PHE D 272 5.17 19.81 -3.15
C PHE D 272 4.72 20.94 -2.22
N ARG D 273 5.09 22.18 -2.57
CA ARG D 273 4.74 23.31 -1.71
C ARG D 273 3.23 23.45 -1.58
N SER D 274 2.52 23.31 -2.69
CA SER D 274 1.08 23.51 -2.64
C SER D 274 0.37 22.44 -1.83
N LEU D 275 0.92 21.23 -1.77
CA LEU D 275 0.30 20.19 -0.95
C LEU D 275 0.33 20.56 0.53
N LEU D 276 1.44 21.13 0.98
CA LEU D 276 1.56 21.54 2.38
C LEU D 276 0.64 22.72 2.67
N ILE D 277 0.51 23.67 1.73
CA ILE D 277 -0.44 24.76 1.92
C ILE D 277 -1.87 24.20 1.95
N ASN D 278 -2.17 23.27 1.03
CA ASN D 278 -3.48 22.60 1.03
C ASN D 278 -3.76 21.97 2.38
N ALA D 279 -2.75 21.32 2.99
CA ALA D 279 -2.94 20.62 4.26
C ALA D 279 -3.30 21.59 5.39
N VAL D 280 -2.52 22.66 5.55
CA VAL D 280 -2.81 23.66 6.59
C VAL D 280 -4.21 24.22 6.41
N GLU D 281 -4.57 24.53 5.16
CA GLU D 281 -5.89 25.09 4.89
C GLU D 281 -7.00 24.08 5.16
N ALA D 282 -6.79 22.81 4.77
CA ALA D 282 -7.81 21.80 4.97
C ALA D 282 -8.07 21.56 6.46
N SER D 283 -7.00 21.56 7.27
CA SER D 283 -7.17 21.40 8.71
C SER D 283 -7.98 22.56 9.27
N CYS D 284 -7.65 23.79 8.86
CA CYS D 284 -8.38 24.96 9.35
CA CYS D 284 -8.39 24.97 9.33
C CYS D 284 -9.82 24.94 8.88
N ILE D 285 -10.06 24.58 7.61
CA ILE D 285 -11.43 24.52 7.09
C ILE D 285 -12.25 23.50 7.87
N ARG D 286 -11.67 22.33 8.17
CA ARG D 286 -12.41 21.32 8.92
C ARG D 286 -12.75 21.80 10.33
N THR D 287 -11.80 22.45 11.00
CA THR D 287 -12.08 23.01 12.32
C THR D 287 -13.24 23.98 12.26
N ARG D 288 -13.29 24.83 11.23
CA ARG D 288 -14.40 25.76 11.10
C ARG D 288 -15.73 25.03 10.91
N GLU D 289 -15.75 23.95 10.13
CA GLU D 289 -17.04 23.36 9.86
C GLU D 289 -17.52 22.52 11.05
N LEU D 290 -16.58 21.95 11.82
CA LEU D 290 -16.95 21.37 13.10
C LEU D 290 -17.58 22.43 14.00
N GLN D 291 -16.98 23.63 14.05
CA GLN D 291 -17.47 24.69 14.93
C GLN D 291 -18.87 25.15 14.51
N SER D 292 -19.15 25.22 13.21
CA SER D 292 -20.48 25.60 12.75
C SER D 292 -21.51 24.50 12.95
N MET D 293 -21.07 23.25 13.10
CA MET D 293 -21.99 22.17 13.45
C MET D 293 -22.50 22.34 14.88
N ALA D 294 -21.61 22.68 15.81
CA ALA D 294 -22.01 23.03 17.17
C ALA D 294 -22.83 24.32 17.16
N ASP D 295 -22.19 25.44 16.80
CA ASP D 295 -22.87 26.72 16.66
C ASP D 295 -23.80 26.75 15.45
N GLN E 21 -18.04 -30.19 -49.10
CA GLN E 21 -18.77 -31.24 -48.39
C GLN E 21 -17.84 -32.35 -47.93
N SER E 22 -17.12 -32.96 -48.88
CA SER E 22 -16.12 -34.00 -48.60
C SER E 22 -14.88 -33.46 -47.87
N MET E 23 -14.99 -32.25 -47.35
CA MET E 23 -13.86 -31.58 -46.70
C MET E 23 -13.74 -32.00 -45.25
N SER E 24 -12.53 -32.41 -44.86
CA SER E 24 -12.21 -32.74 -43.49
C SER E 24 -11.34 -31.64 -42.90
N VAL E 25 -11.70 -31.16 -41.72
CA VAL E 25 -11.02 -30.07 -41.07
C VAL E 25 -10.42 -30.57 -39.76
N GLY E 26 -9.20 -30.14 -39.45
CA GLY E 26 -8.57 -30.49 -38.20
C GLY E 26 -8.10 -29.27 -37.44
N PHE E 27 -8.01 -29.42 -36.12
CA PHE E 27 -7.47 -28.39 -35.24
C PHE E 27 -6.31 -28.97 -34.43
N ILE E 28 -5.13 -28.36 -34.55
CA ILE E 28 -4.03 -28.64 -33.64
C ILE E 28 -4.17 -27.67 -32.47
N GLY E 29 -4.55 -28.19 -31.31
CA GLY E 29 -4.98 -27.36 -30.20
C GLY E 29 -6.48 -27.55 -30.05
N ALA E 30 -6.94 -27.63 -28.80
CA ALA E 30 -8.36 -27.83 -28.54
C ALA E 30 -8.81 -26.90 -27.43
N GLY E 31 -8.42 -25.64 -27.56
CA GLY E 31 -8.67 -24.59 -26.61
C GLY E 31 -9.81 -23.69 -27.03
N GLN E 32 -9.72 -22.41 -26.65
CA GLN E 32 -10.85 -21.52 -26.84
C GLN E 32 -11.12 -21.25 -28.33
N LEU E 33 -10.06 -21.03 -29.13
CA LEU E 33 -10.29 -20.67 -30.53
C LEU E 33 -10.87 -21.86 -31.29
N ALA E 34 -10.31 -23.04 -31.08
CA ALA E 34 -10.79 -24.23 -31.79
C ALA E 34 -12.25 -24.51 -31.45
N PHE E 35 -12.65 -24.35 -30.19
CA PHE E 35 -14.04 -24.50 -29.84
C PHE E 35 -14.89 -23.45 -30.55
N ALA E 36 -14.47 -22.19 -30.47
CA ALA E 36 -15.24 -21.11 -31.07
C ALA E 36 -15.46 -21.35 -32.56
N LEU E 37 -14.40 -21.72 -33.28
CA LEU E 37 -14.52 -21.93 -34.72
C LEU E 37 -15.36 -23.15 -35.03
N ALA E 38 -15.14 -24.26 -34.31
CA ALA E 38 -15.91 -25.47 -34.58
C ALA E 38 -17.38 -25.27 -34.24
N LYS E 39 -17.66 -24.56 -33.17
CA LYS E 39 -19.04 -24.23 -32.82
C LYS E 39 -19.68 -23.34 -33.89
N GLY E 40 -18.94 -22.33 -34.38
CA GLY E 40 -19.48 -21.48 -35.42
C GLY E 40 -19.69 -22.23 -36.73
N PHE E 41 -18.69 -23.04 -37.14
CA PHE E 41 -18.80 -23.82 -38.37
C PHE E 41 -19.98 -24.77 -38.36
N THR E 42 -20.18 -25.49 -37.24
CA THR E 42 -21.28 -26.46 -37.21
C THR E 42 -22.64 -25.77 -37.05
N ALA E 43 -22.69 -24.70 -36.28
CA ALA E 43 -23.92 -23.91 -36.21
C ALA E 43 -24.28 -23.32 -37.57
N ALA E 44 -23.28 -22.88 -38.33
CA ALA E 44 -23.53 -22.33 -39.66
C ALA E 44 -24.01 -23.39 -40.64
N GLY E 45 -23.73 -24.66 -40.39
CA GLY E 45 -24.11 -25.72 -41.30
C GLY E 45 -23.13 -25.99 -42.42
N VAL E 46 -21.96 -25.35 -42.43
CA VAL E 46 -21.02 -25.59 -43.53
C VAL E 46 -20.18 -26.83 -43.27
N LEU E 47 -20.10 -27.27 -42.03
CA LEU E 47 -19.27 -28.40 -41.62
C LEU E 47 -20.10 -29.22 -40.65
N ALA E 48 -20.17 -30.52 -40.87
CA ALA E 48 -20.74 -31.42 -39.90
C ALA E 48 -19.67 -31.75 -38.86
N ALA E 49 -20.08 -31.86 -37.60
CA ALA E 49 -19.10 -32.05 -36.53
C ALA E 49 -18.23 -33.26 -36.77
N HIS E 50 -18.76 -34.30 -37.40
CA HIS E 50 -18.00 -35.52 -37.58
C HIS E 50 -16.89 -35.39 -38.62
N LYS E 51 -16.87 -34.29 -39.37
CA LYS E 51 -15.79 -34.00 -40.31
C LYS E 51 -14.68 -33.18 -39.67
N ILE E 52 -14.77 -32.93 -38.36
CA ILE E 52 -13.80 -32.11 -37.63
C ILE E 52 -13.11 -33.00 -36.61
N MET E 53 -11.78 -32.89 -36.55
CA MET E 53 -10.98 -33.55 -35.52
C MET E 53 -10.14 -32.50 -34.82
N ALA E 54 -10.01 -32.61 -33.51
CA ALA E 54 -9.16 -31.72 -32.73
C ALA E 54 -8.29 -32.56 -31.81
N SER E 55 -7.08 -32.05 -31.53
CA SER E 55 -6.11 -32.77 -30.71
C SER E 55 -5.57 -31.86 -29.63
N SER E 56 -5.25 -32.47 -28.49
CA SER E 56 -4.71 -31.75 -27.34
C SER E 56 -3.99 -32.76 -26.46
N PRO E 57 -2.89 -32.37 -25.82
CA PRO E 57 -2.28 -33.29 -24.84
C PRO E 57 -3.16 -33.48 -23.62
N ASP E 58 -3.79 -32.42 -23.13
CA ASP E 58 -4.67 -32.49 -21.98
C ASP E 58 -6.08 -32.80 -22.47
N MET E 59 -6.41 -34.10 -22.51
CA MET E 59 -7.74 -34.54 -22.96
C MET E 59 -8.82 -34.30 -21.92
N ASP E 60 -8.50 -33.67 -20.80
CA ASP E 60 -9.48 -33.39 -19.76
C ASP E 60 -9.83 -31.91 -19.66
N LEU E 61 -9.41 -31.10 -20.64
CA LEU E 61 -9.73 -29.68 -20.64
C LEU E 61 -11.23 -29.48 -20.86
N ALA E 62 -11.73 -28.31 -20.42
CA ALA E 62 -13.15 -28.01 -20.53
C ALA E 62 -13.57 -27.84 -22.00
N THR E 63 -12.71 -27.23 -22.81
CA THR E 63 -13.03 -27.09 -24.22
C THR E 63 -13.03 -28.43 -24.93
N VAL E 64 -12.19 -29.37 -24.49
CA VAL E 64 -12.21 -30.71 -25.07
C VAL E 64 -13.54 -31.40 -24.79
N SER E 65 -14.06 -31.26 -23.57
CA SER E 65 -15.35 -31.88 -23.23
C SER E 65 -16.45 -31.31 -24.10
N ALA E 66 -16.46 -30.00 -24.30
CA ALA E 66 -17.48 -29.35 -25.11
C ALA E 66 -17.46 -29.85 -26.55
N LEU E 67 -16.26 -29.92 -27.15
CA LEU E 67 -16.14 -30.43 -28.52
C LEU E 67 -16.64 -31.86 -28.62
N ARG E 68 -16.32 -32.70 -27.63
CA ARG E 68 -16.81 -34.07 -27.63
C ARG E 68 -18.34 -34.10 -27.66
N LYS E 69 -18.98 -33.22 -26.89
CA LYS E 69 -20.44 -33.17 -26.87
C LYS E 69 -21.01 -32.83 -28.24
N MET E 70 -20.30 -32.00 -29.02
CA MET E 70 -20.77 -31.57 -30.32
C MET E 70 -20.68 -32.66 -31.38
N GLY E 71 -19.86 -33.69 -31.16
CA GLY E 71 -19.60 -34.68 -32.18
C GLY E 71 -18.26 -34.54 -32.86
N VAL E 72 -17.43 -33.60 -32.43
CA VAL E 72 -16.06 -33.49 -32.94
C VAL E 72 -15.26 -34.70 -32.46
N LYS E 73 -14.50 -35.30 -33.38
CA LYS E 73 -13.60 -36.38 -33.03
C LYS E 73 -12.36 -35.83 -32.31
N LEU E 74 -11.94 -36.52 -31.26
CA LEU E 74 -10.83 -36.05 -30.45
C LEU E 74 -9.76 -37.12 -30.34
N THR E 75 -8.51 -36.66 -30.22
CA THR E 75 -7.35 -37.54 -30.10
C THR E 75 -6.26 -36.78 -29.38
N PRO E 76 -5.37 -37.46 -28.65
CA PRO E 76 -4.21 -36.78 -28.08
C PRO E 76 -3.08 -36.57 -29.08
N HIS E 77 -3.11 -37.26 -30.22
CA HIS E 77 -1.99 -37.31 -31.14
C HIS E 77 -2.19 -36.30 -32.26
N ASN E 78 -1.32 -35.29 -32.33
CA ASN E 78 -1.36 -34.32 -33.41
C ASN E 78 -1.18 -35.00 -34.77
N LYS E 79 -0.47 -36.13 -34.81
CA LYS E 79 -0.29 -36.85 -36.07
C LYS E 79 -1.63 -37.36 -36.60
N GLU E 80 -2.51 -37.82 -35.71
CA GLU E 80 -3.80 -38.33 -36.18
C GLU E 80 -4.63 -37.21 -36.78
N THR E 81 -4.55 -36.01 -36.20
CA THR E 81 -5.27 -34.87 -36.76
C THR E 81 -4.78 -34.52 -38.16
N VAL E 82 -3.47 -34.61 -38.40
CA VAL E 82 -2.94 -34.32 -39.72
C VAL E 82 -3.43 -35.34 -40.75
N GLN E 83 -3.47 -36.62 -40.37
CA GLN E 83 -3.91 -37.65 -41.31
C GLN E 83 -5.39 -37.54 -41.66
N HIS E 84 -6.22 -37.08 -40.71
CA HIS E 84 -7.65 -36.90 -40.95
C HIS E 84 -7.93 -35.69 -41.84
N SER E 85 -7.17 -34.61 -41.68
CA SER E 85 -7.58 -33.31 -42.17
C SER E 85 -7.16 -33.06 -43.62
N ASP E 86 -7.97 -32.29 -44.32
CA ASP E 86 -7.57 -31.58 -45.52
C ASP E 86 -7.13 -30.16 -45.18
N VAL E 87 -7.98 -29.42 -44.49
CA VAL E 87 -7.68 -28.09 -43.97
C VAL E 87 -7.23 -28.26 -42.53
N LEU E 88 -6.03 -27.79 -42.20
CA LEU E 88 -5.44 -27.97 -40.88
C LEU E 88 -5.23 -26.61 -40.22
N PHE E 89 -5.99 -26.35 -39.14
CA PHE E 89 -5.87 -25.13 -38.37
C PHE E 89 -4.87 -25.30 -37.23
N LEU E 90 -3.94 -24.36 -37.11
CA LEU E 90 -3.01 -24.30 -35.99
C LEU E 90 -3.60 -23.34 -34.96
N ALA E 91 -4.15 -23.89 -33.88
CA ALA E 91 -4.79 -23.11 -32.82
C ALA E 91 -4.09 -23.35 -31.47
N VAL E 92 -2.77 -23.39 -31.50
CA VAL E 92 -1.97 -23.42 -30.29
C VAL E 92 -1.40 -22.02 -30.05
N LYS E 93 -0.86 -21.80 -28.86
CA LYS E 93 -0.25 -20.51 -28.54
C LYS E 93 0.98 -20.28 -29.44
N PRO E 94 1.31 -19.01 -29.72
CA PRO E 94 2.32 -18.74 -30.76
C PRO E 94 3.68 -19.34 -30.47
N HIS E 95 4.10 -19.42 -29.21
CA HIS E 95 5.39 -20.03 -28.90
C HIS E 95 5.39 -21.54 -29.04
N ILE E 96 4.24 -22.16 -29.30
CA ILE E 96 4.19 -23.60 -29.53
C ILE E 96 4.19 -23.93 -31.02
N ILE E 97 3.92 -22.95 -31.90
CA ILE E 97 3.90 -23.22 -33.33
C ILE E 97 5.18 -23.90 -33.81
N PRO E 98 6.39 -23.41 -33.49
CA PRO E 98 7.60 -24.10 -33.97
C PRO E 98 7.69 -25.55 -33.55
N PHE E 99 7.28 -25.89 -32.33
CA PHE E 99 7.37 -27.28 -31.89
C PHE E 99 6.32 -28.15 -32.58
N ILE E 100 5.14 -27.58 -32.84
CA ILE E 100 4.13 -28.29 -33.62
C ILE E 100 4.64 -28.59 -35.01
N LEU E 101 5.22 -27.58 -35.67
CA LEU E 101 5.68 -27.74 -37.05
C LEU E 101 6.79 -28.79 -37.13
N ASP E 102 7.70 -28.80 -36.15
CA ASP E 102 8.72 -29.84 -36.12
C ASP E 102 8.11 -31.22 -35.92
N GLU E 103 7.01 -31.30 -35.15
CA GLU E 103 6.42 -32.60 -34.81
C GLU E 103 5.66 -33.22 -35.98
N ILE E 104 4.97 -32.39 -36.77
CA ILE E 104 4.09 -32.87 -37.83
C ILE E 104 4.62 -32.58 -39.22
N GLY E 105 5.73 -31.85 -39.34
CA GLY E 105 6.23 -31.45 -40.64
C GLY E 105 6.33 -32.58 -41.64
N ALA E 106 6.88 -33.73 -41.19
CA ALA E 106 7.04 -34.88 -42.07
C ALA E 106 5.70 -35.43 -42.53
N ASP E 107 4.62 -35.15 -41.81
CA ASP E 107 3.31 -35.70 -42.12
C ASP E 107 2.50 -34.83 -43.07
N ILE E 108 2.93 -33.58 -43.30
CA ILE E 108 2.22 -32.73 -44.26
C ILE E 108 2.34 -33.33 -45.65
N GLU E 109 1.24 -33.24 -46.41
CA GLU E 109 1.18 -33.79 -47.76
C GLU E 109 0.78 -32.71 -48.75
N ASP E 110 0.66 -33.10 -50.02
CA ASP E 110 0.32 -32.14 -51.06
C ASP E 110 -1.12 -31.66 -50.91
N ARG E 111 -1.99 -32.49 -50.33
CA ARG E 111 -3.40 -32.13 -50.20
C ARG E 111 -3.64 -31.08 -49.13
N HIS E 112 -2.68 -30.84 -48.23
CA HIS E 112 -2.95 -30.07 -47.03
C HIS E 112 -2.90 -28.57 -47.27
N ILE E 113 -3.86 -27.87 -46.67
CA ILE E 113 -3.80 -26.42 -46.49
C ILE E 113 -3.59 -26.18 -45.01
N VAL E 114 -2.46 -25.56 -44.67
CA VAL E 114 -2.13 -25.28 -43.28
C VAL E 114 -2.53 -23.85 -42.98
N VAL E 115 -3.46 -23.67 -42.05
CA VAL E 115 -3.98 -22.37 -41.68
C VAL E 115 -3.47 -22.04 -40.30
N SER E 116 -2.54 -21.10 -40.20
CA SER E 116 -2.08 -20.65 -38.89
C SER E 116 -3.01 -19.56 -38.37
N CYS E 117 -3.55 -19.78 -37.17
CA CYS E 117 -4.32 -18.77 -36.46
C CYS E 117 -3.52 -18.06 -35.38
N ALA E 118 -2.25 -18.38 -35.23
CA ALA E 118 -1.49 -17.87 -34.09
C ALA E 118 -1.20 -16.39 -34.26
N ALA E 119 -1.36 -15.66 -33.15
CA ALA E 119 -1.01 -14.24 -33.13
C ALA E 119 0.46 -14.02 -33.56
N GLY E 120 0.65 -13.13 -34.55
CA GLY E 120 1.97 -12.66 -34.92
C GLY E 120 2.86 -13.61 -35.70
N VAL E 121 2.56 -14.92 -35.75
CA VAL E 121 3.45 -15.85 -36.44
C VAL E 121 3.33 -15.66 -37.95
N THR E 122 4.47 -15.43 -38.61
CA THR E 122 4.47 -15.04 -40.01
C THR E 122 4.39 -16.25 -40.94
N ILE E 123 3.95 -15.99 -42.19
CA ILE E 123 3.91 -17.05 -43.19
C ILE E 123 5.31 -17.54 -43.49
N SER E 124 6.27 -16.61 -43.53
CA SER E 124 7.66 -16.98 -43.83
C SER E 124 8.19 -17.99 -42.82
N SER E 125 7.94 -17.75 -41.53
CA SER E 125 8.44 -18.65 -40.50
C SER E 125 7.82 -20.03 -40.60
N ILE E 126 6.52 -20.10 -40.93
CA ILE E 126 5.89 -21.41 -41.08
C ILE E 126 6.39 -22.11 -42.33
N GLU E 127 6.49 -21.38 -43.44
CA GLU E 127 6.93 -22.00 -44.69
C GLU E 127 8.37 -22.48 -44.59
N LYS E 128 9.20 -21.74 -43.86
CA LYS E 128 10.60 -22.18 -43.71
C LYS E 128 10.67 -23.50 -42.96
N LYS E 129 9.87 -23.65 -41.89
CA LYS E 129 9.93 -24.86 -41.08
C LYS E 129 9.35 -26.07 -41.83
N LEU E 130 8.22 -25.87 -42.52
CA LEU E 130 7.60 -26.99 -43.23
C LEU E 130 8.38 -27.39 -44.48
N SER E 131 9.12 -26.45 -45.11
CA SER E 131 9.85 -26.79 -46.33
C SER E 131 11.05 -27.68 -46.07
N ALA E 132 11.53 -27.71 -44.83
CA ALA E 132 12.60 -28.64 -44.48
C ALA E 132 12.17 -30.09 -44.64
N PHE E 133 10.86 -30.35 -44.61
CA PHE E 133 10.35 -31.71 -44.76
C PHE E 133 9.84 -32.01 -46.16
N ARG E 134 9.21 -31.03 -46.80
CA ARG E 134 8.61 -31.25 -48.11
C ARG E 134 8.34 -29.90 -48.76
N PRO E 135 8.74 -29.71 -50.01
CA PRO E 135 8.65 -28.39 -50.64
C PRO E 135 7.21 -28.00 -50.94
N ALA E 136 7.01 -26.68 -51.06
CA ALA E 136 5.73 -26.07 -51.40
C ALA E 136 4.59 -26.39 -50.41
N PRO E 137 4.77 -26.16 -49.10
CA PRO E 137 3.60 -26.21 -48.21
C PRO E 137 2.60 -25.10 -48.56
N ARG E 138 1.32 -25.45 -48.52
CA ARG E 138 0.25 -24.49 -48.80
C ARG E 138 -0.17 -23.89 -47.47
N VAL E 139 0.24 -22.64 -47.23
CA VAL E 139 0.07 -21.98 -45.94
C VAL E 139 -0.82 -20.76 -46.14
N ILE E 140 -1.77 -20.61 -45.25
CA ILE E 140 -2.59 -19.41 -45.16
C ILE E 140 -2.53 -18.92 -43.72
N ARG E 141 -2.39 -17.61 -43.55
CA ARG E 141 -2.36 -17.02 -42.23
C ARG E 141 -3.70 -16.34 -41.97
N CYS E 142 -4.24 -16.60 -40.79
CA CYS E 142 -5.58 -16.20 -40.39
C CYS E 142 -5.50 -15.31 -39.17
N MET E 143 -6.36 -14.28 -39.11
CA MET E 143 -6.53 -13.49 -37.90
C MET E 143 -8.04 -13.37 -37.70
N THR E 144 -8.55 -14.05 -36.68
CA THR E 144 -9.99 -14.05 -36.42
C THR E 144 -10.23 -13.62 -34.97
N ASN E 145 -11.44 -13.80 -34.43
CA ASN E 145 -11.67 -13.44 -33.03
C ASN E 145 -12.75 -14.36 -32.48
N THR E 146 -12.97 -14.27 -31.16
CA THR E 146 -13.79 -15.25 -30.48
C THR E 146 -15.26 -15.18 -30.90
N PRO E 147 -15.81 -14.01 -31.36
CA PRO E 147 -17.22 -14.01 -31.77
C PRO E 147 -17.60 -14.86 -32.96
N VAL E 148 -16.65 -15.56 -33.61
CA VAL E 148 -17.05 -16.61 -34.54
C VAL E 148 -17.94 -17.65 -33.85
N VAL E 149 -17.85 -17.77 -32.52
CA VAL E 149 -18.65 -18.72 -31.75
C VAL E 149 -20.15 -18.42 -31.87
N VAL E 150 -20.52 -17.15 -32.10
CA VAL E 150 -21.91 -16.77 -32.36
C VAL E 150 -22.08 -16.32 -33.82
N ARG E 151 -21.13 -16.71 -34.69
CA ARG E 151 -21.17 -16.44 -36.12
C ARG E 151 -21.17 -14.95 -36.44
N GLU E 152 -20.51 -14.16 -35.59
CA GLU E 152 -20.33 -12.73 -35.84
C GLU E 152 -18.86 -12.37 -35.72
N GLY E 153 -17.98 -13.24 -36.21
CA GLY E 153 -16.56 -12.96 -36.13
C GLY E 153 -16.11 -11.91 -37.14
N ALA E 154 -14.87 -11.47 -36.97
CA ALA E 154 -14.19 -10.58 -37.89
C ALA E 154 -12.86 -11.24 -38.24
N THR E 155 -12.71 -11.63 -39.49
CA THR E 155 -11.57 -12.46 -39.91
C THR E 155 -10.90 -11.81 -41.12
N VAL E 156 -9.56 -11.80 -41.12
CA VAL E 156 -8.79 -11.52 -42.31
C VAL E 156 -7.84 -12.70 -42.51
N TYR E 157 -7.38 -12.86 -43.74
CA TYR E 157 -6.46 -13.94 -44.08
C TYR E 157 -5.51 -13.45 -45.15
N ALA E 158 -4.28 -13.99 -45.13
CA ALA E 158 -3.29 -13.75 -46.17
C ALA E 158 -2.78 -15.09 -46.70
N THR E 159 -2.60 -15.17 -48.02
CA THR E 159 -2.20 -16.42 -48.66
C THR E 159 -0.69 -16.49 -48.80
N GLY E 160 -0.14 -17.70 -48.64
CA GLY E 160 1.28 -17.92 -48.71
C GLY E 160 1.79 -18.11 -50.13
N THR E 161 3.09 -18.42 -50.21
CA THR E 161 3.77 -18.51 -51.51
C THR E 161 3.17 -19.58 -52.40
N HIS E 162 2.78 -20.72 -51.83
CA HIS E 162 2.34 -21.87 -52.62
C HIS E 162 0.85 -22.12 -52.49
N ALA E 163 0.11 -21.26 -51.81
CA ALA E 163 -1.33 -21.38 -51.80
C ALA E 163 -1.87 -21.16 -53.22
N GLN E 164 -2.71 -22.09 -53.68
CA GLN E 164 -3.36 -21.87 -54.97
C GLN E 164 -4.49 -20.87 -54.81
N VAL E 165 -4.95 -20.32 -55.95
CA VAL E 165 -6.02 -19.32 -55.91
C VAL E 165 -7.29 -19.92 -55.33
N GLU E 166 -7.54 -21.21 -55.60
CA GLU E 166 -8.68 -21.89 -55.01
C GLU E 166 -8.56 -21.96 -53.50
N ASP E 167 -7.33 -22.08 -52.97
CA ASP E 167 -7.15 -22.15 -51.53
C ASP E 167 -7.67 -20.89 -50.84
N GLY E 168 -7.38 -19.72 -51.40
CA GLY E 168 -7.91 -18.50 -50.83
C GLY E 168 -9.42 -18.42 -50.91
N ARG E 169 -9.99 -18.88 -52.03
CA ARG E 169 -11.45 -18.84 -52.18
C ARG E 169 -12.13 -19.82 -51.23
N LEU E 170 -11.53 -20.99 -51.01
CA LEU E 170 -12.07 -21.94 -50.05
C LEU E 170 -12.03 -21.38 -48.64
N MET E 171 -10.91 -20.77 -48.25
CA MET E 171 -10.79 -20.15 -46.94
CA MET E 171 -10.85 -20.22 -46.91
C MET E 171 -11.82 -19.07 -46.74
N GLU E 172 -11.98 -18.21 -47.75
CA GLU E 172 -12.95 -17.13 -47.63
C GLU E 172 -14.37 -17.68 -47.51
N GLN E 173 -14.70 -18.72 -48.29
CA GLN E 173 -16.02 -19.33 -48.18
C GLN E 173 -16.25 -19.88 -46.77
N LEU E 174 -15.26 -20.58 -46.23
CA LEU E 174 -15.42 -21.17 -44.90
C LEU E 174 -15.56 -20.11 -43.81
N LEU E 175 -14.69 -19.11 -43.80
CA LEU E 175 -14.69 -18.16 -42.70
C LEU E 175 -15.82 -17.14 -42.82
N SER E 176 -16.29 -16.89 -44.04
CA SER E 176 -17.47 -16.05 -44.22
C SER E 176 -18.71 -16.62 -43.56
N SER E 177 -18.74 -17.93 -43.30
CA SER E 177 -19.92 -18.53 -42.68
C SER E 177 -20.03 -18.21 -41.20
N VAL E 178 -18.96 -17.70 -40.57
CA VAL E 178 -18.97 -17.37 -39.15
C VAL E 178 -18.69 -15.89 -38.90
N GLY E 179 -18.74 -15.06 -39.94
CA GLY E 179 -18.64 -13.61 -39.75
C GLY E 179 -18.10 -12.92 -40.99
N PHE E 180 -17.58 -11.72 -40.77
CA PHE E 180 -16.93 -10.97 -41.84
C PHE E 180 -15.59 -11.61 -42.18
N CYS E 181 -15.29 -11.68 -43.47
CA CYS E 181 -14.00 -12.21 -43.92
C CYS E 181 -13.53 -11.54 -45.20
N THR E 182 -12.26 -11.16 -45.25
CA THR E 182 -11.69 -10.59 -46.46
C THR E 182 -10.20 -10.87 -46.46
N GLU E 183 -9.64 -10.93 -47.67
CA GLU E 183 -8.19 -11.12 -47.83
C GLU E 183 -7.48 -9.80 -47.61
N VAL E 184 -6.34 -9.84 -46.94
CA VAL E 184 -5.44 -8.69 -46.79
C VAL E 184 -4.04 -9.11 -47.17
N GLU E 185 -3.18 -8.12 -47.42
CA GLU E 185 -1.74 -8.38 -47.43
C GLU E 185 -1.27 -8.67 -46.01
N GLU E 186 -0.21 -9.48 -45.90
CA GLU E 186 0.16 -9.97 -44.58
C GLU E 186 0.61 -8.86 -43.65
N ASP E 187 1.18 -7.78 -44.18
CA ASP E 187 1.68 -6.75 -43.29
C ASP E 187 0.57 -5.97 -42.59
N LEU E 188 -0.70 -6.19 -42.93
CA LEU E 188 -1.81 -5.60 -42.21
C LEU E 188 -2.27 -6.42 -41.00
N ILE E 189 -1.81 -7.67 -40.85
CA ILE E 189 -2.49 -8.59 -39.93
C ILE E 189 -2.25 -8.19 -38.48
N ASP E 190 -1.06 -7.69 -38.14
CA ASP E 190 -0.84 -7.32 -36.73
C ASP E 190 -1.70 -6.13 -36.32
N ALA E 191 -1.94 -5.18 -37.24
CA ALA E 191 -2.85 -4.09 -36.97
C ALA E 191 -4.29 -4.59 -36.83
N VAL E 192 -4.69 -5.57 -37.65
CA VAL E 192 -6.04 -6.14 -37.50
C VAL E 192 -6.19 -6.79 -36.12
N MET E 193 -5.12 -7.48 -35.66
CA MET E 193 -5.11 -8.03 -34.31
C MET E 193 -5.38 -6.95 -33.27
N GLY E 194 -4.76 -5.79 -33.41
CA GLY E 194 -4.95 -4.75 -32.43
C GLY E 194 -6.35 -4.20 -32.41
N LEU E 195 -7.09 -4.34 -33.52
CA LEU E 195 -8.41 -3.78 -33.68
C LEU E 195 -9.49 -4.82 -33.44
N SER E 196 -9.62 -5.82 -34.32
CA SER E 196 -10.70 -6.77 -34.12
C SER E 196 -10.27 -8.02 -33.37
N GLY E 197 -8.96 -8.31 -33.29
CA GLY E 197 -8.54 -9.45 -32.50
C GLY E 197 -8.69 -9.21 -31.00
N SER E 198 -8.16 -8.08 -30.53
CA SER E 198 -8.31 -7.62 -29.15
C SER E 198 -9.63 -6.89 -28.92
N GLY E 199 -10.28 -6.46 -30.00
CA GLY E 199 -11.54 -5.72 -29.94
C GLY E 199 -12.59 -6.23 -28.96
N PRO E 200 -12.89 -7.53 -28.96
CA PRO E 200 -13.93 -8.00 -28.04
C PRO E 200 -13.62 -7.73 -26.58
N ALA E 201 -12.34 -7.82 -26.19
CA ALA E 201 -11.97 -7.47 -24.82
C ALA E 201 -12.25 -6.00 -24.49
N TYR E 202 -12.00 -5.09 -25.45
CA TYR E 202 -12.35 -3.69 -25.22
C TYR E 202 -13.85 -3.54 -25.00
N ALA E 203 -14.64 -4.26 -25.80
CA ALA E 203 -16.10 -4.19 -25.65
C ALA E 203 -16.57 -4.79 -24.34
N PHE E 204 -15.97 -5.91 -23.90
CA PHE E 204 -16.40 -6.50 -22.63
C PHE E 204 -16.09 -5.56 -21.48
N THR E 205 -14.93 -4.87 -21.53
CA THR E 205 -14.60 -3.87 -20.52
C THR E 205 -15.61 -2.74 -20.53
N ALA E 206 -15.95 -2.27 -21.73
CA ALA E 206 -16.89 -1.17 -21.89
C ALA E 206 -18.27 -1.56 -21.39
N LEU E 207 -18.68 -2.82 -21.65
CA LEU E 207 -20.00 -3.28 -21.21
C LEU E 207 -20.07 -3.44 -19.70
N ASP E 208 -18.99 -3.92 -19.06
CA ASP E 208 -18.95 -3.97 -17.61
C ASP E 208 -19.10 -2.58 -17.00
N ALA E 209 -18.36 -1.59 -17.54
CA ALA E 209 -18.40 -0.23 -17.02
C ALA E 209 -19.75 0.42 -17.27
N LEU E 210 -20.32 0.22 -18.46
CA LEU E 210 -21.62 0.79 -18.75
C LEU E 210 -22.68 0.22 -17.81
N ALA E 211 -22.58 -1.08 -17.49
CA ALA E 211 -23.50 -1.70 -16.54
C ALA E 211 -23.30 -1.11 -15.15
N ASP E 212 -22.04 -0.91 -14.72
CA ASP E 212 -21.80 -0.25 -13.44
C ASP E 212 -22.46 1.12 -13.42
N GLY E 213 -22.41 1.85 -14.53
CA GLY E 213 -23.03 3.17 -14.58
C GLY E 213 -24.54 3.10 -14.46
N GLY E 214 -25.16 2.13 -15.13
CA GLY E 214 -26.59 1.92 -14.95
C GLY E 214 -26.97 1.55 -13.53
N VAL E 215 -26.15 0.71 -12.86
CA VAL E 215 -26.41 0.37 -11.47
C VAL E 215 -26.26 1.60 -10.58
N LYS E 216 -25.22 2.41 -10.80
CA LYS E 216 -25.06 3.64 -10.03
C LYS E 216 -26.31 4.50 -10.10
N MET E 217 -26.95 4.55 -11.26
CA MET E 217 -28.13 5.38 -11.47
C MET E 217 -29.44 4.67 -11.13
N GLY E 218 -29.39 3.45 -10.59
CA GLY E 218 -30.56 2.80 -10.01
C GLY E 218 -31.09 1.58 -10.75
N LEU E 219 -30.43 1.12 -11.80
CA LEU E 219 -30.91 -0.04 -12.53
C LEU E 219 -30.42 -1.33 -11.89
N PRO E 220 -31.26 -2.37 -11.85
CA PRO E 220 -30.77 -3.71 -11.50
C PRO E 220 -29.65 -4.13 -12.44
N ARG E 221 -28.69 -4.86 -11.87
CA ARG E 221 -27.50 -5.26 -12.63
CA ARG E 221 -27.50 -5.24 -12.65
C ARG E 221 -27.87 -6.06 -13.88
N ARG E 222 -28.75 -7.05 -13.73
CA ARG E 222 -29.08 -7.89 -14.88
C ARG E 222 -29.68 -7.06 -16.02
N LEU E 223 -30.58 -6.12 -15.70
CA LEU E 223 -31.15 -5.27 -16.74
C LEU E 223 -30.11 -4.32 -17.34
N ALA E 224 -29.21 -3.77 -16.53
CA ALA E 224 -28.21 -2.86 -17.06
C ALA E 224 -27.27 -3.56 -18.03
N VAL E 225 -26.86 -4.79 -17.71
CA VAL E 225 -26.01 -5.55 -18.63
C VAL E 225 -26.73 -5.78 -19.95
N ARG E 226 -28.01 -6.19 -19.88
CA ARG E 226 -28.79 -6.48 -21.07
C ARG E 226 -28.96 -5.22 -21.93
N LEU E 227 -29.30 -4.10 -21.31
CA LEU E 227 -29.51 -2.85 -22.07
C LEU E 227 -28.21 -2.34 -22.68
N GLY E 228 -27.11 -2.39 -21.93
CA GLY E 228 -25.85 -1.90 -22.47
C GLY E 228 -25.37 -2.73 -23.65
N ALA E 229 -25.44 -4.06 -23.52
CA ALA E 229 -25.03 -4.93 -24.63
C ALA E 229 -25.94 -4.75 -25.84
N GLN E 230 -27.24 -4.61 -25.61
CA GLN E 230 -28.15 -4.41 -26.72
C GLN E 230 -27.90 -3.08 -27.42
N ALA E 231 -27.60 -2.03 -26.64
CA ALA E 231 -27.29 -0.74 -27.23
C ALA E 231 -26.05 -0.85 -28.10
N LEU E 232 -25.01 -1.53 -27.62
CA LEU E 232 -23.78 -1.64 -28.40
C LEU E 232 -24.00 -2.48 -29.66
N LEU E 233 -24.71 -3.59 -29.54
CA LEU E 233 -25.00 -4.40 -30.72
C LEU E 233 -25.77 -3.60 -31.75
N GLY E 234 -26.85 -2.94 -31.32
CA GLY E 234 -27.66 -2.19 -32.25
C GLY E 234 -26.91 -1.06 -32.94
N ALA E 235 -26.08 -0.34 -32.18
CA ALA E 235 -25.30 0.74 -32.78
C ALA E 235 -24.32 0.20 -33.81
N ALA E 236 -23.64 -0.90 -33.47
CA ALA E 236 -22.68 -1.47 -34.42
C ALA E 236 -23.39 -1.94 -35.69
N LYS E 237 -24.59 -2.53 -35.54
CA LYS E 237 -25.34 -2.94 -36.72
C LYS E 237 -25.78 -1.75 -37.56
N MET E 238 -26.19 -0.63 -36.93
CA MET E 238 -26.51 0.57 -37.68
C MET E 238 -25.33 1.01 -38.53
N LEU E 239 -24.15 1.07 -37.92
CA LEU E 239 -22.97 1.54 -38.63
C LEU E 239 -22.63 0.60 -39.79
N LEU E 240 -22.74 -0.72 -39.57
CA LEU E 240 -22.48 -1.68 -40.64
C LEU E 240 -23.50 -1.57 -41.76
N HIS E 241 -24.74 -1.21 -41.47
CA HIS E 241 -25.75 -1.10 -42.51
C HIS E 241 -25.82 0.28 -43.16
N SER E 242 -25.04 1.24 -42.67
CA SER E 242 -25.07 2.61 -43.13
C SER E 242 -23.83 2.91 -43.96
N GLU E 243 -23.96 3.81 -44.91
CA GLU E 243 -22.81 4.39 -45.58
C GLU E 243 -22.35 5.67 -44.92
N GLN E 244 -23.01 6.10 -43.85
CA GLN E 244 -22.71 7.37 -43.22
C GLN E 244 -21.53 7.25 -42.28
N HIS E 245 -20.81 8.36 -42.13
CA HIS E 245 -19.69 8.41 -41.21
C HIS E 245 -20.18 8.20 -39.76
N PRO E 246 -19.39 7.53 -38.90
CA PRO E 246 -19.82 7.38 -37.50
C PRO E 246 -20.08 8.70 -36.79
N GLY E 247 -19.41 9.78 -37.19
CA GLY E 247 -19.72 11.09 -36.63
C GLY E 247 -21.08 11.59 -37.07
N GLN E 248 -21.49 11.28 -38.31
CA GLN E 248 -22.82 11.67 -38.76
C GLN E 248 -23.89 10.89 -38.02
N LEU E 249 -23.66 9.61 -37.73
CA LEU E 249 -24.62 8.85 -36.95
C LEU E 249 -24.66 9.36 -35.51
N LYS E 250 -23.51 9.76 -34.97
CA LYS E 250 -23.50 10.40 -33.65
C LYS E 250 -24.29 11.70 -33.66
N ASP E 251 -24.11 12.53 -34.70
CA ASP E 251 -24.88 13.77 -34.81
C ASP E 251 -26.37 13.49 -34.85
N ASN E 252 -26.78 12.45 -35.57
CA ASN E 252 -28.20 12.13 -35.67
C ASN E 252 -28.81 11.81 -34.32
N VAL E 253 -28.03 11.28 -33.38
CA VAL E 253 -28.54 10.85 -32.07
C VAL E 253 -28.46 11.93 -30.99
N SER E 254 -27.73 13.01 -31.21
CA SER E 254 -27.49 13.98 -30.13
C SER E 254 -28.28 15.26 -30.38
N SER E 255 -29.44 15.38 -29.73
CA SER E 255 -30.29 16.55 -29.92
C SER E 255 -29.73 17.78 -29.17
N PRO E 256 -30.01 18.98 -29.67
CA PRO E 256 -29.44 20.18 -29.05
C PRO E 256 -29.80 20.28 -27.58
N GLY E 257 -28.79 20.55 -26.74
CA GLY E 257 -29.00 20.71 -25.31
C GLY E 257 -29.36 19.46 -24.53
N GLY E 258 -29.45 18.28 -25.18
CA GLY E 258 -30.06 17.13 -24.57
C GLY E 258 -29.12 16.28 -23.72
N ALA E 259 -29.66 15.15 -23.25
CA ALA E 259 -28.89 14.30 -22.34
C ALA E 259 -27.68 13.68 -23.05
N THR E 260 -27.82 13.31 -24.32
CA THR E 260 -26.74 12.59 -25.00
C THR E 260 -25.53 13.48 -25.23
N ILE E 261 -25.74 14.72 -25.69
CA ILE E 261 -24.60 15.59 -25.95
C ILE E 261 -23.89 15.97 -24.64
N HIS E 262 -24.62 16.07 -23.51
CA HIS E 262 -23.97 16.26 -22.21
C HIS E 262 -23.08 15.07 -21.84
N ALA E 263 -23.55 13.85 -22.12
CA ALA E 263 -22.75 12.67 -21.83
C ALA E 263 -21.55 12.57 -22.76
N LEU E 264 -21.72 12.91 -24.03
CA LEU E 264 -20.58 12.90 -24.97
C LEU E 264 -19.47 13.86 -24.52
N HIS E 265 -19.83 15.02 -23.93
CA HIS E 265 -18.81 15.95 -23.45
C HIS E 265 -17.94 15.30 -22.36
N VAL E 266 -18.55 14.58 -21.42
CA VAL E 266 -17.74 14.02 -20.33
C VAL E 266 -16.84 12.90 -20.87
N LEU E 267 -17.28 12.17 -21.90
CA LEU E 267 -16.35 11.26 -22.58
C LEU E 267 -15.17 12.01 -23.20
N GLU E 268 -15.45 13.09 -23.95
CA GLU E 268 -14.38 13.89 -24.54
C GLU E 268 -13.45 14.45 -23.49
N SER E 269 -14.00 14.88 -22.35
CA SER E 269 -13.14 15.50 -21.34
C SER E 269 -12.14 14.51 -20.77
N GLY E 270 -12.45 13.23 -20.81
CA GLY E 270 -11.50 12.24 -20.33
C GLY E 270 -10.57 11.68 -21.40
N GLY E 271 -10.58 12.23 -22.61
CA GLY E 271 -9.79 11.64 -23.69
C GLY E 271 -10.20 10.23 -24.09
N PHE E 272 -11.50 9.90 -23.99
CA PHE E 272 -12.05 8.60 -24.37
C PHE E 272 -11.52 8.10 -25.72
N ARG E 273 -11.59 8.95 -26.75
CA ARG E 273 -11.14 8.55 -28.09
C ARG E 273 -9.67 8.14 -28.07
N SER E 274 -8.83 8.95 -27.41
CA SER E 274 -7.40 8.68 -27.37
C SER E 274 -7.08 7.36 -26.65
N LEU E 275 -7.89 6.97 -25.66
CA LEU E 275 -7.67 5.71 -24.95
C LEU E 275 -7.86 4.51 -25.88
N LEU E 276 -8.91 4.53 -26.70
CA LEU E 276 -9.13 3.46 -27.67
C LEU E 276 -8.04 3.44 -28.75
N ILE E 277 -7.56 4.61 -29.20
CA ILE E 277 -6.42 4.61 -30.13
C ILE E 277 -5.19 4.02 -29.45
N ASN E 278 -4.93 4.43 -28.20
CA ASN E 278 -3.84 3.86 -27.42
C ASN E 278 -3.92 2.34 -27.35
N ALA E 279 -5.11 1.79 -27.15
CA ALA E 279 -5.28 0.35 -27.00
C ALA E 279 -4.94 -0.39 -28.29
N VAL E 280 -5.48 0.05 -29.43
CA VAL E 280 -5.15 -0.58 -30.72
C VAL E 280 -3.65 -0.55 -30.96
N GLU E 281 -3.04 0.61 -30.71
CA GLU E 281 -1.60 0.76 -30.87
C GLU E 281 -0.84 -0.18 -29.94
N ALA E 282 -1.27 -0.26 -28.67
CA ALA E 282 -0.54 -1.09 -27.71
C ALA E 282 -0.63 -2.56 -28.07
N SER E 283 -1.79 -3.01 -28.55
CA SER E 283 -1.93 -4.41 -28.96
C SER E 283 -1.07 -4.72 -30.18
N CYS E 284 -1.15 -3.85 -31.20
CA CYS E 284 -0.34 -4.03 -32.40
C CYS E 284 1.15 -4.02 -32.08
N ILE E 285 1.58 -3.09 -31.22
CA ILE E 285 3.00 -3.00 -30.87
C ILE E 285 3.48 -4.26 -30.13
N ARG E 286 2.68 -4.74 -29.16
CA ARG E 286 3.05 -5.95 -28.42
C ARG E 286 3.17 -7.16 -29.35
N THR E 287 2.22 -7.30 -30.28
CA THR E 287 2.28 -8.37 -31.29
C THR E 287 3.60 -8.32 -32.05
N ARG E 288 4.00 -7.11 -32.49
CA ARG E 288 5.26 -6.99 -33.23
C ARG E 288 6.45 -7.33 -32.34
N GLU E 289 6.41 -6.92 -31.08
CA GLU E 289 7.56 -7.14 -30.20
C GLU E 289 7.66 -8.60 -29.76
N LEU E 290 6.53 -9.30 -29.66
CA LEU E 290 6.60 -10.75 -29.43
C LEU E 290 7.25 -11.45 -30.62
N GLN E 291 6.93 -11.03 -31.84
CA GLN E 291 7.46 -11.74 -33.00
C GLN E 291 8.95 -11.46 -33.19
N SER E 292 9.41 -10.27 -32.80
CA SER E 292 10.84 -10.01 -32.76
C SER E 292 11.54 -10.95 -31.79
N MET E 293 10.93 -11.20 -30.63
CA MET E 293 11.48 -12.17 -29.69
C MET E 293 11.57 -13.56 -30.31
N ALA E 294 10.48 -14.00 -30.96
CA ALA E 294 10.46 -15.29 -31.63
C ALA E 294 11.66 -15.47 -32.55
N ASP E 295 11.80 -14.57 -33.52
CA ASP E 295 12.94 -14.60 -34.44
C ASP E 295 14.24 -14.24 -33.73
PA NAI F . 16.76 -9.75 4.82
O1A NAI F . 17.55 -8.58 4.45
O2A NAI F . 15.78 -9.58 5.97
O5B NAI F . 17.66 -10.98 5.21
C5B NAI F . 18.95 -11.19 4.60
C4B NAI F . 19.76 -11.97 5.60
O4B NAI F . 20.94 -12.51 4.97
C3B NAI F . 20.26 -11.15 6.80
O3B NAI F . 20.12 -11.93 7.99
C2B NAI F . 21.73 -10.93 6.47
O2B NAI F . 22.54 -10.75 7.61
C1B NAI F . 22.03 -12.27 5.83
N9A NAI F . 23.27 -12.33 5.06
C8A NAI F . 23.88 -11.32 4.37
N7A NAI F . 25.01 -11.68 3.79
C5A NAI F . 25.15 -13.01 4.13
C6A NAI F . 26.14 -13.98 3.84
N6A NAI F . 27.22 -13.73 3.11
N1A NAI F . 25.98 -15.21 4.35
C2A NAI F . 24.90 -15.47 5.09
N3A NAI F . 23.90 -14.65 5.43
C4A NAI F . 24.08 -13.43 4.91
O3 NAI F . 15.91 -10.33 3.61
PN NAI F . 14.66 -11.30 3.46
O1N NAI F . 13.40 -10.44 3.43
O2N NAI F . 14.70 -12.36 4.50
O5D NAI F . 14.84 -11.88 2.02
C5D NAI F . 15.70 -13.01 1.77
C4D NAI F . 15.40 -13.51 0.38
O4D NAI F . 14.02 -13.93 0.30
C3D NAI F . 15.60 -12.46 -0.73
O3D NAI F . 16.18 -13.03 -1.88
C2D NAI F . 14.17 -12.00 -1.01
O2D NAI F . 14.06 -11.56 -2.36
C1D NAI F . 13.39 -13.30 -0.79
N1N NAI F . 11.97 -13.11 -0.49
C2N NAI F . 11.57 -12.36 0.58
C3N NAI F . 10.26 -12.22 0.90
C7N NAI F . 9.91 -11.26 1.95
O7N NAI F . 8.76 -10.81 2.07
N7N NAI F . 10.87 -10.88 2.80
C4N NAI F . 9.18 -12.81 0.04
C5N NAI F . 9.75 -13.49 -1.14
C6N NAI F . 11.04 -13.72 -1.29
S SO4 G . -20.52 -20.07 -5.33
O1 SO4 G . -21.90 -20.13 -5.79
O2 SO4 G . -20.15 -18.66 -5.18
O3 SO4 G . -20.39 -20.74 -4.05
O4 SO4 G . -19.64 -20.73 -6.29
S SO4 H . 22.94 -7.74 3.78
O1 SO4 H . 21.82 -8.66 3.61
O2 SO4 H . 22.64 -6.49 3.10
O3 SO4 H . 23.17 -7.50 5.19
O4 SO4 H . 24.14 -8.33 3.18
S SO4 I . 15.34 -5.96 11.62
O1 SO4 I . 14.00 -5.53 12.00
O2 SO4 I . 16.34 -5.30 12.48
O3 SO4 I . 15.62 -5.62 10.23
O4 SO4 I . 15.44 -7.41 11.77
PA NAI J . -31.16 -8.07 -2.47
O1A NAI J . -30.21 -9.16 -2.84
O2A NAI J . -31.63 -7.09 -3.53
O5B NAI J . -32.37 -8.69 -1.69
C5B NAI J . -33.52 -7.90 -1.34
C4B NAI J . -34.68 -8.85 -1.14
O4B NAI J . -35.83 -8.12 -0.66
C3B NAI J . -35.11 -9.62 -2.39
O3B NAI J . -35.25 -11.00 -2.11
C2B NAI J . -36.50 -9.02 -2.70
O2B NAI J . -37.37 -9.95 -3.33
C1B NAI J . -36.94 -8.73 -1.27
N9A NAI J . -38.11 -7.86 -1.14
C8A NAI J . -38.46 -6.77 -1.88
N7A NAI J . -39.59 -6.22 -1.52
C5A NAI J . -40.01 -7.00 -0.45
C6A NAI J . -41.15 -6.95 0.37
N6A NAI J . -42.11 -6.02 0.27
N1A NAI J . -41.27 -7.88 1.33
C2A NAI J . -40.31 -8.81 1.46
N3A NAI J . -39.20 -8.96 0.74
C4A NAI J . -39.10 -8.02 -0.21
O3 NAI J . -30.44 -7.23 -1.33
PN NAI J . -29.37 -7.53 -0.20
O1N NAI J . -28.00 -7.38 -0.85
O2N NAI J . -29.71 -8.86 0.38
O5D NAI J . -29.56 -6.34 0.82
C5D NAI J . -30.65 -6.32 1.76
C4D NAI J . -30.32 -5.29 2.80
O4D NAI J . -29.08 -5.64 3.44
C3D NAI J . -30.15 -3.86 2.26
O3D NAI J . -30.84 -2.95 3.10
C2D NAI J . -28.63 -3.67 2.27
O2D NAI J . -28.26 -2.33 2.57
C1D NAI J . -28.20 -4.54 3.44
N1N NAI J . -26.83 -5.03 3.37
C2N NAI J . -26.38 -5.71 2.27
C3N NAI J . -25.09 -6.12 2.17
C7N NAI J . -24.65 -6.67 0.89
O7N NAI J . -23.45 -6.60 0.53
N7N NAI J . -25.54 -7.27 0.12
C4N NAI J . -24.08 -5.82 3.24
C5N NAI J . -24.70 -5.07 4.36
C6N NAI J . -25.98 -4.77 4.41
S SO4 K . 3.78 -9.96 16.35
O1 SO4 K . 2.90 -9.05 17.10
O2 SO4 K . 3.80 -9.60 14.93
O3 SO4 K . 5.13 -9.88 16.89
O4 SO4 K . 3.29 -11.33 16.47
PA NAI L . 31.30 25.70 -1.46
O1A NAI L . 31.13 25.99 -2.90
O2A NAI L . 30.42 26.47 -0.48
O5B NAI L . 32.77 25.83 -0.99
C5B NAI L . 33.84 25.22 -1.75
C4B NAI L . 35.14 25.88 -1.36
O4B NAI L . 36.23 25.30 -2.14
C3B NAI L . 35.21 27.39 -1.59
O3B NAI L . 35.78 28.05 -0.46
C2B NAI L . 36.16 27.52 -2.78
O2B NAI L . 36.87 28.75 -2.79
C1B NAI L . 37.10 26.36 -2.46
N9A NAI L . 38.00 25.98 -3.54
C8A NAI L . 37.74 25.97 -4.89
N7A NAI L . 38.76 25.59 -5.61
C5A NAI L . 39.76 25.33 -4.69
C6A NAI L . 41.08 24.89 -4.82
N6A NAI L . 41.66 24.62 -5.99
N1A NAI L . 41.80 24.72 -3.69
C2A NAI L . 41.23 24.99 -2.51
N3A NAI L . 39.99 25.41 -2.27
C4A NAI L . 39.30 25.56 -3.40
O3 NAI L . 30.98 24.17 -1.20
PN NAI L . 30.43 23.30 0.00
O1N NAI L . 28.91 23.50 0.01
O2N NAI L . 31.18 23.65 1.21
O5D NAI L . 30.76 21.85 -0.47
C5D NAI L . 32.10 21.33 -0.39
C4D NAI L . 31.97 19.84 -0.54
O4D NAI L . 31.14 19.35 0.53
C3D NAI L . 31.31 19.41 -1.86
O3D NAI L . 32.05 18.35 -2.46
C2D NAI L . 29.91 18.98 -1.43
O2D NAI L . 29.46 17.90 -2.24
C1D NAI L . 30.18 18.47 -0.01
N1N NAI L . 28.99 18.46 0.86
C2N NAI L . 28.32 19.62 1.11
C3N NAI L . 27.12 19.61 1.73
C7N NAI L . 26.36 20.88 1.76
O7N NAI L . 25.15 20.91 2.01
N7N NAI L . 27.03 22.00 1.52
C4N NAI L . 26.48 18.34 2.23
C5N NAI L . 27.38 17.18 1.99
C6N NAI L . 28.57 17.29 1.40
PA NAI M . -8.65 11.13 22.06
O1A NAI M . -9.78 10.59 21.27
O2A NAI M . -7.35 10.31 22.06
O5B NAI M . -9.06 11.30 23.57
C5B NAI M . -10.37 11.74 23.93
C4B NAI M . -10.64 11.24 25.33
O4B NAI M . -11.83 11.87 25.86
C3B NAI M . -10.87 9.72 25.45
O3B NAI M . -10.19 9.22 26.60
C2B NAI M . -12.38 9.63 25.64
O2B NAI M . -12.76 8.47 26.38
C1B NAI M . -12.59 10.87 26.50
N9A NAI M . -13.96 11.31 26.64
C8A NAI M . -14.98 11.28 25.72
N7A NAI M . -16.12 11.75 26.16
C5A NAI M . -15.85 12.10 27.47
C6A NAI M . -16.63 12.66 28.49
N6A NAI M . -17.93 12.97 28.34
N1A NAI M . -16.05 12.89 29.69
C2A NAI M . -14.76 12.59 29.84
N3A NAI M . -13.91 12.07 28.95
C4A NAI M . -14.52 11.85 27.78
O3 NAI M . -8.28 12.62 21.62
PN NAI M . -7.04 13.60 21.76
O1N NAI M . -6.14 13.33 20.55
O2N NAI M . -6.38 13.48 23.10
O5D NAI M . -7.69 15.02 21.54
C5D NAI M . -8.25 15.76 22.64
C4D NAI M . -8.48 17.18 22.16
O4D NAI M . -7.20 17.82 21.94
C3D NAI M . -9.25 17.31 20.84
O3D NAI M . -10.10 18.45 20.86
C2D NAI M . -8.14 17.47 19.82
O2D NAI M . -8.59 18.16 18.66
C1D NAI M . -7.16 18.32 20.62
N1N NAI M . -5.78 18.27 20.13
C2N NAI M . -5.13 17.09 19.97
C3N NAI M . -3.85 17.03 19.54
C7N NAI M . -3.30 15.69 19.22
O7N NAI M . -2.38 15.56 18.40
N7N NAI M . -3.82 14.64 19.84
C4N NAI M . -3.05 18.26 19.25
C5N NAI M . -3.86 19.48 19.51
C6N NAI M . -5.13 19.45 19.82
S SO4 N . 22.81 33.25 10.49
O1 SO4 N . 21.73 33.82 11.32
O2 SO4 N . 23.20 34.24 9.49
O3 SO4 N . 23.95 32.92 11.34
O4 SO4 N . 22.37 32.03 9.82
S SO4 O . -5.65 3.58 22.11
O1 SO4 O . -4.94 4.33 23.14
O2 SO4 O . -6.63 4.46 21.46
O3 SO4 O . -6.35 2.44 22.74
O4 SO4 O . -4.71 3.08 21.12
S SO4 P . 24.74 19.15 -3.28
O1 SO4 P . 24.24 18.99 -1.91
O2 SO4 P . 25.03 20.57 -3.47
O3 SO4 P . 25.95 18.34 -3.43
O4 SO4 P . 23.77 18.75 -4.28
PA NAI Q . -5.91 -21.84 -25.39
O1A NAI Q . -7.30 -21.78 -24.92
O2A NAI Q . -4.80 -21.72 -24.35
O5B NAI Q . -5.74 -23.15 -26.25
C5B NAI Q . -4.44 -23.72 -26.50
C4B NAI Q . -4.65 -25.20 -26.72
O4B NAI Q . -3.45 -25.77 -27.28
C3B NAI Q . -4.99 -26.01 -25.46
O3B NAI Q . -6.05 -26.92 -25.71
C2B NAI Q . -3.69 -26.78 -25.19
O2B NAI Q . -3.94 -28.03 -24.56
C1B NAI Q . -3.23 -27.01 -26.63
N9A NAI Q . -1.83 -27.38 -26.75
C8A NAI Q . -0.78 -26.97 -25.98
N7A NAI Q . 0.37 -27.50 -26.33
C5A NAI Q . 0.04 -28.33 -27.38
C6A NAI Q . 0.81 -29.19 -28.19
N6A NAI Q . 2.13 -29.36 -28.06
N1A NAI Q . 0.17 -29.88 -29.16
C2A NAI Q . -1.14 -29.71 -29.31
N3A NAI Q . -1.97 -28.94 -28.61
C4A NAI Q . -1.32 -28.27 -27.65
O3 NAI Q . -5.66 -20.71 -26.48
PN NAI Q . -6.54 -19.97 -27.59
O1N NAI Q . -7.23 -18.80 -26.89
O2N NAI Q . -7.41 -21.01 -28.21
O5D NAI Q . -5.51 -19.44 -28.64
C5D NAI Q . -4.86 -20.32 -29.58
C4D NAI Q . -4.20 -19.51 -30.67
O4D NAI Q . -5.20 -18.77 -31.39
C3D NAI Q . -3.15 -18.50 -30.20
O3D NAI Q . -2.05 -18.46 -31.11
C2D NAI Q . -3.92 -17.18 -30.23
O2D NAI Q . -3.02 -16.11 -30.49
C1D NAI Q . -4.83 -17.40 -31.43
N1N NAI Q . -6.05 -16.58 -31.41
C2N NAI Q . -6.86 -16.57 -30.32
C3N NAI Q . -7.84 -15.65 -30.19
C7N NAI Q . -8.63 -15.66 -28.95
O7N NAI Q . -9.19 -14.64 -28.52
N7N NAI Q . -8.74 -16.82 -28.31
C4N NAI Q . -8.12 -14.63 -31.26
C5N NAI Q . -7.28 -14.89 -32.46
C6N NAI Q . -6.36 -15.84 -32.51
S SO4 R . -4.54 -12.48 -27.28
O1 SO4 R . -3.85 -11.32 -26.74
O2 SO4 R . -5.79 -12.15 -27.96
O3 SO4 R . -4.89 -13.38 -26.18
O4 SO4 R . -3.63 -13.10 -28.25
#